data_9JPX
#
_entry.id   9JPX
#
_cell.length_a   1.00
_cell.length_b   1.00
_cell.length_c   1.00
_cell.angle_alpha   90.00
_cell.angle_beta   90.00
_cell.angle_gamma   90.00
#
_symmetry.space_group_name_H-M   'P 1'
#
loop_
_entity.id
_entity.type
_entity.pdbx_description
1 polymer 'V(D)J recombination-activating protein 1'
2 polymer 'V(D)J recombination-activating protein 2'
3 polymer "DNA (5'-D(P*GP*GP*CP*TP*GP*TP*AP*TP*CP*AP*CP*TP*GP*TP*G)-3')"
4 polymer "DNA (5'-D(P*TP*TP*TP*GP*CP*AP*TP*CP*AP*CP*TP*GP*TP*G)-3')"
5 polymer "DNA (5'-D(*CP*AP*CP*AP*GP*TP*GP*AP*TP*AP*CP*AP*GP*CP*C)-3')"
6 polymer "DNA (5'-D(*CP*AP*CP*AP*GP*TP*GP*AP*TP*GP*CP*AP*AP*A)-3')"
7 non-polymer 'CALCIUM ION'
8 non-polymer 'ZINC ION'
9 water water
#
loop_
_entity_poly.entity_id
_entity_poly.type
_entity_poly.pdbx_seq_one_letter_code
_entity_poly.pdbx_strand_id
1 'polypeptide(L)'
;MAASLPSTLSFSSAPDEIQHPQIKFSEWKFKLFRVRSFEKAPEEAQKEKDSSEGKPYLEQSPVVPEKPGGQNSILTQRAL
KLHPKFSKKFHADGKSSDKAVHQARLRHFCRICGNRFKSDGHSRRYPVHGPVDAKTQSLFRKKEKRVTSWPDLIARIFRI
DVKADVDSIHPTEFCHDCWSIMHRKFSSSHSQVYFPRKVTVEWHPHTPSCDICFTAHRGLKRKRHQPNVQLSKKLKTVLN
HARRDRRKRTQARVSSKEVLKKISNCSKIHLSTKLLAVDFPAHFVKSISCQICEHILADPVETSCKHLFCRICILRCLKV
MGSYCPSCRYPCFPTDLESPVKSFLNILNSLMVKCPAQDCNEEVSLEKYNHHVSSHKESKETLVHINKGGRPRQHLLSLT
RRAQKHRLRELKIQVKEFADKEEGGDVKAVCLTLFLLALRARNEHRQADELEAIMQGRGSGLQPAVCLAIRVNTFLSCSQ
YHKMYRTVKAITGRQIFQPLHALRNAEKVLLPGYHPFEWQPPLKNVSSRTDVGIIDGLSGLASSVDEYPVDTIAKRFRYD
SALVSALMDMEEDILEGMRSQDLDDYLNGPFTVVVKESCDGMGDVSEKHGSGPAVPEKAVRFSFTVMRITIEHGSQNVKV
FEEPKPNSELCCKPLCLMLADESDHETLTAILSPLIAEREAMKSSELTLEMGGIPRTFKFIFRGTGYDEKLVREVEGLEA
SGSVYICTLCDTTRLEASQNLVFHSITRSHAENLQRYEVWRSNPYHESVEELRDRVKGVSAKPFIETVPSIDALHCDIGN
AAEFYKIFQLEIGEVYKHPNASKEERKRWQATLDKHLRKRMNLKPIMRMNGNFARKLMTQETVDAVCELIPSEERHEALR
ELMDLYLKMKPVWRSSCPAKECPESLCQYSFNSQRFAELLSTKFKYRYEGKITNYFHKTLAHVPEIIERDGSIGAWASEG
NESGNKLFRRFRKMNARQSKCYEMEDVLKHHWLYTSKYLQKFMNAHNALKSSGFTMNSKETLGDPLGIEDSLESQDSMEF
;
A,C
2 'polypeptide(L)'
;MSLQMVTVGHNIALIQPGFSLMNFDGQVFFFGQKGWPKRSCPTGVFHFDIKQNHLKLKPAIFSKDSCYLPPLRYPATCSY
KGSIDSDKHQYIIHGGKTPNNELSDKIYIMSVACKNNKKVTFRCTEKDLVGDVPEPRYGHSIDVVYSRGKSMGVLFGGRS
YMPSTQRTTEKWNSVADCLPHVFLIDFEFGCATSYILPELQDGLSFHVSIARNDTVYILGGHSLASNIRPANLYRIRVDL
PLGTPAVNCTVLPGGISVSSAILTQTNNDEFVIVGGYQLENQKRMVCSLVSLGDNTIEISEMETPDWTSDIKHSKIWFGS
NMGNGTIFLGIPGDNKQAMSEAFYFYTLRCSEEDLSEDQKIVSNSQTSTEDPGDSTPFEDSEEFCFSAEATSFDGDDEFD
TYNEDDEDDESVTGYWITCCPTCDVDINTWVPFYSTELNKPAMIYCSHGDGHWVHAQCMDLEERTLIHLSEGSNKYYCNE
HVQIARALQTPKRNPPLQKPPMKSLHKKGSGKVLTPAKKSFLRRLFD
;
B,D
3 'polydeoxyribonucleotide' (DG)(DG)(DC)(DT)(DG)(DT)(DA)(DT)(DC)(DA)(DC)(DT)(DG)(DT)(DG) F
4 'polydeoxyribonucleotide' (DT)(DT)(DT)(DG)(DC)(DA)(DT)(DC)(DA)(DC)(DT)(DG)(DT)(DG) G
5 'polydeoxyribonucleotide' (DC)(DA)(DC)(DA)(DG)(DT)(DG)(DA)(DT)(DA)(DC)(DA)(DG)(DC)(DC) L
6 'polydeoxyribonucleotide' (DC)(DA)(DC)(DA)(DG)(DT)(DG)(DA)(DT)(DG)(DC)(DA)(DA)(DA) M
#
loop_
_chem_comp.id
_chem_comp.type
_chem_comp.name
_chem_comp.formula
CA non-polymer 'CALCIUM ION' 'Ca 2'
DA DNA linking 2'-DEOXYADENOSINE-5'-MONOPHOSPHATE 'C10 H14 N5 O6 P'
DC DNA linking 2'-DEOXYCYTIDINE-5'-MONOPHOSPHATE 'C9 H14 N3 O7 P'
DG DNA linking 2'-DEOXYGUANOSINE-5'-MONOPHOSPHATE 'C10 H14 N5 O7 P'
DT DNA linking THYMIDINE-5'-MONOPHOSPHATE 'C10 H15 N2 O8 P'
ZN non-polymer 'ZINC ION' 'Zn 2'
#
# COMPACT_ATOMS: atom_id res chain seq x y z
N GLY A 461 -11.75 -15.47 43.10
CA GLY A 461 -10.32 -15.26 43.02
C GLY A 461 -9.70 -15.88 41.79
N LEU A 462 -8.69 -15.23 41.24
CA LEU A 462 -8.02 -15.68 40.03
C LEU A 462 -6.55 -15.35 40.12
N GLN A 463 -5.70 -16.28 39.72
CA GLN A 463 -4.27 -16.15 39.93
C GLN A 463 -3.64 -15.22 38.88
N PRO A 464 -2.53 -14.56 39.25
CA PRO A 464 -1.87 -13.66 38.30
C PRO A 464 -1.41 -14.34 37.02
N ALA A 465 -0.94 -15.58 37.10
CA ALA A 465 -0.52 -16.29 35.90
C ALA A 465 -1.70 -16.51 34.96
N VAL A 466 -2.86 -16.89 35.51
CA VAL A 466 -4.03 -17.11 34.68
C VAL A 466 -4.51 -15.81 34.07
N CYS A 467 -4.51 -14.73 34.85
CA CYS A 467 -4.90 -13.43 34.29
C CYS A 467 -3.97 -13.03 33.17
N LEU A 468 -2.67 -13.23 33.34
CA LEU A 468 -1.71 -12.91 32.29
C LEU A 468 -1.95 -13.75 31.05
N ALA A 469 -2.26 -15.04 31.24
CA ALA A 469 -2.53 -15.91 30.10
C ALA A 469 -3.74 -15.41 29.32
N ILE A 470 -4.81 -15.05 30.02
CA ILE A 470 -6.00 -14.53 29.35
C ILE A 470 -5.65 -13.26 28.58
N ARG A 471 -4.91 -12.36 29.22
CA ARG A 471 -4.57 -11.10 28.56
C ARG A 471 -3.73 -11.32 27.32
N VAL A 472 -2.72 -12.18 27.39
CA VAL A 472 -1.81 -12.32 26.26
C VAL A 472 -2.38 -13.21 25.17
N ASN A 473 -3.36 -14.06 25.49
CA ASN A 473 -3.91 -14.90 24.43
C ASN A 473 -5.14 -14.29 23.77
N THR A 474 -5.95 -13.54 24.50
CA THR A 474 -7.09 -12.89 23.87
C THR A 474 -6.75 -11.47 23.44
N PHE A 475 -5.61 -11.32 22.77
CA PHE A 475 -5.17 -10.11 22.09
C PHE A 475 -5.55 -8.82 22.82
N LEU A 476 -5.37 -8.80 24.13
CA LEU A 476 -5.75 -7.66 24.95
C LEU A 476 -4.52 -6.83 25.29
N SER A 477 -4.63 -5.52 25.11
CA SER A 477 -3.56 -4.64 25.51
C SER A 477 -3.70 -4.31 27.00
N CYS A 478 -2.64 -3.73 27.55
CA CYS A 478 -2.65 -3.41 28.98
C CYS A 478 -3.73 -2.39 29.30
N SER A 479 -3.94 -1.40 28.42
CA SER A 479 -4.96 -0.39 28.67
C SER A 479 -6.36 -1.00 28.67
N GLN A 480 -6.65 -1.85 27.69
CA GLN A 480 -7.95 -2.49 27.62
C GLN A 480 -8.18 -3.41 28.81
N TYR A 481 -7.13 -4.14 29.22
CA TYR A 481 -7.25 -5.01 30.38
C TYR A 481 -7.46 -4.20 31.64
N HIS A 482 -6.82 -3.03 31.74
CA HIS A 482 -7.05 -2.15 32.87
C HIS A 482 -8.50 -1.70 32.92
N LYS A 483 -9.07 -1.35 31.76
CA LYS A 483 -10.48 -0.96 31.72
C LYS A 483 -11.37 -2.10 32.20
N MET A 484 -11.12 -3.31 31.70
CA MET A 484 -11.93 -4.46 32.10
C MET A 484 -11.81 -4.73 33.59
N TYR A 485 -10.59 -4.71 34.12
CA TYR A 485 -10.36 -4.98 35.52
C TYR A 485 -11.04 -3.94 36.40
N ARG A 486 -10.93 -2.66 36.02
CA ARG A 486 -11.55 -1.60 36.78
C ARG A 486 -13.06 -1.76 36.81
N THR A 487 -13.67 -2.04 35.66
CA THR A 487 -15.12 -2.17 35.61
C THR A 487 -15.60 -3.37 36.41
N VAL A 488 -14.92 -4.52 36.26
CA VAL A 488 -15.34 -5.72 36.98
C VAL A 488 -15.23 -5.48 38.49
N LYS A 489 -14.12 -4.89 38.93
CA LYS A 489 -13.97 -4.60 40.36
C LYS A 489 -15.06 -3.65 40.85
N ALA A 490 -15.34 -2.59 40.09
CA ALA A 490 -16.31 -1.61 40.54
C ALA A 490 -17.70 -2.21 40.66
N ILE A 491 -18.08 -3.09 39.71
CA ILE A 491 -19.44 -3.61 39.72
C ILE A 491 -19.57 -4.77 40.70
N THR A 492 -18.71 -5.79 40.58
CA THR A 492 -18.86 -6.95 41.45
C THR A 492 -18.50 -6.64 42.89
N GLY A 493 -17.55 -5.74 43.12
CA GLY A 493 -17.09 -5.45 44.45
C GLY A 493 -16.00 -6.37 44.95
N ARG A 494 -15.67 -7.40 44.19
CA ARG A 494 -14.63 -8.35 44.56
C ARG A 494 -13.60 -8.42 43.46
N GLN A 495 -12.33 -8.44 43.86
CA GLN A 495 -11.23 -8.39 42.91
C GLN A 495 -11.07 -9.71 42.20
N ILE A 496 -11.69 -9.84 41.03
CA ILE A 496 -11.59 -11.08 40.26
C ILE A 496 -10.31 -11.10 39.44
N PHE A 497 -10.06 -10.05 38.68
CA PHE A 497 -8.86 -9.96 37.88
C PHE A 497 -7.76 -9.28 38.67
N GLN A 498 -6.54 -9.75 38.48
CA GLN A 498 -5.41 -9.18 39.18
C GLN A 498 -4.94 -7.90 38.49
N PRO A 499 -4.35 -6.99 39.24
CA PRO A 499 -3.94 -5.71 38.67
C PRO A 499 -2.71 -5.82 37.78
N LEU A 500 -2.42 -4.69 37.12
CA LEU A 500 -1.39 -4.65 36.10
C LEU A 500 -0.01 -4.94 36.67
N HIS A 501 0.29 -4.39 37.85
CA HIS A 501 1.60 -4.63 38.44
C HIS A 501 1.77 -6.09 38.84
N ALA A 502 0.69 -6.72 39.29
CA ALA A 502 0.74 -8.15 39.57
C ALA A 502 1.03 -8.94 38.31
N LEU A 503 0.38 -8.59 37.20
CA LEU A 503 0.66 -9.28 35.94
C LEU A 503 2.11 -9.09 35.51
N ARG A 504 2.62 -7.85 35.59
CA ARG A 504 3.99 -7.61 35.13
C ARG A 504 5.02 -8.20 36.08
N ASN A 505 4.65 -8.45 37.34
CA ASN A 505 5.52 -9.21 38.21
C ASN A 505 5.49 -10.69 37.84
N ALA A 506 4.31 -11.20 37.47
CA ALA A 506 4.20 -12.61 37.09
C ALA A 506 4.85 -12.89 35.74
N GLU A 507 5.08 -11.88 34.92
CA GLU A 507 5.66 -12.10 33.59
C GLU A 507 7.17 -12.20 33.61
N LYS A 508 7.83 -12.01 34.76
CA LYS A 508 9.27 -12.08 34.80
C LYS A 508 9.78 -13.51 34.78
N VAL A 509 9.02 -14.46 35.33
CA VAL A 509 9.46 -15.85 35.36
C VAL A 509 9.51 -16.42 33.95
N LEU A 510 8.58 -16.02 33.09
CA LEU A 510 8.49 -16.60 31.76
C LEU A 510 9.57 -16.06 30.83
N LEU A 511 9.98 -14.81 31.02
CA LEU A 511 10.96 -14.20 30.15
C LEU A 511 12.35 -14.77 30.40
N PRO A 512 13.27 -14.63 29.45
CA PRO A 512 14.64 -15.09 29.66
C PRO A 512 15.33 -14.34 30.79
N GLY A 513 16.47 -14.87 31.19
CA GLY A 513 17.23 -14.27 32.27
C GLY A 513 16.61 -14.41 33.63
N TYR A 514 16.06 -15.56 33.94
CA TYR A 514 15.55 -15.82 35.28
C TYR A 514 16.09 -17.10 35.88
N HIS A 515 16.27 -18.13 35.07
CA HIS A 515 16.65 -19.40 35.67
C HIS A 515 18.15 -19.60 35.59
N PRO A 516 18.78 -20.09 36.66
CA PRO A 516 20.19 -20.44 36.60
C PRO A 516 20.45 -21.63 35.69
N PHE A 517 21.61 -21.62 35.05
CA PHE A 517 22.01 -22.71 34.16
C PHE A 517 23.53 -22.71 34.07
N GLU A 518 24.08 -23.82 33.57
CA GLU A 518 25.53 -23.92 33.42
C GLU A 518 25.86 -24.57 32.09
N TRP A 519 26.99 -24.18 31.53
CA TRP A 519 27.49 -24.77 30.28
C TRP A 519 28.82 -25.46 30.56
N GLN A 520 28.95 -26.70 30.10
CA GLN A 520 30.17 -27.47 30.28
C GLN A 520 30.53 -28.13 28.94
N PRO A 521 31.67 -27.79 28.33
CA PRO A 521 32.59 -26.73 28.76
C PRO A 521 32.03 -25.35 28.44
N PRO A 522 32.47 -24.33 29.16
CA PRO A 522 31.86 -23.00 29.01
C PRO A 522 31.98 -22.48 27.60
N LEU A 523 30.95 -21.77 27.16
CA LEU A 523 30.89 -21.29 25.79
C LEU A 523 32.01 -20.29 25.53
N LYS A 524 32.67 -20.45 24.40
CA LYS A 524 33.73 -19.53 24.02
C LYS A 524 33.13 -18.21 23.56
N ASN A 525 33.70 -17.11 24.04
CA ASN A 525 33.31 -15.76 23.65
C ASN A 525 31.87 -15.43 24.00
N VAL A 526 31.31 -16.12 24.99
CA VAL A 526 29.94 -15.85 25.45
C VAL A 526 29.99 -15.67 26.97
N SER A 527 29.34 -14.61 27.45
CA SER A 527 29.36 -14.31 28.87
C SER A 527 28.69 -15.40 29.68
N SER A 528 29.22 -15.66 30.87
CA SER A 528 28.71 -16.72 31.73
C SER A 528 27.58 -16.26 32.63
N ARG A 529 27.20 -14.99 32.58
CA ARG A 529 26.09 -14.50 33.38
C ARG A 529 24.78 -15.13 32.93
N THR A 530 23.89 -15.36 33.90
CA THR A 530 22.61 -16.01 33.66
C THR A 530 21.44 -15.08 33.97
N ASP A 531 21.65 -13.77 33.86
CA ASP A 531 20.63 -12.78 34.18
C ASP A 531 20.58 -11.70 33.11
N VAL A 532 20.60 -12.13 31.84
CA VAL A 532 20.56 -11.22 30.70
C VAL A 532 19.21 -11.38 30.01
N GLY A 533 18.55 -10.26 29.75
CA GLY A 533 17.25 -10.29 29.10
C GLY A 533 17.30 -9.75 27.69
N ILE A 534 16.59 -8.66 27.44
CA ILE A 534 16.56 -8.03 26.13
C ILE A 534 17.77 -7.11 26.02
N ILE A 535 18.60 -7.35 25.00
CA ILE A 535 19.83 -6.59 24.82
C ILE A 535 19.84 -6.00 23.42
N ASP A 536 20.71 -5.01 23.23
CA ASP A 536 20.77 -4.29 21.98
C ASP A 536 21.28 -5.20 20.87
N GLY A 537 20.60 -5.18 19.73
CA GLY A 537 20.99 -6.04 18.62
C GLY A 537 22.22 -5.56 17.89
N LEU A 538 22.54 -4.27 17.99
CA LEU A 538 23.73 -3.76 17.33
C LEU A 538 25.00 -4.37 17.91
N SER A 539 24.94 -4.81 19.16
CA SER A 539 26.07 -5.47 19.82
C SER A 539 27.30 -4.57 19.84
N GLY A 540 27.12 -3.35 20.35
CA GLY A 540 28.25 -2.46 20.50
C GLY A 540 28.78 -1.87 19.22
N LEU A 541 27.98 -1.88 18.16
CA LEU A 541 28.45 -1.34 16.89
C LEU A 541 28.69 0.15 17.01
N ALA A 542 29.80 0.61 16.43
CA ALA A 542 30.21 2.00 16.59
C ALA A 542 29.28 2.92 15.84
N SER A 543 28.80 3.96 16.52
CA SER A 543 27.92 4.95 15.93
C SER A 543 28.59 6.31 15.76
N SER A 544 29.92 6.35 15.83
CA SER A 544 30.63 7.61 15.65
C SER A 544 30.50 8.09 14.22
N VAL A 545 30.62 9.41 14.04
CA VAL A 545 30.45 10.01 12.72
C VAL A 545 31.56 9.62 11.77
N ASP A 546 32.70 9.17 12.30
CA ASP A 546 33.83 8.82 11.44
C ASP A 546 33.65 7.47 10.76
N GLU A 547 32.90 6.56 11.38
CA GLU A 547 32.81 5.19 10.89
C GLU A 547 31.63 5.04 9.94
N TYR A 548 31.34 3.81 9.55
CA TYR A 548 30.28 3.54 8.59
C TYR A 548 28.93 3.92 9.19
N PRO A 549 28.05 4.54 8.40
CA PRO A 549 26.74 4.93 8.93
C PRO A 549 25.94 3.72 9.39
N VAL A 550 25.22 3.89 10.49
CA VAL A 550 24.35 2.85 11.03
C VAL A 550 22.95 3.42 11.17
N ASP A 551 22.00 2.83 10.45
CA ASP A 551 20.59 3.21 10.51
C ASP A 551 19.79 1.92 10.72
N THR A 552 19.67 1.51 11.99
CA THR A 552 19.05 0.24 12.31
C THR A 552 18.72 0.17 13.80
N ILE A 553 17.50 -0.22 14.13
CA ILE A 553 17.07 -0.45 15.50
C ILE A 553 16.87 -1.96 15.65
N ALA A 554 17.70 -2.58 16.46
CA ALA A 554 17.67 -4.02 16.62
C ALA A 554 17.64 -4.39 18.10
N LYS A 555 16.83 -5.38 18.45
CA LYS A 555 16.77 -5.92 19.80
C LYS A 555 16.76 -7.43 19.73
N ARG A 556 17.52 -8.07 20.63
CA ARG A 556 17.62 -9.51 20.60
C ARG A 556 17.79 -10.04 22.01
N PHE A 557 17.43 -11.31 22.19
CA PHE A 557 17.77 -12.03 23.39
C PHE A 557 19.20 -12.55 23.23
N ARG A 558 19.64 -13.38 24.16
CA ARG A 558 20.85 -14.15 23.97
C ARG A 558 20.45 -15.58 23.66
N TYR A 559 21.16 -16.19 22.71
CA TYR A 559 20.77 -17.50 22.22
C TYR A 559 20.88 -18.58 23.28
N ASP A 560 21.73 -18.39 24.29
CA ASP A 560 21.84 -19.35 25.36
C ASP A 560 20.85 -19.12 26.50
N SER A 561 20.14 -18.00 26.48
CA SER A 561 19.07 -17.74 27.44
C SER A 561 17.70 -18.04 26.87
N ALA A 562 17.49 -17.77 25.59
CA ALA A 562 16.22 -18.11 24.95
C ALA A 562 15.98 -19.61 25.00
N LEU A 563 17.03 -20.40 24.80
CA LEU A 563 16.88 -21.85 24.82
C LEU A 563 16.47 -22.35 26.21
N VAL A 564 17.10 -21.81 27.26
CA VAL A 564 16.73 -22.28 28.59
C VAL A 564 15.34 -21.81 28.95
N SER A 565 14.93 -20.62 28.50
CA SER A 565 13.56 -20.19 28.75
C SER A 565 12.56 -21.10 28.05
N ALA A 566 12.85 -21.49 26.80
CA ALA A 566 11.95 -22.39 26.09
C ALA A 566 11.87 -23.75 26.77
N LEU A 567 13.02 -24.28 27.23
CA LEU A 567 13.00 -25.56 27.90
C LEU A 567 12.24 -25.50 29.22
N MET A 568 12.41 -24.41 29.97
CA MET A 568 11.66 -24.29 31.22
C MET A 568 10.17 -24.12 30.98
N ASP A 569 9.79 -23.49 29.87
CA ASP A 569 8.38 -23.47 29.49
C ASP A 569 7.87 -24.87 29.17
N MET A 570 8.69 -25.67 28.48
CA MET A 570 8.28 -27.01 28.07
C MET A 570 8.58 -28.08 29.12
N GLU A 571 8.97 -27.67 30.33
CA GLU A 571 9.26 -28.63 31.40
C GLU A 571 8.12 -29.64 31.60
N GLU A 572 6.89 -29.15 31.72
CA GLU A 572 5.77 -30.04 31.98
C GLU A 572 5.56 -31.00 30.82
N ASP A 573 5.70 -30.52 29.60
CA ASP A 573 5.55 -31.40 28.44
C ASP A 573 6.63 -32.47 28.42
N ILE A 574 7.87 -32.10 28.76
CA ILE A 574 8.96 -33.07 28.78
C ILE A 574 8.67 -34.15 29.80
N LEU A 575 8.24 -33.74 31.00
CA LEU A 575 7.95 -34.73 32.04
C LEU A 575 6.78 -35.62 31.65
N GLU A 576 5.75 -35.05 31.05
CA GLU A 576 4.60 -35.84 30.63
C GLU A 576 4.99 -36.85 29.56
N GLY A 577 5.82 -36.43 28.61
CA GLY A 577 6.29 -37.38 27.61
C GLY A 577 7.13 -38.49 28.21
N MET A 578 7.99 -38.15 29.16
CA MET A 578 8.77 -39.17 29.85
C MET A 578 7.86 -40.17 30.54
N ARG A 579 6.83 -39.69 31.23
CA ARG A 579 5.93 -40.60 31.93
C ARG A 579 5.13 -41.45 30.95
N SER A 580 4.67 -40.86 29.85
CA SER A 580 3.88 -41.59 28.88
C SER A 580 4.70 -42.55 28.05
N GLN A 581 6.03 -42.44 28.07
CA GLN A 581 6.89 -43.35 27.34
C GLN A 581 7.40 -44.49 28.20
N ASP A 582 6.85 -44.67 29.40
CA ASP A 582 7.22 -45.71 30.35
C ASP A 582 8.64 -45.53 30.88
N LEU A 583 9.20 -44.34 30.77
CA LEU A 583 10.49 -44.03 31.34
C LEU A 583 10.32 -43.36 32.69
N ASP A 584 11.25 -43.61 33.60
CA ASP A 584 11.22 -42.98 34.90
C ASP A 584 11.41 -41.48 34.78
N ASP A 585 10.62 -40.72 35.53
CA ASP A 585 10.65 -39.27 35.44
C ASP A 585 11.62 -38.67 36.45
N TYR A 586 12.84 -39.21 36.48
CA TYR A 586 13.93 -38.59 37.22
C TYR A 586 15.26 -38.73 36.49
N LEU A 587 15.25 -39.28 35.27
CA LEU A 587 16.48 -39.46 34.53
C LEU A 587 17.10 -38.12 34.16
N ASN A 588 18.42 -38.03 34.26
CA ASN A 588 19.18 -36.86 33.84
C ASN A 588 19.99 -37.15 32.59
N GLY A 589 19.61 -38.15 31.81
CA GLY A 589 20.33 -38.53 30.63
C GLY A 589 20.36 -37.40 29.62
N PRO A 590 21.41 -37.35 28.82
CA PRO A 590 21.56 -36.22 27.89
C PRO A 590 20.48 -36.17 26.84
N PHE A 591 19.63 -35.15 26.90
CA PHE A 591 18.61 -34.94 25.90
C PHE A 591 19.23 -34.28 24.66
N THR A 592 18.57 -34.47 23.52
CA THR A 592 19.02 -33.92 22.25
C THR A 592 17.87 -33.07 21.69
N VAL A 593 18.00 -31.76 21.80
CA VAL A 593 16.96 -30.83 21.37
C VAL A 593 17.26 -30.40 19.94
N VAL A 594 16.32 -30.67 19.04
CA VAL A 594 16.40 -30.21 17.66
C VAL A 594 15.63 -28.90 17.57
N VAL A 595 16.26 -27.87 17.00
CA VAL A 595 15.69 -26.54 16.94
C VAL A 595 15.78 -26.03 15.51
N LYS A 596 14.66 -25.57 14.97
CA LYS A 596 14.57 -25.08 13.60
C LYS A 596 14.63 -23.56 13.61
N GLU A 597 15.49 -23.00 12.78
CA GLU A 597 15.73 -21.58 12.72
C GLU A 597 15.17 -20.98 11.45
N SER A 598 14.53 -19.82 11.58
CA SER A 598 13.93 -19.13 10.45
C SER A 598 14.35 -17.66 10.47
N CYS A 599 14.67 -17.14 9.30
CA CYS A 599 14.92 -15.72 9.11
C CYS A 599 14.03 -15.23 7.99
N ASP A 600 13.30 -14.15 8.24
CA ASP A 600 12.36 -13.63 7.27
C ASP A 600 12.51 -12.12 7.15
N GLY A 601 12.23 -11.61 5.96
CA GLY A 601 12.31 -10.20 5.70
C GLY A 601 10.99 -9.61 5.24
N MET A 602 10.42 -8.73 6.06
CA MET A 602 9.14 -8.10 5.78
C MET A 602 9.37 -6.73 5.16
N GLY A 603 8.51 -6.36 4.21
CA GLY A 603 8.50 -5.04 3.65
C GLY A 603 7.25 -4.27 4.06
N ASP A 604 7.22 -3.01 3.64
CA ASP A 604 6.11 -2.10 3.93
C ASP A 604 5.86 -1.97 5.43
N VAL A 605 6.93 -1.85 6.20
CA VAL A 605 6.85 -1.56 7.62
C VAL A 605 7.07 -0.06 7.77
N SER A 606 5.99 0.68 7.99
CA SER A 606 6.07 2.13 8.02
C SER A 606 6.93 2.61 9.18
N GLU A 607 7.74 3.61 8.92
CA GLU A 607 8.60 4.18 9.95
C GLU A 607 7.83 5.20 10.78
N LYS A 608 8.43 5.59 11.90
CA LYS A 608 7.79 6.47 12.85
C LYS A 608 8.52 7.80 12.91
N HIS A 609 7.80 8.83 13.31
CA HIS A 609 8.41 10.14 13.52
C HIS A 609 9.29 10.11 14.77
N GLY A 610 10.11 11.13 14.92
CA GLY A 610 10.80 11.37 16.16
C GLY A 610 12.30 11.17 16.04
N SER A 611 12.96 11.34 17.19
CA SER A 611 14.40 11.22 17.24
C SER A 611 14.84 9.78 17.03
N GLY A 612 15.92 9.60 16.29
CA GLY A 612 16.42 8.30 15.96
C GLY A 612 17.03 8.30 14.56
N PRO A 613 17.56 7.15 14.15
CA PRO A 613 18.15 7.07 12.81
C PRO A 613 17.10 7.12 11.72
N ALA A 614 17.56 7.39 10.51
CA ALA A 614 16.71 7.29 9.33
C ALA A 614 16.51 5.82 8.99
N VAL A 615 15.78 5.11 9.83
CA VAL A 615 15.60 3.66 9.70
C VAL A 615 14.79 3.37 8.45
N PRO A 616 15.14 2.34 7.67
CA PRO A 616 14.34 2.02 6.47
C PRO A 616 12.96 1.50 6.78
N GLU A 617 12.18 1.22 5.74
CA GLU A 617 10.80 0.76 5.88
C GLU A 617 10.70 -0.75 5.73
N LYS A 618 11.69 -1.48 6.22
CA LYS A 618 11.70 -2.94 6.13
C LYS A 618 12.15 -3.51 7.48
N ALA A 619 11.79 -4.75 7.73
CA ALA A 619 12.11 -5.42 8.98
C ALA A 619 12.66 -6.80 8.69
N VAL A 620 13.47 -7.31 9.62
CA VAL A 620 14.01 -8.66 9.55
C VAL A 620 13.80 -9.33 10.91
N ARG A 621 13.30 -10.56 10.87
CA ARG A 621 13.02 -11.33 12.08
C ARG A 621 13.79 -12.63 12.04
N PHE A 622 14.35 -13.01 13.19
CA PHE A 622 15.06 -14.27 13.36
C PHE A 622 14.43 -14.98 14.55
N SER A 623 13.95 -16.21 14.30
CA SER A 623 13.19 -16.95 15.29
C SER A 623 13.59 -18.42 15.26
N PHE A 624 13.24 -19.13 16.34
CA PHE A 624 13.54 -20.55 16.45
C PHE A 624 12.35 -21.28 17.04
N THR A 625 12.26 -22.57 16.72
CA THR A 625 11.19 -23.43 17.18
C THR A 625 11.76 -24.77 17.62
N VAL A 626 11.37 -25.24 18.80
CA VAL A 626 11.83 -26.54 19.27
C VAL A 626 10.96 -27.61 18.62
N MET A 627 11.58 -28.54 17.90
CA MET A 627 10.86 -29.54 17.13
C MET A 627 10.77 -30.88 17.85
N ARG A 628 11.89 -31.40 18.33
CA ARG A 628 11.92 -32.75 18.87
C ARG A 628 12.96 -32.86 19.98
N ILE A 629 12.62 -33.61 21.02
CA ILE A 629 13.54 -33.93 22.10
C ILE A 629 13.59 -35.44 22.25
N THR A 630 14.80 -35.99 22.27
CA THR A 630 15.01 -37.43 22.38
C THR A 630 15.96 -37.71 23.53
N ILE A 631 15.79 -38.88 24.13
CA ILE A 631 16.65 -39.33 25.23
C ILE A 631 17.15 -40.72 24.91
N GLU A 632 18.43 -40.96 25.18
CA GLU A 632 19.06 -42.25 24.92
C GLU A 632 18.82 -43.16 26.12
N HIS A 633 18.19 -44.30 25.88
CA HIS A 633 17.82 -45.25 26.92
C HIS A 633 18.26 -46.65 26.54
N GLY A 634 19.52 -46.78 26.14
CA GLY A 634 20.06 -48.07 25.77
C GLY A 634 20.62 -48.07 24.37
N SER A 635 20.08 -48.93 23.51
CA SER A 635 20.50 -49.00 22.12
C SER A 635 19.67 -48.13 21.19
N GLN A 636 18.67 -47.43 21.71
CA GLN A 636 17.78 -46.63 20.88
C GLN A 636 17.46 -45.31 21.57
N ASN A 637 17.15 -44.31 20.77
CA ASN A 637 16.75 -43.00 21.24
C ASN A 637 15.23 -42.90 21.18
N VAL A 638 14.61 -42.49 22.28
CA VAL A 638 13.16 -42.46 22.37
C VAL A 638 12.71 -41.00 22.53
N LYS A 639 11.56 -40.71 21.93
CA LYS A 639 11.06 -39.34 21.89
C LYS A 639 10.31 -38.99 23.15
N VAL A 640 10.54 -37.79 23.66
CA VAL A 640 9.81 -37.27 24.81
C VAL A 640 9.01 -36.03 24.48
N PHE A 641 9.17 -35.48 23.28
CA PHE A 641 8.39 -34.32 22.87
C PHE A 641 8.51 -34.14 21.36
N GLU A 642 7.37 -34.05 20.68
CA GLU A 642 7.32 -33.74 19.26
C GLU A 642 6.23 -32.70 19.04
N GLU A 643 6.57 -31.63 18.34
CA GLU A 643 5.65 -30.51 18.21
C GLU A 643 4.49 -30.90 17.30
N PRO A 644 3.24 -30.76 17.75
CA PRO A 644 2.12 -31.22 16.94
C PRO A 644 1.82 -30.33 15.74
N LYS A 645 2.03 -29.02 15.85
CA LYS A 645 1.72 -28.08 14.77
C LYS A 645 2.96 -27.24 14.50
N PRO A 646 3.95 -27.80 13.80
CA PRO A 646 5.22 -27.08 13.64
C PRO A 646 5.11 -25.77 12.90
N ASN A 647 4.17 -25.63 11.99
CA ASN A 647 4.05 -24.43 11.17
C ASN A 647 3.18 -23.37 11.81
N SER A 648 2.67 -23.60 13.01
CA SER A 648 1.81 -22.63 13.67
C SER A 648 2.63 -21.50 14.26
N GLU A 649 1.99 -20.33 14.38
CA GLU A 649 2.61 -19.18 14.99
C GLU A 649 2.67 -19.28 16.51
N LEU A 650 1.95 -20.23 17.11
CA LEU A 650 2.01 -20.40 18.56
C LEU A 650 3.37 -20.92 19.00
N CYS A 651 4.00 -21.78 18.21
CA CYS A 651 5.35 -22.26 18.50
C CYS A 651 6.28 -21.71 17.43
N CYS A 652 6.74 -20.47 17.65
CA CYS A 652 7.80 -19.87 16.83
C CYS A 652 8.32 -18.70 17.64
N LYS A 653 9.40 -18.93 18.39
CA LYS A 653 9.82 -17.99 19.41
C LYS A 653 10.76 -16.96 18.83
N PRO A 654 10.45 -15.67 18.93
CA PRO A 654 11.35 -14.65 18.38
C PRO A 654 12.67 -14.59 19.12
N LEU A 655 13.72 -14.26 18.37
CA LEU A 655 15.06 -14.21 18.91
C LEU A 655 15.72 -12.87 18.60
N CYS A 656 15.42 -12.30 17.44
CA CYS A 656 15.99 -11.01 17.07
C CYS A 656 15.06 -10.27 16.13
N LEU A 657 14.82 -8.99 16.42
CA LEU A 657 14.00 -8.14 15.57
C LEU A 657 14.82 -6.92 15.21
N MET A 658 14.96 -6.66 13.91
CA MET A 658 15.72 -5.52 13.45
C MET A 658 14.95 -4.81 12.35
N LEU A 659 15.24 -3.53 12.17
CA LEU A 659 14.63 -2.72 11.12
C LEU A 659 15.73 -2.38 10.11
N ALA A 660 15.96 -3.29 9.18
CA ALA A 660 16.96 -3.09 8.15
C ALA A 660 16.60 -3.90 6.93
N ASP A 661 17.17 -3.51 5.80
CA ASP A 661 16.87 -4.17 4.54
C ASP A 661 17.53 -5.54 4.49
N GLU A 662 16.82 -6.50 3.92
CA GLU A 662 17.35 -7.85 3.78
C GLU A 662 18.53 -7.88 2.82
N SER A 663 18.55 -6.98 1.83
CA SER A 663 19.64 -6.92 0.86
C SER A 663 20.81 -6.07 1.35
N ASP A 664 20.70 -5.40 2.49
CA ASP A 664 21.79 -4.62 3.05
C ASP A 664 22.72 -5.58 3.78
N HIS A 665 23.69 -6.12 3.04
CA HIS A 665 24.51 -7.20 3.56
C HIS A 665 25.34 -6.74 4.75
N GLU A 666 25.88 -5.51 4.70
CA GLU A 666 26.71 -5.03 5.78
C GLU A 666 25.95 -4.96 7.10
N THR A 667 24.77 -4.33 7.08
CA THR A 667 23.97 -4.23 8.29
C THR A 667 23.50 -5.60 8.76
N LEU A 668 23.05 -6.44 7.82
CA LEU A 668 22.57 -7.76 8.21
C LEU A 668 23.66 -8.56 8.89
N THR A 669 24.86 -8.53 8.32
CA THR A 669 25.99 -9.24 8.92
C THR A 669 26.36 -8.65 10.27
N ALA A 670 26.37 -7.32 10.39
CA ALA A 670 26.73 -6.70 11.64
C ALA A 670 25.77 -7.06 12.75
N ILE A 671 24.49 -7.24 12.43
CA ILE A 671 23.52 -7.55 13.48
C ILE A 671 23.48 -9.05 13.76
N LEU A 672 23.57 -9.89 12.75
CA LEU A 672 23.41 -11.33 12.94
C LEU A 672 24.71 -12.07 13.19
N SER A 673 25.86 -11.41 13.17
CA SER A 673 27.09 -12.09 13.55
C SER A 673 27.12 -12.57 15.00
N PRO A 674 26.71 -11.78 15.99
CA PRO A 674 26.72 -12.30 17.36
C PRO A 674 25.87 -13.55 17.56
N LEU A 675 24.69 -13.61 16.94
CA LEU A 675 23.83 -14.77 17.11
C LEU A 675 24.49 -16.03 16.52
N ILE A 676 25.08 -15.91 15.34
CA ILE A 676 25.75 -17.05 14.75
C ILE A 676 26.97 -17.45 15.57
N ALA A 677 27.65 -16.46 16.15
CA ALA A 677 28.78 -16.76 17.04
C ALA A 677 28.32 -17.59 18.24
N GLU A 678 27.22 -17.19 18.86
CA GLU A 678 26.70 -17.96 19.99
C GLU A 678 26.28 -19.36 19.56
N ARG A 679 25.61 -19.47 18.41
CA ARG A 679 25.15 -20.77 17.95
C ARG A 679 26.32 -21.71 17.68
N GLU A 680 27.37 -21.20 17.04
CA GLU A 680 28.56 -22.01 16.83
C GLU A 680 29.24 -22.34 18.15
N ALA A 681 29.14 -21.44 19.13
CA ALA A 681 29.73 -21.70 20.43
C ALA A 681 29.05 -22.89 21.12
N MET A 682 27.73 -22.97 21.04
CA MET A 682 27.00 -24.00 21.76
C MET A 682 26.69 -25.22 20.91
N LYS A 683 27.40 -25.42 19.80
CA LYS A 683 27.27 -26.67 19.08
C LYS A 683 28.03 -27.80 19.77
N SER A 684 29.18 -27.50 20.35
CA SER A 684 29.97 -28.48 21.09
C SER A 684 30.02 -28.03 22.54
N SER A 685 28.98 -28.38 23.28
CA SER A 685 28.82 -28.04 24.69
C SER A 685 27.59 -28.74 25.22
N GLU A 686 27.50 -28.83 26.54
CA GLU A 686 26.37 -29.46 27.21
C GLU A 686 25.80 -28.49 28.22
N LEU A 687 24.48 -28.47 28.34
CA LEU A 687 23.79 -27.51 29.20
C LEU A 687 23.21 -28.25 30.40
N THR A 688 23.62 -27.86 31.60
CA THR A 688 23.06 -28.41 32.83
C THR A 688 22.03 -27.43 33.38
N LEU A 689 20.82 -27.94 33.61
CA LEU A 689 19.68 -27.12 34.01
C LEU A 689 18.79 -27.93 34.94
N GLU A 690 18.37 -27.31 36.04
CA GLU A 690 17.56 -28.01 37.03
C GLU A 690 16.10 -27.96 36.61
N MET A 691 15.48 -29.12 36.39
CA MET A 691 14.14 -29.17 35.82
C MET A 691 13.24 -30.02 36.70
N GLY A 692 12.56 -29.35 37.64
CA GLY A 692 11.68 -30.04 38.56
C GLY A 692 12.42 -31.00 39.46
N GLY A 693 13.29 -30.47 40.32
CA GLY A 693 14.10 -31.33 41.16
C GLY A 693 15.47 -31.60 40.57
N ILE A 694 15.57 -32.72 39.86
CA ILE A 694 16.86 -33.23 39.38
C ILE A 694 17.47 -32.23 38.39
N PRO A 695 18.79 -32.08 38.35
CA PRO A 695 19.43 -31.38 37.24
C PRO A 695 19.64 -32.31 36.06
N ARG A 696 19.42 -31.79 34.86
CA ARG A 696 19.45 -32.58 33.64
C ARG A 696 20.32 -31.91 32.59
N THR A 697 20.84 -32.73 31.69
CA THR A 697 21.80 -32.29 30.68
C THR A 697 21.16 -32.29 29.30
N PHE A 698 21.45 -31.25 28.52
CA PHE A 698 20.90 -31.07 27.19
C PHE A 698 22.00 -30.82 26.18
N LYS A 699 21.80 -31.34 24.98
CA LYS A 699 22.60 -31.03 23.80
C LYS A 699 21.70 -30.34 22.78
N PHE A 700 22.29 -29.90 21.66
CA PHE A 700 21.52 -29.17 20.67
C PHE A 700 21.98 -29.51 19.26
N ILE A 701 21.01 -29.64 18.37
CA ILE A 701 21.25 -29.78 16.94
C ILE A 701 20.42 -28.71 16.23
N PHE A 702 21.10 -27.83 15.50
CA PHE A 702 20.47 -26.69 14.87
C PHE A 702 20.28 -26.96 13.38
N ARG A 703 19.04 -26.80 12.91
CA ARG A 703 18.71 -27.03 11.50
C ARG A 703 17.97 -25.79 10.99
N GLY A 704 18.70 -24.94 10.27
CA GLY A 704 18.09 -23.76 9.70
C GLY A 704 17.52 -24.02 8.32
N THR A 705 16.21 -24.25 8.26
CA THR A 705 15.55 -24.56 7.01
C THR A 705 14.37 -23.64 6.72
N GLY A 706 14.14 -22.63 7.54
CA GLY A 706 13.04 -21.72 7.34
C GLY A 706 13.35 -20.55 6.44
N TYR A 707 14.51 -20.54 5.79
CA TYR A 707 14.87 -19.45 4.91
C TYR A 707 14.25 -19.63 3.53
N ASP A 708 14.05 -18.52 2.84
CA ASP A 708 13.60 -18.56 1.46
C ASP A 708 14.79 -18.61 0.52
N GLU A 709 14.49 -18.76 -0.77
CA GLU A 709 15.55 -18.97 -1.77
C GLU A 709 16.47 -17.77 -1.86
N LYS A 710 15.90 -16.56 -1.88
CA LYS A 710 16.71 -15.36 -1.99
C LYS A 710 17.64 -15.19 -0.80
N LEU A 711 17.13 -15.43 0.40
CA LEU A 711 17.95 -15.28 1.60
C LEU A 711 19.02 -16.35 1.68
N VAL A 712 18.70 -17.59 1.26
CA VAL A 712 19.72 -18.62 1.21
C VAL A 712 20.82 -18.25 0.23
N ARG A 713 20.44 -17.72 -0.94
CA ARG A 713 21.45 -17.25 -1.89
C ARG A 713 22.32 -16.18 -1.27
N GLU A 714 21.72 -15.23 -0.56
CA GLU A 714 22.50 -14.13 0.01
C GLU A 714 23.45 -14.62 1.09
N VAL A 715 23.00 -15.55 1.96
CA VAL A 715 23.79 -15.91 3.12
C VAL A 715 24.70 -17.10 2.91
N GLU A 716 24.55 -17.85 1.83
CA GLU A 716 25.42 -18.97 1.52
C GLU A 716 26.48 -18.63 0.49
N GLY A 717 26.58 -17.36 0.11
CA GLY A 717 27.60 -16.93 -0.83
C GLY A 717 27.28 -17.16 -2.29
N LEU A 718 26.12 -17.72 -2.60
CA LEU A 718 25.77 -17.95 -3.99
C LEU A 718 25.36 -16.63 -4.65
N GLU A 719 25.32 -16.66 -5.98
CA GLU A 719 25.07 -15.45 -6.76
C GLU A 719 23.60 -15.08 -6.68
N ALA A 720 23.22 -14.02 -7.38
CA ALA A 720 21.85 -13.56 -7.36
C ALA A 720 20.92 -14.59 -7.99
N SER A 721 19.62 -14.32 -7.92
CA SER A 721 18.62 -15.31 -8.31
C SER A 721 18.75 -15.69 -9.77
N GLY A 722 18.93 -14.70 -10.64
CA GLY A 722 19.02 -14.99 -12.05
C GLY A 722 20.42 -15.35 -12.48
N SER A 723 20.68 -16.65 -12.68
CA SER A 723 22.01 -17.10 -13.04
C SER A 723 21.90 -18.45 -13.71
N VAL A 724 23.02 -18.91 -14.26
CA VAL A 724 23.07 -20.23 -14.87
C VAL A 724 22.91 -21.31 -13.80
N TYR A 725 23.46 -21.09 -12.61
CA TYR A 725 23.37 -22.04 -11.51
C TYR A 725 22.11 -21.75 -10.71
N ILE A 726 21.16 -22.69 -10.72
CA ILE A 726 19.83 -22.45 -10.22
C ILE A 726 19.60 -23.08 -8.84
N CYS A 727 20.09 -24.28 -8.61
CA CYS A 727 19.74 -25.04 -7.42
C CYS A 727 20.71 -24.74 -6.29
N THR A 728 20.16 -24.56 -5.09
CA THR A 728 20.96 -24.34 -3.90
C THR A 728 21.35 -25.64 -3.20
N LEU A 729 20.98 -26.79 -3.76
CA LEU A 729 21.35 -28.08 -3.22
C LEU A 729 22.38 -28.82 -4.05
N CYS A 730 22.33 -28.68 -5.37
CA CYS A 730 23.29 -29.27 -6.28
C CYS A 730 23.91 -28.17 -7.14
N ASP A 731 24.84 -28.56 -8.01
CA ASP A 731 25.54 -27.62 -8.88
C ASP A 731 25.27 -28.03 -10.32
N THR A 732 24.13 -27.57 -10.84
CA THR A 732 23.72 -27.87 -12.21
C THR A 732 23.24 -26.60 -12.89
N THR A 733 23.68 -26.42 -14.13
CA THR A 733 23.26 -25.26 -14.89
C THR A 733 21.82 -25.43 -15.36
N ARG A 734 21.23 -24.32 -15.80
CA ARG A 734 19.84 -24.34 -16.23
C ARG A 734 19.65 -25.26 -17.44
N LEU A 735 20.56 -25.18 -18.41
CA LEU A 735 20.46 -26.04 -19.58
C LEU A 735 20.59 -27.50 -19.22
N GLU A 736 21.53 -27.84 -18.33
CA GLU A 736 21.71 -29.22 -17.91
C GLU A 736 20.47 -29.72 -17.18
N ALA A 737 19.88 -28.88 -16.33
CA ALA A 737 18.66 -29.27 -15.64
C ALA A 737 17.52 -29.50 -16.63
N SER A 738 17.41 -28.64 -17.64
CA SER A 738 16.34 -28.81 -18.63
C SER A 738 16.53 -30.09 -19.43
N GLN A 739 17.77 -30.48 -19.69
CA GLN A 739 18.01 -31.72 -20.42
C GLN A 739 17.81 -32.96 -19.57
N ASN A 740 18.14 -32.90 -18.26
CA ASN A 740 18.09 -34.11 -17.44
C ASN A 740 16.76 -34.26 -16.71
N LEU A 741 16.39 -33.26 -15.89
CA LEU A 741 15.07 -33.11 -15.28
C LEU A 741 14.77 -34.07 -14.13
N VAL A 742 15.54 -35.15 -13.98
CA VAL A 742 15.20 -36.13 -12.95
C VAL A 742 16.40 -36.46 -12.06
N PHE A 743 17.50 -36.89 -12.66
CA PHE A 743 18.59 -37.52 -11.93
C PHE A 743 19.60 -36.48 -11.47
N HIS A 744 19.63 -36.22 -10.17
CA HIS A 744 20.61 -35.33 -9.56
C HIS A 744 20.81 -35.77 -8.11
N SER A 745 21.90 -35.30 -7.52
CA SER A 745 22.22 -35.62 -6.13
C SER A 745 22.66 -34.37 -5.40
N ILE A 746 22.43 -34.36 -4.09
CA ILE A 746 22.79 -33.22 -3.25
C ILE A 746 24.28 -33.23 -3.00
N THR A 747 24.97 -32.20 -3.47
CA THR A 747 26.42 -32.10 -3.35
C THR A 747 26.84 -30.68 -2.98
N ARG A 748 26.12 -30.06 -2.04
CA ARG A 748 26.42 -28.71 -1.62
C ARG A 748 26.33 -28.62 -0.11
N SER A 749 27.23 -27.86 0.49
CA SER A 749 27.26 -27.71 1.94
C SER A 749 27.99 -26.42 2.29
N HIS A 750 27.87 -26.02 3.56
CA HIS A 750 28.50 -24.79 4.02
C HIS A 750 30.02 -24.86 3.91
N ALA A 751 30.61 -26.00 4.30
CA ALA A 751 32.05 -26.15 4.22
C ALA A 751 32.52 -26.09 2.77
N GLU A 752 31.78 -26.73 1.86
CA GLU A 752 32.15 -26.67 0.45
C GLU A 752 32.02 -25.25 -0.08
N ASN A 753 31.00 -24.51 0.36
CA ASN A 753 30.89 -23.12 -0.05
C ASN A 753 32.08 -22.30 0.42
N LEU A 754 32.53 -22.52 1.66
CA LEU A 754 33.69 -21.80 2.16
C LEU A 754 34.93 -22.12 1.35
N GLN A 755 35.15 -23.41 1.06
CA GLN A 755 36.32 -23.80 0.27
C GLN A 755 36.26 -23.18 -1.12
N ARG A 756 35.08 -23.16 -1.73
CA ARG A 756 34.96 -22.61 -3.07
C ARG A 756 35.16 -21.10 -3.08
N TYR A 757 34.71 -20.40 -2.03
CA TYR A 757 35.03 -18.98 -1.94
C TYR A 757 36.52 -18.76 -1.81
N GLU A 758 37.20 -19.61 -1.03
CA GLU A 758 38.65 -19.48 -0.91
C GLU A 758 39.32 -19.67 -2.27
N VAL A 759 38.83 -20.64 -3.04
CA VAL A 759 39.36 -20.85 -4.40
C VAL A 759 39.11 -19.63 -5.26
N TRP A 760 37.91 -19.05 -5.17
CA TRP A 760 37.59 -17.87 -5.97
C TRP A 760 38.50 -16.71 -5.63
N ARG A 761 38.76 -16.49 -4.35
CA ARG A 761 39.60 -15.36 -3.96
C ARG A 761 41.06 -15.59 -4.33
N SER A 762 41.57 -16.81 -4.10
CA SER A 762 43.00 -17.06 -4.32
C SER A 762 43.33 -17.20 -5.80
N ASN A 763 42.44 -17.80 -6.58
CA ASN A 763 42.66 -18.11 -7.99
C ASN A 763 43.96 -18.90 -8.14
N PRO A 764 44.04 -20.11 -7.62
CA PRO A 764 45.33 -20.81 -7.57
C PRO A 764 45.75 -21.39 -8.91
N TYR A 765 44.79 -21.69 -9.78
CA TYR A 765 45.09 -22.32 -11.06
C TYR A 765 45.25 -21.33 -12.20
N HIS A 766 45.17 -20.02 -11.91
CA HIS A 766 45.40 -18.98 -12.90
C HIS A 766 44.44 -19.11 -14.07
N GLU A 767 43.15 -18.94 -13.78
CA GLU A 767 42.09 -19.09 -14.75
C GLU A 767 41.44 -17.74 -15.04
N SER A 768 40.85 -17.64 -16.22
CA SER A 768 40.09 -16.46 -16.59
C SER A 768 38.84 -16.36 -15.73
N VAL A 769 38.08 -15.28 -15.94
CA VAL A 769 36.88 -15.06 -15.13
C VAL A 769 35.87 -16.17 -15.36
N GLU A 770 35.64 -16.52 -16.63
CA GLU A 770 34.65 -17.54 -16.96
C GLU A 770 35.06 -18.91 -16.43
N GLU A 771 36.32 -19.28 -16.63
CA GLU A 771 36.80 -20.56 -16.14
C GLU A 771 36.76 -20.62 -14.62
N LEU A 772 37.10 -19.53 -13.95
CA LEU A 772 37.03 -19.51 -12.49
C LEU A 772 35.59 -19.63 -12.02
N ARG A 773 34.65 -18.97 -12.70
CA ARG A 773 33.26 -19.07 -12.31
C ARG A 773 32.72 -20.48 -12.54
N ASP A 774 33.23 -21.16 -13.56
CA ASP A 774 32.89 -22.58 -13.73
C ASP A 774 33.48 -23.42 -12.61
N ARG A 775 34.73 -23.13 -12.22
CA ARG A 775 35.40 -23.92 -11.20
C ARG A 775 34.71 -23.79 -9.85
N VAL A 776 34.50 -22.56 -9.39
CA VAL A 776 33.74 -22.30 -8.17
C VAL A 776 32.34 -21.91 -8.63
N LYS A 777 31.39 -22.81 -8.45
CA LYS A 777 30.11 -22.73 -9.14
C LYS A 777 29.20 -21.79 -8.38
N GLY A 778 29.28 -20.51 -8.72
CA GLY A 778 28.37 -19.51 -8.21
C GLY A 778 28.73 -18.92 -6.88
N VAL A 779 29.78 -19.40 -6.23
CA VAL A 779 30.18 -18.89 -4.93
C VAL A 779 31.13 -17.72 -5.18
N SER A 780 30.55 -16.54 -5.36
CA SER A 780 31.29 -15.30 -5.50
C SER A 780 31.33 -14.50 -4.20
N ALA A 781 30.84 -15.08 -3.11
CA ALA A 781 30.80 -14.40 -1.82
C ALA A 781 31.15 -15.39 -0.73
N LYS A 782 31.47 -14.86 0.44
CA LYS A 782 31.83 -15.69 1.59
C LYS A 782 30.60 -15.94 2.45
N PRO A 783 30.21 -17.18 2.69
CA PRO A 783 29.03 -17.45 3.51
C PRO A 783 29.25 -17.07 4.96
N PHE A 784 28.14 -16.77 5.66
CA PHE A 784 28.24 -16.49 7.08
C PHE A 784 27.14 -17.12 7.93
N ILE A 785 26.19 -17.83 7.34
CA ILE A 785 25.19 -18.57 8.09
C ILE A 785 25.10 -19.98 7.52
N GLU A 786 25.15 -20.98 8.40
CA GLU A 786 25.06 -22.37 7.98
C GLU A 786 23.60 -22.78 7.87
N THR A 787 23.18 -23.14 6.68
CA THR A 787 21.80 -23.55 6.40
C THR A 787 21.78 -24.96 5.83
N VAL A 788 20.82 -25.75 6.29
CA VAL A 788 20.66 -27.11 5.77
C VAL A 788 20.00 -27.04 4.41
N PRO A 789 20.57 -27.67 3.37
CA PRO A 789 19.93 -27.66 2.05
C PRO A 789 18.60 -28.39 2.06
N SER A 790 17.51 -27.66 1.83
CA SER A 790 16.18 -28.26 1.81
C SER A 790 15.29 -27.40 0.92
N ILE A 791 13.99 -27.70 0.93
CA ILE A 791 13.00 -27.03 0.10
C ILE A 791 11.96 -26.41 1.01
N ASP A 792 11.68 -25.12 0.80
CA ASP A 792 10.61 -24.45 1.53
C ASP A 792 9.29 -24.78 0.87
N ALA A 793 8.40 -25.45 1.61
CA ALA A 793 7.16 -25.93 1.02
C ALA A 793 6.29 -24.79 0.53
N LEU A 794 6.18 -23.73 1.32
CA LEU A 794 5.29 -22.63 0.97
C LEU A 794 5.72 -21.96 -0.32
N HIS A 795 6.99 -21.58 -0.41
CA HIS A 795 7.46 -20.90 -1.61
C HIS A 795 7.53 -21.83 -2.80
N CYS A 796 7.80 -23.12 -2.58
CA CYS A 796 7.73 -24.08 -3.67
C CYS A 796 6.33 -24.13 -4.25
N ASP A 797 5.31 -24.16 -3.38
CA ASP A 797 3.94 -24.17 -3.84
C ASP A 797 3.60 -22.90 -4.60
N ILE A 798 4.03 -21.75 -4.09
CA ILE A 798 3.73 -20.49 -4.76
C ILE A 798 4.38 -20.42 -6.13
N GLY A 799 5.64 -20.84 -6.23
CA GLY A 799 6.32 -20.82 -7.51
C GLY A 799 5.70 -21.76 -8.52
N ASN A 800 5.32 -22.95 -8.08
CA ASN A 800 4.62 -23.87 -8.97
C ASN A 800 3.30 -23.29 -9.43
N ALA A 801 2.59 -22.59 -8.54
CA ALA A 801 1.34 -21.95 -8.93
C ALA A 801 1.57 -20.89 -9.99
N ALA A 802 2.61 -20.08 -9.84
CA ALA A 802 2.89 -19.04 -10.83
C ALA A 802 3.22 -19.66 -12.18
N GLU A 803 4.02 -20.72 -12.17
CA GLU A 803 4.38 -21.39 -13.41
C GLU A 803 3.15 -21.96 -14.11
N PHE A 804 2.26 -22.59 -13.34
CA PHE A 804 1.04 -23.14 -13.94
C PHE A 804 0.12 -22.03 -14.45
N TYR A 805 0.07 -20.90 -13.75
CA TYR A 805 -0.71 -19.76 -14.21
C TYR A 805 -0.23 -19.29 -15.57
N LYS A 806 1.09 -19.17 -15.73
CA LYS A 806 1.64 -18.76 -17.01
C LYS A 806 1.40 -19.82 -18.08
N ILE A 807 1.46 -21.10 -17.72
CA ILE A 807 1.15 -22.16 -18.68
C ILE A 807 -0.27 -22.00 -19.19
N PHE A 808 -1.21 -21.72 -18.29
CA PHE A 808 -2.59 -21.52 -18.70
C PHE A 808 -2.72 -20.35 -19.65
N GLN A 809 -2.05 -19.23 -19.33
CA GLN A 809 -2.11 -18.07 -20.21
C GLN A 809 -1.59 -18.40 -21.61
N LEU A 810 -0.47 -19.12 -21.67
CA LEU A 810 0.08 -19.50 -22.97
C LEU A 810 -0.84 -20.44 -23.72
N GLU A 811 -1.47 -21.39 -23.02
CA GLU A 811 -2.31 -22.37 -23.68
C GLU A 811 -3.59 -21.76 -24.22
N ILE A 812 -4.13 -20.74 -23.55
CA ILE A 812 -5.39 -20.16 -24.02
C ILE A 812 -5.10 -19.21 -25.16
N GLY A 813 -3.85 -19.21 -25.64
CA GLY A 813 -3.47 -18.39 -26.76
C GLY A 813 -2.88 -19.18 -27.89
N GLU A 814 -2.73 -20.49 -27.69
CA GLU A 814 -2.22 -21.42 -28.70
C GLU A 814 -0.81 -21.00 -29.16
N VAL A 815 0.13 -21.01 -28.21
CA VAL A 815 1.51 -20.71 -28.56
C VAL A 815 2.23 -21.94 -29.11
N TYR A 816 1.66 -23.13 -28.95
CA TYR A 816 2.32 -24.33 -29.45
C TYR A 816 2.33 -24.39 -30.98
N LYS A 817 1.50 -23.59 -31.64
CA LYS A 817 1.54 -23.48 -33.09
C LYS A 817 1.65 -22.04 -33.58
N HIS A 818 1.69 -21.05 -32.68
CA HIS A 818 1.91 -19.65 -33.03
C HIS A 818 3.06 -19.15 -32.17
N PRO A 819 4.30 -19.40 -32.60
CA PRO A 819 5.45 -19.10 -31.72
C PRO A 819 5.56 -17.64 -31.33
N ASN A 820 5.18 -16.71 -32.19
CA ASN A 820 5.34 -15.29 -31.93
C ASN A 820 3.98 -14.65 -31.71
N ALA A 821 3.87 -13.86 -30.65
CA ALA A 821 2.67 -13.11 -30.34
C ALA A 821 3.05 -11.70 -29.94
N SER A 822 2.13 -10.76 -30.19
CA SER A 822 2.39 -9.38 -29.85
C SER A 822 2.29 -9.15 -28.35
N LYS A 823 2.91 -8.08 -27.89
CA LYS A 823 2.85 -7.74 -26.48
C LYS A 823 1.46 -7.32 -26.04
N GLU A 824 0.62 -6.88 -26.98
CA GLU A 824 -0.73 -6.46 -26.66
C GLU A 824 -1.73 -7.63 -26.65
N GLU A 825 -1.32 -8.81 -27.10
CA GLU A 825 -2.19 -9.97 -27.12
C GLU A 825 -2.02 -10.86 -25.89
N ARG A 826 -0.82 -10.92 -25.33
CA ARG A 826 -0.63 -11.67 -24.10
C ARG A 826 -1.40 -11.05 -22.94
N LYS A 827 -1.51 -9.72 -22.92
CA LYS A 827 -2.33 -9.06 -21.91
C LYS A 827 -3.79 -9.47 -22.07
N ARG A 828 -4.26 -9.60 -23.30
CA ARG A 828 -5.64 -10.04 -23.54
C ARG A 828 -5.83 -11.47 -23.06
N TRP A 829 -4.84 -12.33 -23.30
CA TRP A 829 -4.91 -13.70 -22.81
C TRP A 829 -5.04 -13.72 -21.29
N GLN A 830 -4.22 -12.92 -20.61
CA GLN A 830 -4.28 -12.86 -19.16
C GLN A 830 -5.63 -12.33 -18.68
N ALA A 831 -6.17 -11.33 -19.37
CA ALA A 831 -7.47 -10.78 -18.98
C ALA A 831 -8.56 -11.84 -19.10
N THR A 832 -8.54 -12.61 -20.19
CA THR A 832 -9.52 -13.67 -20.36
C THR A 832 -9.41 -14.71 -19.27
N LEU A 833 -8.17 -15.13 -18.95
CA LEU A 833 -8.00 -16.11 -17.88
C LEU A 833 -8.51 -15.57 -16.55
N ASP A 834 -8.22 -14.31 -16.25
CA ASP A 834 -8.65 -13.72 -14.98
C ASP A 834 -10.17 -13.66 -14.89
N LYS A 835 -10.82 -13.21 -15.97
CA LYS A 835 -12.28 -13.13 -15.95
C LYS A 835 -12.90 -14.50 -15.75
N HIS A 836 -12.40 -15.51 -16.47
CA HIS A 836 -13.01 -16.83 -16.35
C HIS A 836 -12.74 -17.44 -14.97
N LEU A 837 -11.56 -17.19 -14.41
CA LEU A 837 -11.26 -17.69 -13.07
C LEU A 837 -12.18 -17.07 -12.04
N ARG A 838 -12.42 -15.75 -12.14
CA ARG A 838 -13.39 -15.13 -11.24
C ARG A 838 -14.78 -15.70 -11.43
N LYS A 839 -15.16 -15.95 -12.69
CA LYS A 839 -16.50 -16.46 -12.96
C LYS A 839 -16.72 -17.86 -12.40
N ARG A 840 -15.72 -18.73 -12.51
CA ARG A 840 -15.89 -20.14 -12.14
C ARG A 840 -15.35 -20.47 -10.75
N MET A 841 -14.08 -20.20 -10.49
CA MET A 841 -13.44 -20.60 -9.25
C MET A 841 -13.52 -19.54 -8.16
N ASN A 842 -14.21 -18.42 -8.41
CA ASN A 842 -14.43 -17.38 -7.40
C ASN A 842 -13.11 -16.84 -6.86
N LEU A 843 -12.15 -16.63 -7.75
CA LEU A 843 -10.85 -16.08 -7.39
C LEU A 843 -10.72 -14.70 -8.03
N LYS A 844 -10.47 -13.71 -7.20
CA LYS A 844 -10.16 -12.41 -7.78
C LYS A 844 -8.71 -12.39 -8.25
N PRO A 845 -8.38 -11.58 -9.23
CA PRO A 845 -6.98 -11.41 -9.60
C PRO A 845 -6.20 -10.74 -8.48
N ILE A 846 -4.93 -11.13 -8.37
CA ILE A 846 -4.03 -10.56 -7.38
C ILE A 846 -2.72 -10.20 -8.07
N MET A 847 -1.97 -9.30 -7.43
CA MET A 847 -0.73 -8.82 -8.02
C MET A 847 0.36 -9.88 -7.93
N ARG A 848 0.73 -10.26 -6.72
CA ARG A 848 1.68 -11.36 -6.52
C ARG A 848 0.89 -12.65 -6.35
N MET A 849 1.57 -13.72 -5.97
CA MET A 849 0.94 -15.01 -5.77
C MET A 849 1.13 -15.44 -4.32
N ASN A 850 0.04 -15.82 -3.68
CA ASN A 850 0.04 -16.25 -2.29
C ASN A 850 -0.45 -17.69 -2.21
N GLY A 851 -0.42 -18.23 -0.99
CA GLY A 851 -0.68 -19.65 -0.81
C GLY A 851 -2.11 -20.06 -1.10
N ASN A 852 -3.07 -19.25 -0.66
CA ASN A 852 -4.47 -19.62 -0.85
C ASN A 852 -4.83 -19.69 -2.32
N PHE A 853 -4.32 -18.74 -3.12
CA PHE A 853 -4.53 -18.81 -4.56
C PHE A 853 -3.93 -20.08 -5.14
N ALA A 854 -2.76 -20.48 -4.64
CA ALA A 854 -2.15 -21.73 -5.10
C ALA A 854 -3.03 -22.93 -4.77
N ARG A 855 -3.56 -22.97 -3.55
CA ARG A 855 -4.38 -24.11 -3.14
C ARG A 855 -5.66 -24.19 -3.95
N LYS A 856 -6.29 -23.06 -4.24
CA LYS A 856 -7.50 -23.07 -5.04
C LYS A 856 -7.23 -23.18 -6.53
N LEU A 857 -6.00 -22.97 -6.97
CA LEU A 857 -5.65 -23.07 -8.38
C LEU A 857 -5.18 -24.45 -8.78
N MET A 858 -4.52 -25.16 -7.88
CA MET A 858 -3.97 -26.47 -8.21
C MET A 858 -4.98 -27.59 -8.06
N THR A 859 -6.28 -27.28 -8.13
CA THR A 859 -7.31 -28.30 -8.13
C THR A 859 -7.68 -28.66 -9.56
N GLN A 860 -8.31 -29.82 -9.71
CA GLN A 860 -8.72 -30.28 -11.04
C GLN A 860 -9.89 -29.45 -11.58
N GLU A 861 -10.70 -28.88 -10.69
CA GLU A 861 -11.80 -28.05 -11.13
C GLU A 861 -11.30 -26.82 -11.88
N THR A 862 -10.17 -26.26 -11.45
CA THR A 862 -9.60 -25.12 -12.15
C THR A 862 -9.21 -25.49 -13.57
N VAL A 863 -8.61 -26.66 -13.74
CA VAL A 863 -8.24 -27.11 -15.08
C VAL A 863 -9.48 -27.32 -15.93
N ASP A 864 -10.52 -27.91 -15.34
CA ASP A 864 -11.77 -28.11 -16.09
C ASP A 864 -12.36 -26.78 -16.52
N ALA A 865 -12.34 -25.78 -15.65
CA ALA A 865 -12.85 -24.46 -16.01
C ALA A 865 -12.01 -23.81 -17.09
N VAL A 866 -10.68 -23.92 -16.99
CA VAL A 866 -9.79 -23.30 -17.96
C VAL A 866 -9.92 -23.95 -19.32
N CYS A 867 -10.15 -25.26 -19.37
CA CYS A 867 -10.18 -25.97 -20.63
C CYS A 867 -11.29 -25.47 -21.56
N GLU A 868 -12.29 -24.78 -21.04
CA GLU A 868 -13.32 -24.20 -21.89
C GLU A 868 -12.78 -23.09 -22.78
N LEU A 869 -11.63 -22.52 -22.43
CA LEU A 869 -11.01 -21.47 -23.23
C LEU A 869 -9.99 -22.00 -24.23
N ILE A 870 -9.66 -23.29 -24.18
CA ILE A 870 -8.68 -23.89 -25.07
C ILE A 870 -9.43 -24.53 -26.23
N PRO A 871 -9.22 -24.09 -27.47
CA PRO A 871 -9.96 -24.67 -28.59
C PRO A 871 -9.73 -26.16 -28.79
N SER A 872 -8.51 -26.63 -28.58
CA SER A 872 -8.18 -28.01 -28.92
C SER A 872 -8.59 -28.96 -27.79
N GLU A 873 -8.42 -30.26 -28.05
CA GLU A 873 -8.73 -31.30 -27.08
C GLU A 873 -7.51 -32.06 -26.60
N GLU A 874 -6.52 -32.27 -27.48
CA GLU A 874 -5.26 -32.85 -27.04
C GLU A 874 -4.60 -31.98 -25.99
N ARG A 875 -4.75 -30.66 -26.10
CA ARG A 875 -4.25 -29.78 -25.05
C ARG A 875 -5.01 -29.99 -23.75
N HIS A 876 -6.32 -30.24 -23.83
CA HIS A 876 -7.08 -30.57 -22.63
C HIS A 876 -6.49 -31.80 -21.95
N GLU A 877 -6.23 -32.85 -22.72
CA GLU A 877 -5.68 -34.06 -22.14
C GLU A 877 -4.32 -33.81 -21.51
N ALA A 878 -3.46 -33.07 -22.20
CA ALA A 878 -2.12 -32.80 -21.68
C ALA A 878 -2.18 -32.03 -20.38
N LEU A 879 -2.98 -30.96 -20.35
CA LEU A 879 -3.06 -30.14 -19.14
C LEU A 879 -3.66 -30.92 -17.97
N ARG A 880 -4.70 -31.74 -18.25
CA ARG A 880 -5.29 -32.55 -17.19
C ARG A 880 -4.29 -33.54 -16.63
N GLU A 881 -3.51 -34.19 -17.51
CA GLU A 881 -2.49 -35.13 -17.04
C GLU A 881 -1.45 -34.43 -16.19
N LEU A 882 -1.03 -33.22 -16.61
CA LEU A 882 -0.05 -32.49 -15.84
C LEU A 882 -0.56 -32.15 -14.44
N MET A 883 -1.81 -31.68 -14.36
CA MET A 883 -2.36 -31.33 -13.05
C MET A 883 -2.53 -32.57 -12.17
N ASP A 884 -2.94 -33.69 -12.75
CA ASP A 884 -3.09 -34.91 -11.96
C ASP A 884 -1.74 -35.37 -11.41
N LEU A 885 -0.70 -35.33 -12.23
CA LEU A 885 0.63 -35.69 -11.75
C LEU A 885 1.09 -34.76 -10.64
N TYR A 886 0.86 -33.45 -10.81
CA TYR A 886 1.29 -32.52 -9.78
C TYR A 886 0.56 -32.74 -8.47
N LEU A 887 -0.75 -32.99 -8.54
CA LEU A 887 -1.51 -33.24 -7.31
C LEU A 887 -1.13 -34.56 -6.67
N LYS A 888 -0.67 -35.52 -7.47
CA LYS A 888 -0.20 -36.77 -6.89
C LYS A 888 1.14 -36.60 -6.21
N MET A 889 1.99 -35.70 -6.72
CA MET A 889 3.31 -35.50 -6.13
C MET A 889 3.28 -34.54 -4.94
N LYS A 890 2.32 -33.62 -4.89
CA LYS A 890 2.38 -32.56 -3.90
C LYS A 890 2.33 -33.05 -2.45
N PRO A 891 1.44 -33.96 -2.05
CA PRO A 891 1.37 -34.32 -0.62
C PRO A 891 2.61 -34.99 -0.07
N VAL A 892 3.67 -35.17 -0.86
CA VAL A 892 4.90 -35.74 -0.33
C VAL A 892 5.77 -34.66 0.28
N TRP A 893 5.86 -33.48 -0.36
CA TRP A 893 6.64 -32.38 0.18
C TRP A 893 5.77 -31.36 0.92
N ARG A 894 4.61 -31.78 1.42
CA ARG A 894 3.76 -30.90 2.22
C ARG A 894 3.24 -31.52 3.50
N SER A 895 3.26 -32.84 3.65
CA SER A 895 2.75 -33.48 4.84
C SER A 895 3.83 -33.51 5.94
N SER A 896 3.37 -33.66 7.17
CA SER A 896 4.27 -33.67 8.32
C SER A 896 4.83 -35.04 8.65
N CYS A 897 4.33 -36.09 8.01
CA CYS A 897 4.84 -37.43 8.21
C CYS A 897 4.46 -38.31 7.03
N PRO A 898 5.14 -38.18 5.90
CA PRO A 898 4.70 -38.89 4.69
C PRO A 898 4.67 -40.39 4.83
N ALA A 899 5.57 -40.98 5.62
CA ALA A 899 5.60 -42.43 5.74
C ALA A 899 4.37 -42.97 6.46
N LYS A 900 3.72 -42.14 7.27
CA LYS A 900 2.53 -42.54 8.01
C LYS A 900 1.27 -41.88 7.50
N GLU A 901 1.36 -40.99 6.51
CA GLU A 901 0.20 -40.27 6.01
C GLU A 901 -0.06 -40.54 4.53
N CYS A 902 0.97 -40.51 3.70
CA CYS A 902 0.84 -40.78 2.27
C CYS A 902 1.93 -41.75 1.82
N PRO A 903 1.89 -43.00 2.29
CA PRO A 903 2.97 -43.93 1.94
C PRO A 903 2.94 -44.36 0.50
N GLU A 904 1.75 -44.62 -0.06
CA GLU A 904 1.67 -44.96 -1.48
C GLU A 904 2.16 -43.82 -2.35
N SER A 905 1.79 -42.58 -1.98
CA SER A 905 2.26 -41.43 -2.75
C SER A 905 3.78 -41.30 -2.67
N LEU A 906 4.35 -41.52 -1.48
CA LEU A 906 5.81 -41.44 -1.34
C LEU A 906 6.50 -42.51 -2.16
N CYS A 907 5.99 -43.73 -2.14
N CYS A 907 5.99 -43.73 -2.14
CA CYS A 907 6.61 -44.82 -2.91
CA CYS A 907 6.61 -44.82 -2.91
C CYS A 907 6.51 -44.56 -4.40
C CYS A 907 6.51 -44.56 -4.40
N GLN A 908 5.35 -44.11 -4.88
CA GLN A 908 5.16 -43.81 -6.29
C GLN A 908 5.44 -42.34 -6.57
N TYR A 909 6.69 -41.95 -6.32
CA TYR A 909 7.13 -40.58 -6.55
C TYR A 909 8.14 -40.46 -7.68
N SER A 910 9.10 -41.38 -7.75
CA SER A 910 10.05 -41.37 -8.87
C SER A 910 9.33 -41.59 -10.19
N PHE A 911 8.39 -42.53 -10.23
CA PHE A 911 7.65 -42.80 -11.46
C PHE A 911 6.86 -41.57 -11.89
N ASN A 912 6.18 -40.93 -10.95
CA ASN A 912 5.40 -39.74 -11.29
C ASN A 912 6.30 -38.58 -11.70
N SER A 913 7.48 -38.45 -11.07
CA SER A 913 8.40 -37.40 -11.48
C SER A 913 8.90 -37.61 -12.89
N GLN A 914 9.24 -38.86 -13.24
CA GLN A 914 9.67 -39.15 -14.60
C GLN A 914 8.56 -38.86 -15.61
N ARG A 915 7.33 -39.25 -15.28
CA ARG A 915 6.22 -38.97 -16.18
C ARG A 915 6.01 -37.47 -16.34
N PHE A 916 6.12 -36.72 -15.25
CA PHE A 916 5.95 -35.27 -15.30
C PHE A 916 7.03 -34.64 -16.17
N ALA A 917 8.28 -35.07 -16.00
CA ALA A 917 9.37 -34.51 -16.80
C ALA A 917 9.20 -34.84 -18.27
N GLU A 918 8.77 -36.08 -18.57
CA GLU A 918 8.54 -36.45 -19.96
C GLU A 918 7.45 -35.61 -20.58
N LEU A 919 6.35 -35.41 -19.86
CA LEU A 919 5.26 -34.59 -20.38
C LEU A 919 5.72 -33.17 -20.59
N LEU A 920 6.52 -32.64 -19.66
CA LEU A 920 7.01 -31.27 -19.78
C LEU A 920 7.92 -31.10 -20.98
N SER A 921 8.78 -32.08 -21.23
CA SER A 921 9.70 -31.99 -22.36
C SER A 921 9.05 -32.30 -23.69
N THR A 922 7.92 -33.03 -23.70
CA THR A 922 7.29 -33.38 -24.96
C THR A 922 6.19 -32.40 -25.36
N LYS A 923 5.18 -32.23 -24.51
CA LYS A 923 4.00 -31.45 -24.88
C LYS A 923 4.04 -30.02 -24.37
N PHE A 924 5.16 -29.58 -23.80
CA PHE A 924 5.29 -28.19 -23.41
C PHE A 924 6.69 -27.66 -23.73
N LYS A 925 7.29 -28.14 -24.82
CA LYS A 925 8.65 -27.74 -25.17
C LYS A 925 8.73 -26.30 -25.62
N TYR A 926 7.61 -25.65 -25.88
CA TYR A 926 7.66 -24.25 -26.28
C TYR A 926 8.05 -23.32 -25.14
N ARG A 927 8.10 -23.83 -23.91
CA ARG A 927 8.51 -22.99 -22.80
C ARG A 927 9.64 -23.64 -22.01
N TYR A 928 9.68 -24.97 -21.97
CA TYR A 928 10.71 -25.71 -21.25
C TYR A 928 11.56 -26.45 -22.27
N GLU A 929 12.52 -25.73 -22.83
CA GLU A 929 13.53 -26.32 -23.72
C GLU A 929 14.77 -25.45 -23.58
N GLY A 930 15.72 -25.89 -22.76
CA GLY A 930 16.85 -25.08 -22.42
C GLY A 930 16.63 -24.17 -21.24
N LYS A 931 15.43 -24.16 -20.66
CA LYS A 931 15.16 -23.35 -19.47
C LYS A 931 14.11 -24.06 -18.62
N ILE A 932 14.44 -24.33 -17.36
CA ILE A 932 13.51 -24.91 -16.41
C ILE A 932 13.52 -24.06 -15.16
N THR A 933 12.44 -24.13 -14.40
CA THR A 933 12.30 -23.34 -13.20
C THR A 933 12.99 -24.03 -12.03
N ASN A 934 13.52 -23.22 -11.11
CA ASN A 934 14.26 -23.74 -9.97
C ASN A 934 13.39 -24.66 -9.13
N TYR A 935 12.15 -24.26 -8.89
CA TYR A 935 11.28 -25.06 -8.03
C TYR A 935 10.86 -26.34 -8.73
N PHE A 936 10.65 -26.30 -10.04
CA PHE A 936 10.38 -27.54 -10.77
C PHE A 936 11.56 -28.49 -10.67
N HIS A 937 12.77 -27.97 -10.81
CA HIS A 937 13.96 -28.80 -10.69
C HIS A 937 14.05 -29.44 -9.31
N LYS A 938 13.87 -28.63 -8.26
CA LYS A 938 13.96 -29.14 -6.90
C LYS A 938 12.92 -30.22 -6.66
N THR A 939 11.67 -29.94 -7.06
CA THR A 939 10.59 -30.88 -6.81
C THR A 939 10.82 -32.20 -7.55
N LEU A 940 11.29 -32.13 -8.79
CA LEU A 940 11.46 -33.35 -9.56
C LEU A 940 12.72 -34.11 -9.17
N ALA A 941 13.71 -33.46 -8.57
CA ALA A 941 15.00 -34.09 -8.34
C ALA A 941 15.25 -34.49 -6.90
N HIS A 942 15.10 -33.58 -5.95
CA HIS A 942 15.69 -33.77 -4.63
C HIS A 942 14.71 -34.18 -3.54
N VAL A 943 13.42 -34.29 -3.84
CA VAL A 943 12.43 -34.55 -2.79
C VAL A 943 12.60 -35.92 -2.14
N PRO A 944 12.74 -37.03 -2.88
CA PRO A 944 12.95 -38.31 -2.19
C PRO A 944 14.19 -38.33 -1.32
N GLU A 945 15.29 -37.74 -1.79
CA GLU A 945 16.52 -37.73 -1.02
C GLU A 945 16.37 -36.90 0.24
N ILE A 946 15.69 -35.75 0.16
CA ILE A 946 15.48 -34.93 1.35
C ILE A 946 14.58 -35.67 2.35
N ILE A 947 13.56 -36.36 1.85
CA ILE A 947 12.69 -37.13 2.74
C ILE A 947 13.49 -38.19 3.47
N GLU A 948 14.33 -38.92 2.73
CA GLU A 948 15.15 -39.95 3.35
C GLU A 948 16.10 -39.36 4.38
N ARG A 949 16.66 -38.19 4.10
CA ARG A 949 17.61 -37.58 5.02
C ARG A 949 16.94 -37.09 6.29
N ASP A 950 15.83 -36.36 6.16
CA ASP A 950 15.22 -35.68 7.30
C ASP A 950 14.08 -36.48 7.91
N GLY A 951 13.06 -36.79 7.13
CA GLY A 951 11.88 -37.44 7.67
C GLY A 951 10.60 -36.80 7.16
N SER A 952 10.65 -35.49 6.90
CA SER A 952 9.48 -34.78 6.40
C SER A 952 9.93 -33.44 5.83
N ILE A 953 9.36 -33.07 4.69
CA ILE A 953 9.46 -31.73 4.15
C ILE A 953 8.10 -31.06 4.34
N GLY A 954 8.10 -29.89 4.95
CA GLY A 954 6.85 -29.22 5.24
C GLY A 954 6.75 -28.94 6.72
N ALA A 955 7.23 -29.88 7.53
CA ALA A 955 7.42 -29.61 8.94
C ALA A 955 8.57 -28.65 9.17
N TRP A 956 9.37 -28.37 8.14
CA TRP A 956 10.52 -27.47 8.22
C TRP A 956 10.36 -26.28 7.29
N ALA A 957 9.12 -25.87 7.02
CA ALA A 957 8.86 -24.77 6.12
C ALA A 957 8.86 -23.44 6.86
N SER A 958 8.87 -22.36 6.10
CA SER A 958 8.86 -21.01 6.64
C SER A 958 7.49 -20.54 7.06
N GLU A 959 6.53 -21.47 7.13
CA GLU A 959 5.15 -21.10 7.44
C GLU A 959 5.05 -20.48 8.82
N GLY A 960 5.81 -20.99 9.79
CA GLY A 960 5.74 -20.45 11.13
C GLY A 960 6.18 -18.99 11.19
N ASN A 961 7.30 -18.68 10.55
CA ASN A 961 7.77 -17.30 10.54
C ASN A 961 6.84 -16.40 9.75
N GLU A 962 6.31 -16.88 8.62
CA GLU A 962 5.39 -16.06 7.85
C GLU A 962 4.13 -15.77 8.65
N SER A 963 3.63 -16.76 9.38
CA SER A 963 2.46 -16.53 10.24
C SER A 963 2.80 -15.56 11.37
N GLY A 964 4.01 -15.66 11.92
CA GLY A 964 4.41 -14.76 12.98
C GLY A 964 4.60 -13.33 12.52
N ASN A 965 4.82 -13.11 11.23
CA ASN A 965 4.89 -11.75 10.72
C ASN A 965 3.57 -11.01 10.95
N LYS A 966 2.45 -11.72 10.81
CA LYS A 966 1.15 -11.14 11.08
C LYS A 966 1.05 -10.68 12.53
N LEU A 967 1.51 -11.53 13.45
CA LEU A 967 1.54 -11.14 14.86
C LEU A 967 2.46 -9.96 15.08
N PHE A 968 3.57 -9.90 14.35
CA PHE A 968 4.50 -8.78 14.48
C PHE A 968 3.82 -7.47 14.11
N ARG A 969 3.11 -7.45 12.99
CA ARG A 969 2.41 -6.24 12.59
C ARG A 969 1.33 -5.87 13.60
N ARG A 970 0.55 -6.85 14.05
CA ARG A 970 -0.50 -6.58 15.01
C ARG A 970 0.06 -6.02 16.31
N PHE A 971 1.17 -6.57 16.79
CA PHE A 971 1.76 -6.13 18.04
C PHE A 971 2.38 -4.75 17.89
N ARG A 972 3.10 -4.51 16.81
CA ARG A 972 3.68 -3.20 16.57
C ARG A 972 2.59 -2.14 16.48
N LYS A 973 1.39 -2.50 16.02
CA LYS A 973 0.33 -1.52 15.94
C LYS A 973 -0.36 -1.30 17.28
N MET A 974 -0.75 -2.38 17.98
CA MET A 974 -1.64 -2.19 19.12
C MET A 974 -1.25 -2.98 20.36
N ASN A 975 0.02 -3.36 20.52
CA ASN A 975 0.46 -3.96 21.77
C ASN A 975 1.87 -3.52 22.16
N ALA A 976 2.33 -2.37 21.67
CA ALA A 976 3.67 -1.89 21.97
C ALA A 976 3.67 -0.38 22.00
N ARG A 977 4.65 0.18 22.72
CA ARG A 977 4.77 1.63 22.80
C ARG A 977 5.09 2.19 21.42
N GLN A 978 4.51 3.34 21.12
CA GLN A 978 4.64 3.92 19.80
C GLN A 978 5.89 4.76 19.63
N SER A 979 6.74 4.84 20.65
CA SER A 979 7.99 5.54 20.52
C SER A 979 8.95 4.76 19.63
N LYS A 980 9.92 5.48 19.06
CA LYS A 980 10.87 4.89 18.15
C LYS A 980 11.97 4.11 18.85
N CYS A 981 12.09 4.24 20.17
CA CYS A 981 13.17 3.60 20.91
C CYS A 981 12.67 2.56 21.92
N TYR A 982 11.40 2.16 21.82
CA TYR A 982 10.85 1.13 22.70
C TYR A 982 10.02 0.09 21.97
N GLU A 983 9.63 0.33 20.72
CA GLU A 983 8.67 -0.53 20.05
C GLU A 983 9.24 -1.93 19.84
N MET A 984 10.51 -2.03 19.43
CA MET A 984 11.07 -3.35 19.17
C MET A 984 11.17 -4.16 20.45
N GLU A 985 11.59 -3.54 21.55
CA GLU A 985 11.67 -4.24 22.83
C GLU A 985 10.29 -4.74 23.25
N ASP A 986 9.28 -3.87 23.17
CA ASP A 986 7.94 -4.26 23.59
C ASP A 986 7.41 -5.40 22.73
N VAL A 987 7.58 -5.30 21.42
CA VAL A 987 7.08 -6.34 20.52
C VAL A 987 7.78 -7.66 20.80
N LEU A 988 9.09 -7.62 21.01
CA LEU A 988 9.83 -8.85 21.28
C LEU A 988 9.33 -9.51 22.56
N LYS A 989 9.16 -8.74 23.63
CA LYS A 989 8.70 -9.31 24.88
C LYS A 989 7.29 -9.89 24.75
N HIS A 990 6.39 -9.15 24.11
CA HIS A 990 5.02 -9.63 23.99
C HIS A 990 4.95 -10.87 23.11
N HIS A 991 5.73 -10.92 22.04
CA HIS A 991 5.75 -12.08 21.18
C HIS A 991 6.28 -13.31 21.92
N TRP A 992 7.34 -13.12 22.71
CA TRP A 992 7.86 -14.24 23.48
C TRP A 992 6.83 -14.74 24.48
N LEU A 993 6.10 -13.82 25.12
CA LEU A 993 5.04 -14.24 26.04
C LEU A 993 3.93 -14.97 25.32
N TYR A 994 3.56 -14.50 24.13
CA TYR A 994 2.49 -15.14 23.37
C TYR A 994 2.87 -16.57 23.00
N THR A 995 4.13 -16.78 22.63
CA THR A 995 4.61 -18.13 22.27
C THR A 995 5.13 -18.87 23.50
N SER A 996 4.25 -19.06 24.48
CA SER A 996 4.62 -19.70 25.75
C SER A 996 3.61 -20.78 26.09
N LYS A 997 4.09 -22.02 26.17
CA LYS A 997 3.21 -23.15 26.41
C LYS A 997 2.63 -23.12 27.81
N TYR A 998 3.35 -22.56 28.77
CA TYR A 998 2.83 -22.46 30.13
C TYR A 998 1.57 -21.62 30.17
N LEU A 999 1.56 -20.50 29.45
CA LEU A 999 0.36 -19.67 29.39
C LEU A 999 -0.70 -20.28 28.49
N GLN A 1000 -0.29 -20.87 27.36
CA GLN A 1000 -1.26 -21.47 26.46
C GLN A 1000 -1.98 -22.67 27.08
N LYS A 1001 -1.38 -23.29 28.09
CA LYS A 1001 -2.03 -24.44 28.72
C LYS A 1001 -3.26 -24.03 29.51
N PHE A 1002 -3.28 -22.81 30.04
CA PHE A 1002 -4.43 -22.35 30.81
C PHE A 1002 -5.66 -22.15 29.93
N MET A 1003 -5.46 -21.66 28.70
CA MET A 1003 -6.59 -21.46 27.80
C MET A 1003 -7.25 -22.76 27.41
N ASN A 1004 -6.58 -23.90 27.61
CA ASN A 1004 -7.17 -25.22 27.44
C ASN A 1004 -7.53 -25.88 28.76
N ALA A 1005 -7.88 -25.07 29.76
CA ALA A 1005 -8.21 -25.62 31.07
C ALA A 1005 -9.61 -26.20 31.14
N HIS A 1006 -10.47 -25.89 30.16
CA HIS A 1006 -11.82 -26.41 30.18
C HIS A 1006 -11.84 -27.93 30.02
N ASN A 1007 -11.00 -28.44 29.13
CA ASN A 1007 -10.88 -29.88 28.93
C ASN A 1007 -9.60 -30.38 29.58
N ALA A 1008 -9.73 -31.32 30.50
CA ALA A 1008 -8.58 -31.86 31.21
C ALA A 1008 -8.84 -33.29 31.67
N MET B 1 39.29 27.23 -5.78
CA MET B 1 38.57 25.98 -5.53
C MET B 1 37.11 26.09 -5.97
N SER B 2 36.72 25.29 -6.94
CA SER B 2 35.39 25.34 -7.53
C SER B 2 34.62 24.07 -7.22
N LEU B 3 33.32 24.22 -6.97
CA LEU B 3 32.45 23.12 -6.59
C LEU B 3 31.40 22.90 -7.68
N GLN B 4 31.30 21.67 -8.16
CA GLN B 4 30.34 21.32 -9.21
C GLN B 4 29.57 20.08 -8.80
N MET B 5 28.36 19.96 -9.32
CA MET B 5 27.47 18.86 -9.00
C MET B 5 27.57 17.81 -10.10
N VAL B 6 27.82 16.56 -9.70
CA VAL B 6 28.04 15.47 -10.65
C VAL B 6 26.87 14.51 -10.56
N THR B 7 26.28 14.22 -11.72
CA THR B 7 25.19 13.26 -11.81
C THR B 7 25.77 11.89 -12.09
N VAL B 8 25.20 10.86 -11.46
CA VAL B 8 25.72 9.52 -11.53
C VAL B 8 24.70 8.63 -12.23
N GLY B 9 25.21 7.62 -12.94
CA GLY B 9 24.40 6.80 -13.82
C GLY B 9 23.57 5.76 -13.11
N HIS B 10 23.57 4.54 -13.60
CA HIS B 10 22.66 3.50 -13.13
C HIS B 10 23.26 2.62 -12.05
N ASN B 11 24.46 2.90 -11.58
CA ASN B 11 25.09 2.09 -10.54
C ASN B 11 25.44 2.92 -9.31
N ILE B 12 24.59 3.90 -9.00
CA ILE B 12 24.79 4.73 -7.81
C ILE B 12 24.89 3.87 -6.57
N ALA B 13 24.04 2.84 -6.48
CA ALA B 13 24.02 1.97 -5.31
C ALA B 13 25.35 1.31 -5.03
N LEU B 14 26.31 1.41 -5.95
CA LEU B 14 27.61 0.78 -5.72
C LEU B 14 28.56 1.67 -4.95
N ILE B 15 28.18 2.90 -4.62
CA ILE B 15 29.06 3.83 -3.93
C ILE B 15 28.59 3.94 -2.49
N GLN B 16 29.51 3.68 -1.57
CA GLN B 16 29.27 3.67 -0.13
C GLN B 16 30.41 4.39 0.56
N PRO B 17 30.21 4.87 1.78
CA PRO B 17 31.31 5.50 2.51
C PRO B 17 32.48 4.55 2.68
N GLY B 18 33.68 5.09 2.54
CA GLY B 18 34.89 4.31 2.68
C GLY B 18 35.43 3.70 1.41
N PHE B 19 34.96 4.11 0.25
CA PHE B 19 35.49 3.60 -0.99
C PHE B 19 36.88 4.16 -1.25
N SER B 20 37.59 3.52 -2.18
CA SER B 20 38.94 3.92 -2.55
C SER B 20 38.99 4.24 -4.03
N LEU B 21 39.77 5.27 -4.36
CA LEU B 21 39.99 5.70 -5.73
C LEU B 21 41.47 5.63 -6.04
N MET B 22 41.79 5.13 -7.23
CA MET B 22 43.18 4.93 -7.65
C MET B 22 43.41 5.64 -8.97
N ASN B 23 44.63 6.10 -9.18
CA ASN B 23 45.00 6.84 -10.38
C ASN B 23 46.13 6.11 -11.08
N PHE B 24 45.89 5.72 -12.34
CA PHE B 24 46.89 5.04 -13.17
C PHE B 24 47.05 5.83 -14.46
N ASP B 25 48.14 6.58 -14.56
CA ASP B 25 48.50 7.28 -15.79
C ASP B 25 47.35 8.15 -16.29
N GLY B 26 46.74 8.88 -15.37
CA GLY B 26 45.67 9.77 -15.74
C GLY B 26 44.31 9.14 -15.88
N GLN B 27 44.17 7.88 -15.51
CA GLN B 27 42.89 7.17 -15.55
C GLN B 27 42.46 6.88 -14.13
N VAL B 28 41.20 7.16 -13.81
CA VAL B 28 40.69 7.02 -12.45
C VAL B 28 39.91 5.73 -12.33
N PHE B 29 40.16 4.97 -11.27
CA PHE B 29 39.47 3.71 -11.04
C PHE B 29 38.92 3.67 -9.61
N PHE B 30 37.90 2.85 -9.43
CA PHE B 30 37.06 2.81 -8.24
C PHE B 30 37.07 1.41 -7.64
N PHE B 31 37.16 1.33 -6.31
CA PHE B 31 37.23 0.06 -5.62
C PHE B 31 36.54 0.17 -4.27
N GLY B 32 35.90 -0.91 -3.86
CA GLY B 32 35.17 -0.91 -2.60
C GLY B 32 33.68 -0.63 -2.70
N GLN B 33 32.98 -1.41 -3.52
CA GLN B 33 31.56 -1.21 -3.71
C GLN B 33 30.77 -1.70 -2.51
N LYS B 34 29.47 -1.43 -2.53
CA LYS B 34 28.56 -1.91 -1.51
C LYS B 34 28.02 -3.28 -1.88
N GLY B 35 28.17 -4.24 -0.98
CA GLY B 35 27.75 -5.59 -1.24
C GLY B 35 28.78 -6.36 -2.03
N TRP B 36 28.59 -7.67 -2.08
CA TRP B 36 29.51 -8.53 -2.80
C TRP B 36 29.40 -8.27 -4.30
N PRO B 37 30.46 -8.54 -5.05
CA PRO B 37 30.42 -8.28 -6.50
C PRO B 37 29.32 -9.08 -7.17
N LYS B 38 28.63 -8.44 -8.11
CA LYS B 38 27.53 -9.07 -8.82
C LYS B 38 28.05 -9.70 -10.10
N ARG B 39 27.13 -10.20 -10.93
CA ARG B 39 27.55 -10.88 -12.16
C ARG B 39 28.00 -9.88 -13.22
N SER B 40 27.48 -8.65 -13.17
CA SER B 40 27.88 -7.66 -14.17
C SER B 40 29.36 -7.30 -14.04
N CYS B 41 29.84 -7.11 -12.81
CA CYS B 41 31.24 -6.74 -12.55
C CYS B 41 31.81 -7.66 -11.47
N PRO B 42 32.25 -8.86 -11.86
CA PRO B 42 32.79 -9.79 -10.85
C PRO B 42 34.00 -9.27 -10.10
N THR B 43 34.85 -8.48 -10.76
CA THR B 43 36.08 -8.03 -10.12
C THR B 43 35.80 -7.07 -8.98
N GLY B 44 34.82 -6.19 -9.15
CA GLY B 44 34.55 -5.16 -8.18
C GLY B 44 35.29 -3.87 -8.41
N VAL B 45 36.16 -3.81 -9.42
CA VAL B 45 36.93 -2.63 -9.75
C VAL B 45 36.34 -1.99 -10.99
N PHE B 46 36.02 -0.71 -10.90
CA PHE B 46 35.32 0.01 -11.95
C PHE B 46 36.19 1.13 -12.48
N HIS B 47 35.82 1.65 -13.64
N HIS B 47 35.82 1.65 -13.64
CA HIS B 47 36.53 2.76 -14.28
CA HIS B 47 36.53 2.76 -14.28
C HIS B 47 35.74 4.03 -14.01
C HIS B 47 35.74 4.03 -14.01
N PHE B 48 36.22 4.83 -13.06
CA PHE B 48 35.54 6.05 -12.63
C PHE B 48 35.68 7.14 -13.67
N ASP B 49 34.72 7.28 -14.58
CA ASP B 49 34.86 8.21 -15.70
C ASP B 49 33.92 9.40 -15.48
N ILE B 50 34.49 10.60 -15.43
CA ILE B 50 33.70 11.83 -15.32
C ILE B 50 33.91 12.62 -16.59
N LYS B 51 32.81 12.91 -17.30
CA LYS B 51 32.85 13.74 -18.49
C LYS B 51 31.59 14.59 -18.52
N GLN B 52 31.75 15.85 -18.94
CA GLN B 52 30.70 16.87 -18.91
C GLN B 52 29.87 16.78 -17.63
N ASN B 53 30.58 16.73 -16.50
CA ASN B 53 29.96 16.69 -15.17
C ASN B 53 28.95 15.57 -15.04
N HIS B 54 29.29 14.41 -15.59
CA HIS B 54 28.47 13.20 -15.45
C HIS B 54 29.41 12.03 -15.19
N LEU B 55 29.01 11.17 -14.26
CA LEU B 55 29.85 10.07 -13.81
C LEU B 55 29.31 8.74 -14.31
N LYS B 56 30.19 7.94 -14.88
CA LYS B 56 29.87 6.58 -15.31
C LYS B 56 30.86 5.61 -14.69
N LEU B 57 30.36 4.43 -14.38
CA LEU B 57 31.15 3.36 -13.77
C LEU B 57 31.03 2.13 -14.67
N LYS B 58 32.05 1.88 -15.46
CA LYS B 58 32.06 0.72 -16.32
C LYS B 58 32.99 -0.36 -15.75
N PRO B 59 32.67 -1.63 -15.97
CA PRO B 59 33.46 -2.70 -15.34
C PRO B 59 34.87 -2.81 -15.91
N ALA B 60 35.77 -3.34 -15.08
CA ALA B 60 37.14 -3.59 -15.46
C ALA B 60 37.49 -5.02 -15.10
N ILE B 61 38.24 -5.68 -15.98
CA ILE B 61 38.56 -7.09 -15.83
C ILE B 61 39.97 -7.23 -15.29
N PHE B 62 40.19 -8.24 -14.46
CA PHE B 62 41.52 -8.55 -14.00
C PHE B 62 42.21 -9.46 -15.01
N SER B 63 43.42 -9.90 -14.68
CA SER B 63 44.19 -10.78 -15.54
C SER B 63 44.07 -12.21 -15.04
N LYS B 64 44.78 -13.11 -15.72
CA LYS B 64 44.70 -14.51 -15.36
C LYS B 64 45.49 -14.81 -14.09
N ASP B 65 46.54 -14.06 -13.81
CA ASP B 65 47.35 -14.28 -12.63
C ASP B 65 46.78 -13.60 -11.39
N SER B 66 45.67 -12.89 -11.54
CA SER B 66 45.17 -12.01 -10.50
C SER B 66 44.45 -12.78 -9.40
N CYS B 67 44.24 -12.10 -8.28
CA CYS B 67 43.43 -12.58 -7.18
C CYS B 67 42.27 -11.62 -6.99
N TYR B 68 41.06 -12.16 -6.86
CA TYR B 68 39.85 -11.36 -6.81
C TYR B 68 39.59 -10.93 -5.37
N LEU B 69 39.86 -9.67 -5.07
CA LEU B 69 39.81 -9.20 -3.70
C LEU B 69 38.38 -8.89 -3.26
N PRO B 70 38.09 -9.00 -1.97
CA PRO B 70 36.79 -8.58 -1.46
C PRO B 70 36.69 -7.07 -1.43
N PRO B 71 35.48 -6.53 -1.47
CA PRO B 71 35.34 -5.08 -1.33
C PRO B 71 35.70 -4.60 0.06
N LEU B 72 36.83 -3.92 0.19
CA LEU B 72 37.30 -3.41 1.46
C LEU B 72 36.73 -2.02 1.69
N ARG B 73 36.26 -1.77 2.91
CA ARG B 73 35.48 -0.57 3.19
C ARG B 73 36.24 0.55 3.86
N TYR B 74 37.42 0.30 4.42
CA TYR B 74 38.24 1.39 4.93
C TYR B 74 39.71 1.02 4.88
N PRO B 75 40.27 0.74 3.71
CA PRO B 75 41.63 0.21 3.65
C PRO B 75 42.67 1.31 3.76
N ALA B 76 43.91 0.88 3.86
CA ALA B 76 45.07 1.76 3.81
C ALA B 76 45.72 1.61 2.45
N THR B 77 45.81 2.71 1.71
CA THR B 77 46.23 2.69 0.32
C THR B 77 47.43 3.59 0.12
N CYS B 78 48.41 3.12 -0.65
CA CYS B 78 49.57 3.93 -1.00
C CYS B 78 49.99 3.63 -2.42
N SER B 79 50.72 4.57 -3.01
CA SER B 79 51.27 4.44 -4.35
C SER B 79 52.75 4.09 -4.29
N TYR B 80 53.16 3.12 -5.09
CA TYR B 80 54.50 2.58 -5.06
C TYR B 80 55.07 2.64 -6.46
N LYS B 81 56.30 3.14 -6.58
CA LYS B 81 56.94 3.29 -7.88
C LYS B 81 58.28 2.56 -7.90
N LYS B 88 55.93 -0.94 -12.64
CA LYS B 88 55.84 0.51 -12.70
C LYS B 88 55.00 1.06 -11.55
N HIS B 89 54.08 1.97 -11.88
CA HIS B 89 53.21 2.55 -10.87
C HIS B 89 52.22 1.50 -10.40
N GLN B 90 52.31 1.12 -9.13
CA GLN B 90 51.39 0.14 -8.56
C GLN B 90 50.80 0.69 -7.27
N TYR B 91 49.75 0.04 -6.80
CA TYR B 91 49.02 0.45 -5.60
C TYR B 91 49.06 -0.66 -4.56
N ILE B 92 49.22 -0.28 -3.30
CA ILE B 92 49.25 -1.23 -2.20
C ILE B 92 48.08 -0.93 -1.29
N ILE B 93 47.23 -1.93 -1.08
CA ILE B 93 46.07 -1.83 -0.21
C ILE B 93 46.20 -2.86 0.89
N HIS B 94 46.10 -2.40 2.14
CA HIS B 94 46.26 -3.25 3.30
C HIS B 94 45.10 -3.01 4.25
N GLY B 95 44.71 -4.07 4.96
CA GLY B 95 43.64 -3.91 5.92
C GLY B 95 42.29 -3.79 5.24
N GLY B 96 41.36 -3.15 5.94
CA GLY B 96 40.03 -2.94 5.42
C GLY B 96 39.00 -3.78 6.16
N LYS B 97 37.78 -3.75 5.64
CA LYS B 97 36.67 -4.50 6.22
C LYS B 97 35.83 -5.10 5.11
N THR B 98 35.69 -6.42 5.11
CA THR B 98 34.92 -7.12 4.10
C THR B 98 33.42 -6.95 4.37
N PRO B 99 32.58 -7.22 3.36
CA PRO B 99 31.13 -7.05 3.57
C PRO B 99 30.56 -7.85 4.72
N ASN B 100 31.14 -9.00 5.05
CA ASN B 100 30.69 -9.76 6.22
C ASN B 100 31.11 -9.12 7.53
N ASN B 101 31.65 -7.90 7.49
CA ASN B 101 32.09 -7.18 8.68
C ASN B 101 33.16 -7.95 9.45
N GLU B 102 34.17 -8.41 8.73
CA GLU B 102 35.34 -8.99 9.35
C GLU B 102 36.58 -8.41 8.69
N LEU B 103 37.57 -8.07 9.52
CA LEU B 103 38.73 -7.35 9.03
C LEU B 103 39.66 -8.28 8.26
N SER B 104 40.53 -7.68 7.46
CA SER B 104 41.48 -8.40 6.63
C SER B 104 42.90 -7.99 6.99
N ASP B 105 43.80 -8.97 6.95
CA ASP B 105 45.21 -8.74 7.24
C ASP B 105 46.09 -9.10 6.05
N LYS B 106 45.57 -8.92 4.84
CA LYS B 106 46.27 -9.28 3.62
C LYS B 106 46.68 -8.02 2.87
N ILE B 107 47.87 -8.04 2.29
CA ILE B 107 48.35 -6.97 1.42
C ILE B 107 48.03 -7.35 -0.02
N TYR B 108 47.33 -6.48 -0.72
CA TYR B 108 47.06 -6.67 -2.14
C TYR B 108 47.78 -5.58 -2.92
N ILE B 109 48.39 -5.97 -4.04
CA ILE B 109 49.10 -5.04 -4.90
C ILE B 109 48.41 -5.04 -6.26
N MET B 110 47.98 -3.86 -6.69
CA MET B 110 47.28 -3.67 -7.95
C MET B 110 48.22 -3.03 -8.95
N SER B 111 48.30 -3.60 -10.14
CA SER B 111 49.06 -3.02 -11.25
C SER B 111 48.23 -3.12 -12.52
N VAL B 112 48.71 -2.49 -13.58
CA VAL B 112 48.06 -2.55 -14.88
C VAL B 112 48.83 -3.51 -15.76
N ALA B 113 48.17 -4.59 -16.19
CA ALA B 113 48.83 -5.59 -17.01
C ALA B 113 48.85 -5.18 -18.48
N CYS B 114 47.67 -5.06 -19.09
CA CYS B 114 47.56 -4.65 -20.47
C CYS B 114 46.49 -3.57 -20.59
N LYS B 115 46.82 -2.51 -21.33
CA LYS B 115 45.93 -1.39 -21.55
C LYS B 115 45.60 -1.32 -23.04
N ASN B 116 44.32 -1.22 -23.34
CA ASN B 116 43.82 -1.15 -24.70
C ASN B 116 43.16 0.21 -24.90
N ASN B 117 42.47 0.37 -26.03
CA ASN B 117 41.74 1.61 -26.28
C ASN B 117 40.59 1.68 -25.31
N LYS B 118 40.76 2.46 -24.24
CA LYS B 118 39.76 2.69 -23.22
C LYS B 118 39.38 1.42 -22.46
N LYS B 119 40.24 0.41 -22.47
CA LYS B 119 40.04 -0.79 -21.67
C LYS B 119 41.34 -1.12 -20.96
N VAL B 120 41.24 -1.37 -19.65
CA VAL B 120 42.40 -1.63 -18.81
C VAL B 120 42.18 -2.95 -18.08
N THR B 121 43.21 -3.78 -18.05
CA THR B 121 43.21 -5.03 -17.30
C THR B 121 44.16 -4.90 -16.13
N PHE B 122 43.70 -5.30 -14.94
CA PHE B 122 44.49 -5.18 -13.73
C PHE B 122 45.10 -6.52 -13.33
N ARG B 123 46.09 -6.43 -12.45
CA ARG B 123 46.75 -7.58 -11.85
C ARG B 123 46.79 -7.34 -10.36
N CYS B 124 46.08 -8.16 -9.60
CA CYS B 124 46.01 -8.05 -8.15
C CYS B 124 46.73 -9.24 -7.55
N THR B 125 47.89 -8.99 -6.97
CA THR B 125 48.73 -10.03 -6.38
C THR B 125 48.69 -9.92 -4.87
N GLU B 126 48.48 -11.05 -4.21
CA GLU B 126 48.38 -11.10 -2.75
C GLU B 126 49.75 -11.42 -2.18
N LYS B 127 50.23 -10.57 -1.28
CA LYS B 127 51.54 -10.72 -0.66
C LYS B 127 51.36 -10.99 0.82
N ASP B 128 51.98 -12.06 1.31
CA ASP B 128 51.84 -12.48 2.70
C ASP B 128 53.01 -11.97 3.52
N LEU B 129 52.71 -11.37 4.66
CA LEU B 129 53.73 -10.79 5.52
C LEU B 129 54.23 -11.82 6.51
N VAL B 130 55.49 -11.67 6.91
CA VAL B 130 56.12 -12.53 7.89
C VAL B 130 56.82 -11.64 8.92
N GLY B 131 57.02 -12.17 10.11
CA GLY B 131 57.62 -11.39 11.18
C GLY B 131 56.58 -10.88 12.15
N ASP B 132 56.79 -9.67 12.66
CA ASP B 132 55.83 -9.05 13.59
C ASP B 132 54.72 -8.39 12.76
N VAL B 133 53.84 -9.23 12.23
CA VAL B 133 52.82 -8.76 11.30
C VAL B 133 51.79 -7.92 12.04
N PRO B 134 51.33 -6.81 11.47
CA PRO B 134 50.29 -6.02 12.12
C PRO B 134 48.98 -6.78 12.19
N GLU B 135 48.24 -6.55 13.26
CA GLU B 135 46.95 -7.19 13.42
C GLU B 135 45.95 -6.60 12.42
N PRO B 136 44.89 -7.33 12.09
CA PRO B 136 43.88 -6.78 11.19
C PRO B 136 43.30 -5.50 11.76
N ARG B 137 43.10 -4.52 10.87
CA ARG B 137 42.68 -3.20 11.31
C ARG B 137 42.10 -2.45 10.12
N TYR B 138 41.33 -1.40 10.44
CA TYR B 138 40.81 -0.49 9.43
C TYR B 138 40.96 0.94 9.91
N GLY B 139 41.08 1.86 8.96
CA GLY B 139 41.26 3.26 9.27
C GLY B 139 42.69 3.69 9.50
N HIS B 140 43.66 2.81 9.29
CA HIS B 140 45.06 3.14 9.52
C HIS B 140 45.62 3.82 8.28
N SER B 141 46.94 3.98 8.24
CA SER B 141 47.58 4.66 7.12
C SER B 141 48.91 4.00 6.80
N ILE B 142 49.23 3.97 5.51
CA ILE B 142 50.46 3.37 5.00
C ILE B 142 51.04 4.30 3.94
N ASP B 143 52.34 4.55 4.05
CA ASP B 143 53.06 5.39 3.10
C ASP B 143 54.37 4.73 2.72
N VAL B 144 55.06 5.29 1.73
CA VAL B 144 56.29 4.71 1.20
C VAL B 144 57.41 5.74 1.34
N VAL B 145 58.54 5.30 1.89
CA VAL B 145 59.70 6.15 2.13
C VAL B 145 60.87 5.64 1.32
N TYR B 146 61.61 6.57 0.72
CA TYR B 146 62.81 6.27 -0.04
C TYR B 146 64.01 6.85 0.67
N SER B 147 65.01 6.02 0.95
CA SER B 147 66.22 6.49 1.60
C SER B 147 67.39 5.64 1.15
N ARG B 148 68.49 6.30 0.79
CA ARG B 148 69.71 5.63 0.35
C ARG B 148 69.43 4.65 -0.78
N GLY B 149 68.52 5.03 -1.68
CA GLY B 149 68.22 4.19 -2.82
C GLY B 149 67.39 2.96 -2.52
N LYS B 150 66.86 2.83 -1.30
CA LYS B 150 66.03 1.69 -0.93
C LYS B 150 64.67 2.20 -0.49
N SER B 151 63.64 1.42 -0.80
CA SER B 151 62.26 1.80 -0.50
C SER B 151 61.69 0.90 0.58
N MET B 152 60.89 1.49 1.46
CA MET B 152 60.22 0.75 2.51
C MET B 152 58.87 1.40 2.76
N GLY B 153 58.04 0.76 3.58
CA GLY B 153 56.72 1.26 3.88
C GLY B 153 56.51 1.49 5.36
N VAL B 154 55.79 2.54 5.70
CA VAL B 154 55.52 2.91 7.08
C VAL B 154 54.03 2.81 7.31
N LEU B 155 53.63 2.01 8.30
CA LEU B 155 52.23 1.78 8.64
C LEU B 155 51.99 2.18 10.09
N PHE B 156 50.90 2.91 10.31
CA PHE B 156 50.52 3.40 11.62
C PHE B 156 49.21 2.73 12.06
N GLY B 157 48.73 3.12 13.23
CA GLY B 157 47.66 2.39 13.89
C GLY B 157 46.27 2.76 13.40
N GLY B 158 45.29 2.01 13.90
CA GLY B 158 43.90 2.21 13.56
C GLY B 158 42.96 1.50 14.52
N ARG B 159 41.76 1.19 14.07
CA ARG B 159 40.78 0.47 14.88
C ARG B 159 40.89 -1.02 14.66
N SER B 160 40.52 -1.79 15.67
CA SER B 160 40.41 -3.23 15.50
C SER B 160 39.45 -3.77 16.56
N TYR B 161 38.92 -4.95 16.30
CA TYR B 161 38.06 -5.59 17.27
C TYR B 161 38.89 -6.05 18.46
N MET B 162 38.20 -6.37 19.56
CA MET B 162 38.89 -6.85 20.74
C MET B 162 39.56 -8.19 20.43
N PRO B 163 40.63 -8.52 21.14
CA PRO B 163 41.31 -9.80 20.90
C PRO B 163 40.39 -10.97 21.22
N SER B 164 40.67 -12.10 20.57
CA SER B 164 39.79 -13.27 20.68
C SER B 164 39.64 -13.79 22.10
N THR B 165 40.58 -13.47 22.99
CA THR B 165 40.50 -13.92 24.37
C THR B 165 39.66 -13.01 25.25
N GLN B 166 39.26 -11.84 24.76
CA GLN B 166 38.47 -10.90 25.55
C GLN B 166 37.28 -10.37 24.76
N ARG B 167 36.75 -11.17 23.87
CA ARG B 167 35.65 -10.76 22.99
C ARG B 167 34.38 -11.45 23.44
N THR B 168 33.33 -10.66 23.69
CA THR B 168 32.05 -11.16 24.14
C THR B 168 30.98 -10.80 23.11
N THR B 169 30.05 -11.72 22.89
CA THR B 169 29.05 -11.54 21.84
C THR B 169 28.22 -10.29 22.09
N GLU B 170 27.85 -10.03 23.35
CA GLU B 170 27.05 -8.85 23.66
C GLU B 170 27.76 -7.57 23.26
N LYS B 171 29.07 -7.59 23.12
CA LYS B 171 29.84 -6.45 22.60
C LYS B 171 30.69 -6.91 21.43
N TRP B 172 30.06 -7.65 20.51
CA TRP B 172 30.81 -8.28 19.43
C TRP B 172 31.44 -7.26 18.50
N ASN B 173 30.72 -6.19 18.19
CA ASN B 173 31.16 -5.23 17.19
C ASN B 173 31.94 -4.06 17.78
N SER B 174 32.25 -4.10 19.08
CA SER B 174 32.99 -3.03 19.69
C SER B 174 34.41 -2.97 19.15
N VAL B 175 34.96 -1.76 19.11
CA VAL B 175 36.27 -1.51 18.52
C VAL B 175 37.15 -0.80 19.53
N ALA B 176 38.45 -0.97 19.36
CA ALA B 176 39.44 -0.32 20.19
C ALA B 176 40.61 0.10 19.30
N ASP B 177 41.26 1.20 19.68
CA ASP B 177 42.40 1.68 18.93
C ASP B 177 43.57 0.73 19.10
N CYS B 178 44.27 0.45 18.00
CA CYS B 178 45.44 -0.40 18.06
C CYS B 178 46.58 0.35 18.76
N LEU B 179 47.65 -0.38 19.04
CA LEU B 179 48.78 0.22 19.71
C LEU B 179 49.48 1.22 18.78
N PRO B 180 50.16 2.21 19.36
CA PRO B 180 50.77 3.26 18.52
C PRO B 180 52.07 2.83 17.87
N HIS B 181 52.31 1.53 17.77
CA HIS B 181 53.54 1.03 17.16
C HIS B 181 53.63 1.46 15.71
N VAL B 182 54.87 1.59 15.23
CA VAL B 182 55.15 1.96 13.84
C VAL B 182 55.73 0.75 13.14
N PHE B 183 55.16 0.39 12.00
CA PHE B 183 55.56 -0.83 11.30
C PHE B 183 56.29 -0.48 10.01
N LEU B 184 57.45 -1.07 9.81
CA LEU B 184 58.19 -0.97 8.57
C LEU B 184 58.00 -2.24 7.76
N ILE B 185 57.56 -2.08 6.51
CA ILE B 185 57.22 -3.18 5.64
C ILE B 185 58.13 -3.15 4.42
N ASP B 186 58.83 -4.24 4.17
CA ASP B 186 59.65 -4.41 2.97
C ASP B 186 58.84 -5.24 2.00
N PHE B 187 58.42 -4.60 0.89
CA PHE B 187 57.59 -5.26 -0.10
C PHE B 187 58.38 -6.22 -0.97
N GLU B 188 59.66 -5.96 -1.19
CA GLU B 188 60.46 -6.83 -2.04
C GLU B 188 60.55 -8.23 -1.45
N PHE B 189 60.77 -8.34 -0.15
CA PHE B 189 60.84 -9.63 0.52
C PHE B 189 59.58 -9.93 1.32
N GLY B 190 58.65 -8.99 1.43
CA GLY B 190 57.44 -9.20 2.18
C GLY B 190 57.66 -9.41 3.66
N CYS B 191 58.47 -8.57 4.29
CA CYS B 191 58.73 -8.70 5.72
C CYS B 191 58.23 -7.46 6.45
N ALA B 192 58.06 -7.59 7.76
CA ALA B 192 57.56 -6.49 8.58
C ALA B 192 58.27 -6.49 9.92
N THR B 193 58.63 -5.29 10.38
CA THR B 193 59.26 -5.11 11.69
C THR B 193 58.52 -4.02 12.44
N SER B 194 58.33 -4.24 13.74
CA SER B 194 57.59 -3.32 14.59
C SER B 194 58.54 -2.53 15.46
N TYR B 195 58.23 -1.25 15.65
CA TYR B 195 59.05 -0.36 16.45
C TYR B 195 58.16 0.43 17.40
N ILE B 196 58.59 0.54 18.64
CA ILE B 196 57.87 1.27 19.68
C ILE B 196 58.59 2.60 19.89
N LEU B 197 57.86 3.69 19.68
CA LEU B 197 58.43 5.02 19.81
C LEU B 197 57.85 5.71 21.03
N PRO B 198 58.68 6.16 21.97
CA PRO B 198 58.14 6.80 23.18
C PRO B 198 57.36 8.07 22.91
N GLU B 199 57.61 8.75 21.80
CA GLU B 199 56.90 10.00 21.52
C GLU B 199 55.42 9.78 21.23
N LEU B 200 55.03 8.57 20.87
CA LEU B 200 53.64 8.23 20.56
C LEU B 200 53.09 7.39 21.71
N GLN B 201 52.05 7.88 22.38
CA GLN B 201 51.50 7.20 23.53
C GLN B 201 50.04 6.79 23.36
N ASP B 202 49.26 7.50 22.55
CA ASP B 202 47.87 7.21 22.33
C ASP B 202 47.65 6.74 20.89
N GLY B 203 46.75 5.79 20.71
CA GLY B 203 46.44 5.33 19.37
C GLY B 203 45.70 6.37 18.57
N LEU B 204 45.81 6.27 17.25
CA LEU B 204 45.15 7.19 16.33
C LEU B 204 44.47 6.42 15.22
N SER B 205 43.34 6.94 14.77
CA SER B 205 42.60 6.36 13.66
C SER B 205 42.03 7.50 12.81
N PHE B 206 41.84 7.21 11.53
CA PHE B 206 41.31 8.18 10.57
C PHE B 206 42.16 9.44 10.53
N HIS B 207 43.47 9.26 10.46
CA HIS B 207 44.40 10.38 10.37
C HIS B 207 44.84 10.59 8.93
N VAL B 208 45.76 11.54 8.75
CA VAL B 208 46.27 11.90 7.44
C VAL B 208 47.79 11.76 7.46
N SER B 209 48.33 11.12 6.43
CA SER B 209 49.76 10.88 6.32
C SER B 209 50.27 11.46 5.01
N ILE B 210 51.36 12.22 5.09
CA ILE B 210 52.01 12.81 3.93
C ILE B 210 53.42 12.25 3.84
N ALA B 211 53.79 11.74 2.68
CA ALA B 211 55.07 11.07 2.48
C ALA B 211 56.02 11.99 1.72
N ARG B 212 57.05 12.45 2.41
CA ARG B 212 58.16 13.14 1.77
C ARG B 212 59.16 12.09 1.32
N ASN B 213 60.38 12.49 0.97
CA ASN B 213 61.36 11.53 0.48
C ASN B 213 61.67 10.47 1.53
N ASP B 214 62.01 10.89 2.75
CA ASP B 214 62.34 9.93 3.80
C ASP B 214 61.66 10.24 5.12
N THR B 215 60.62 11.06 5.10
CA THR B 215 59.85 11.38 6.29
C THR B 215 58.37 11.16 6.04
N VAL B 216 57.65 10.78 7.09
CA VAL B 216 56.20 10.65 7.06
C VAL B 216 55.62 11.59 8.09
N TYR B 217 54.70 12.46 7.67
CA TYR B 217 54.03 13.40 8.56
C TYR B 217 52.64 12.86 8.86
N ILE B 218 52.36 12.66 10.14
CA ILE B 218 51.06 12.19 10.61
C ILE B 218 50.37 13.34 11.31
N LEU B 219 49.21 13.73 10.79
CA LEU B 219 48.46 14.83 11.36
C LEU B 219 46.98 14.47 11.39
N GLY B 220 46.30 14.99 12.42
CA GLY B 220 44.91 14.69 12.63
C GLY B 220 44.73 13.36 13.32
N GLY B 221 43.47 13.04 13.59
CA GLY B 221 43.16 11.73 14.15
C GLY B 221 42.07 11.71 15.18
N HIS B 222 41.76 10.52 15.68
CA HIS B 222 40.74 10.32 16.70
C HIS B 222 41.16 9.17 17.58
N SER B 223 41.14 9.39 18.89
CA SER B 223 41.51 8.38 19.87
C SER B 223 40.27 7.99 20.65
N LEU B 224 39.93 6.69 20.63
CA LEU B 224 38.77 6.21 21.34
C LEU B 224 38.96 6.15 22.84
N ALA B 225 40.20 6.10 23.32
CA ALA B 225 40.45 6.01 24.75
C ALA B 225 39.94 7.24 25.47
N SER B 226 40.17 8.42 24.90
CA SER B 226 39.75 9.68 25.51
C SER B 226 38.67 10.39 24.71
N ASN B 227 38.30 9.88 23.55
CA ASN B 227 37.27 10.46 22.70
C ASN B 227 37.58 11.93 22.39
N ILE B 228 38.82 12.19 21.98
CA ILE B 228 39.25 13.53 21.61
C ILE B 228 39.94 13.45 20.26
N ARG B 229 40.06 14.60 19.61
CA ARG B 229 40.71 14.73 18.31
C ARG B 229 41.91 15.64 18.50
N PRO B 230 43.08 15.08 18.81
CA PRO B 230 44.22 15.93 19.15
C PRO B 230 44.75 16.71 17.97
N ALA B 231 45.22 17.91 18.25
CA ALA B 231 45.82 18.78 17.24
C ALA B 231 47.34 18.64 17.26
N ASN B 232 47.79 17.41 17.05
CA ASN B 232 49.21 17.07 17.12
C ASN B 232 49.73 16.69 15.74
N LEU B 233 50.99 17.05 15.50
CA LEU B 233 51.69 16.71 14.26
C LEU B 233 52.94 15.91 14.62
N TYR B 234 53.13 14.78 13.96
CA TYR B 234 54.28 13.94 14.20
C TYR B 234 55.07 13.76 12.91
N ARG B 235 56.40 13.74 13.04
CA ARG B 235 57.29 13.46 11.93
C ARG B 235 58.07 12.20 12.23
N ILE B 236 58.02 11.24 11.31
CA ILE B 236 58.70 9.95 11.45
C ILE B 236 59.78 9.89 10.38
N ARG B 237 61.03 9.76 10.80
N ARG B 237 61.03 9.76 10.80
CA ARG B 237 62.16 9.64 9.90
CA ARG B 237 62.17 9.64 9.91
C ARG B 237 62.71 8.23 9.95
C ARG B 237 62.71 8.23 9.95
N VAL B 238 62.97 7.66 8.78
CA VAL B 238 63.48 6.31 8.65
C VAL B 238 64.84 6.38 7.96
N ASP B 239 65.85 5.78 8.57
CA ASP B 239 67.16 5.64 7.99
C ASP B 239 67.41 4.16 7.73
N LEU B 240 67.93 3.86 6.55
CA LEU B 240 68.10 2.47 6.07
C LEU B 240 69.55 2.26 5.69
N PRO B 241 70.44 2.07 6.66
CA PRO B 241 71.83 1.78 6.34
C PRO B 241 72.03 0.30 5.99
N LEU B 242 73.28 -0.10 5.81
CA LEU B 242 73.57 -1.51 5.54
C LEU B 242 73.11 -2.40 6.69
N GLY B 243 73.05 -1.87 7.90
CA GLY B 243 72.59 -2.60 9.07
C GLY B 243 71.09 -2.54 9.25
N THR B 244 70.66 -2.70 10.49
CA THR B 244 69.24 -2.68 10.80
C THR B 244 68.66 -1.29 10.60
N PRO B 245 67.39 -1.19 10.22
CA PRO B 245 66.77 0.12 10.04
C PRO B 245 66.63 0.86 11.35
N ALA B 246 66.63 2.19 11.25
CA ALA B 246 66.45 3.06 12.41
C ALA B 246 65.28 3.99 12.16
N VAL B 247 64.46 4.21 13.18
CA VAL B 247 63.28 5.05 13.08
C VAL B 247 63.28 6.05 14.23
N ASN B 248 62.97 7.29 13.92
CA ASN B 248 62.89 8.35 14.92
C ASN B 248 61.59 9.11 14.76
N CYS B 249 61.05 9.61 15.86
CA CYS B 249 59.81 10.37 15.84
C CYS B 249 60.00 11.68 16.59
N THR B 250 59.44 12.74 16.03
CA THR B 250 59.52 14.06 16.64
C THR B 250 58.15 14.72 16.56
N VAL B 251 57.69 15.26 17.69
CA VAL B 251 56.43 15.97 17.74
C VAL B 251 56.68 17.44 17.42
N LEU B 252 55.94 17.97 16.43
CA LEU B 252 56.13 19.33 16.03
C LEU B 252 54.89 20.16 16.33
N PRO B 253 55.06 21.44 16.63
CA PRO B 253 53.90 22.32 16.83
C PRO B 253 53.28 22.72 15.50
N GLY B 254 52.00 23.10 15.57
CA GLY B 254 51.29 23.57 14.41
C GLY B 254 50.27 22.62 13.82
N GLY B 255 49.91 21.56 14.52
CA GLY B 255 48.97 20.60 13.98
C GLY B 255 47.54 21.13 14.00
N ILE B 256 46.66 20.34 13.39
CA ILE B 256 45.23 20.66 13.33
C ILE B 256 44.43 19.47 13.81
N SER B 257 43.23 19.76 14.28
CA SER B 257 42.30 18.74 14.80
C SER B 257 41.30 18.42 13.71
N VAL B 258 41.49 17.27 13.05
CA VAL B 258 40.58 16.83 12.00
C VAL B 258 40.63 15.32 11.92
N SER B 259 39.47 14.72 11.74
CA SER B 259 39.33 13.28 11.60
C SER B 259 38.68 12.97 10.28
N SER B 260 39.24 12.02 9.53
CA SER B 260 38.72 11.60 8.23
C SER B 260 38.74 12.76 7.23
N ALA B 261 39.93 13.30 7.03
CA ALA B 261 40.12 14.36 6.06
C ALA B 261 40.52 13.77 4.71
N ILE B 262 40.37 14.57 3.66
CA ILE B 262 40.73 14.15 2.31
C ILE B 262 41.95 14.95 1.87
N LEU B 263 43.00 14.24 1.48
CA LEU B 263 44.27 14.85 1.12
C LEU B 263 44.50 14.73 -0.37
N THR B 264 44.90 15.83 -1.00
CA THR B 264 45.20 15.83 -2.43
C THR B 264 46.50 16.58 -2.67
N GLN B 265 47.12 16.30 -3.81
CA GLN B 265 48.39 16.93 -4.18
C GLN B 265 48.13 17.83 -5.38
N THR B 266 48.28 19.14 -5.18
CA THR B 266 48.05 20.09 -6.26
C THR B 266 49.27 20.21 -7.17
N ASN B 267 50.40 20.64 -6.61
CA ASN B 267 51.63 20.77 -7.36
C ASN B 267 52.75 20.06 -6.61
N ASN B 268 53.98 20.20 -7.08
CA ASN B 268 55.10 19.58 -6.39
C ASN B 268 55.34 20.28 -5.07
N ASP B 269 55.55 19.49 -4.01
CA ASP B 269 55.81 19.99 -2.67
C ASP B 269 54.66 20.88 -2.18
N GLU B 270 53.43 20.44 -2.41
CA GLU B 270 52.26 21.19 -1.98
C GLU B 270 51.08 20.23 -1.91
N PHE B 271 50.27 20.36 -0.86
CA PHE B 271 49.14 19.48 -0.63
C PHE B 271 47.97 20.30 -0.08
N VAL B 272 46.77 19.77 -0.27
CA VAL B 272 45.54 20.40 0.21
C VAL B 272 44.77 19.39 1.02
N ILE B 273 44.40 19.78 2.24
CA ILE B 273 43.58 18.97 3.14
C ILE B 273 42.20 19.60 3.17
N VAL B 274 41.20 18.85 2.72
CA VAL B 274 39.84 19.34 2.61
C VAL B 274 38.93 18.43 3.43
N GLY B 275 38.06 19.06 4.21
CA GLY B 275 37.01 18.35 4.91
C GLY B 275 37.49 17.55 6.10
N GLY B 276 36.54 16.84 6.70
CA GLY B 276 36.78 16.05 7.90
C GLY B 276 35.82 16.44 8.99
N TYR B 277 36.22 16.17 10.23
CA TYR B 277 35.39 16.42 11.40
C TYR B 277 36.22 17.05 12.51
N GLN B 278 35.62 18.00 13.23
CA GLN B 278 36.21 18.60 14.41
C GLN B 278 35.59 18.11 15.70
N LEU B 279 34.27 18.10 15.77
CA LEU B 279 33.53 17.45 16.85
C LEU B 279 32.49 16.53 16.23
N GLU B 280 31.76 15.81 17.07
CA GLU B 280 30.78 14.86 16.56
C GLU B 280 29.70 15.56 15.75
N ASN B 281 29.19 16.68 16.24
CA ASN B 281 28.15 17.44 15.57
C ASN B 281 28.69 18.64 14.80
N GLN B 282 30.01 18.85 14.81
CA GLN B 282 30.63 19.97 14.12
C GLN B 282 31.48 19.42 12.99
N LYS B 283 31.29 19.95 11.79
CA LYS B 283 31.91 19.44 10.58
C LYS B 283 32.91 20.47 10.07
N ARG B 284 34.11 20.02 9.73
CA ARG B 284 35.19 20.94 9.39
C ARG B 284 34.98 21.50 7.99
N MET B 285 34.57 22.76 7.92
CA MET B 285 34.23 23.41 6.66
C MET B 285 35.36 24.28 6.14
N VAL B 286 36.55 24.19 6.72
CA VAL B 286 37.69 24.98 6.27
C VAL B 286 38.69 24.05 5.62
N CYS B 287 39.55 24.63 4.78
CA CYS B 287 40.54 23.89 4.03
C CYS B 287 41.94 24.34 4.45
N SER B 288 42.88 23.42 4.41
CA SER B 288 44.25 23.68 4.81
C SER B 288 45.21 23.42 3.66
N LEU B 289 46.26 24.22 3.61
CA LEU B 289 47.31 24.08 2.61
C LEU B 289 48.61 23.71 3.32
N VAL B 290 49.24 22.63 2.88
CA VAL B 290 50.44 22.10 3.51
C VAL B 290 51.58 22.23 2.51
N SER B 291 52.64 22.92 2.90
CA SER B 291 53.83 23.05 2.06
C SER B 291 55.01 22.45 2.79
N LEU B 292 55.73 21.57 2.09
CA LEU B 292 56.85 20.84 2.66
C LEU B 292 58.15 21.39 2.10
N GLY B 293 59.17 21.46 2.95
CA GLY B 293 60.49 21.87 2.53
C GLY B 293 61.50 20.76 2.69
N ASP B 294 62.79 21.11 2.71
CA ASP B 294 63.82 20.11 2.93
C ASP B 294 63.70 19.48 4.31
N ASN B 295 63.46 20.30 5.32
CA ASN B 295 63.31 19.78 6.68
C ASN B 295 62.05 20.28 7.36
N THR B 296 61.63 21.50 7.10
CA THR B 296 60.52 22.13 7.81
C THR B 296 59.31 22.24 6.90
N ILE B 297 58.13 22.06 7.50
CA ILE B 297 56.86 22.16 6.78
C ILE B 297 55.98 23.19 7.49
N GLU B 298 55.05 23.75 6.74
CA GLU B 298 54.12 24.71 7.31
C GLU B 298 52.74 24.52 6.70
N ILE B 299 51.73 24.60 7.56
CA ILE B 299 50.34 24.51 7.13
C ILE B 299 49.68 25.86 7.35
N SER B 300 48.66 26.14 6.56
CA SER B 300 47.96 27.41 6.63
C SER B 300 46.52 27.20 6.21
N GLU B 301 45.72 28.24 6.37
CA GLU B 301 44.32 28.20 5.99
C GLU B 301 44.14 28.90 4.66
N MET B 302 43.54 28.20 3.70
CA MET B 302 43.24 28.78 2.40
C MET B 302 41.77 29.19 2.35
N GLU B 303 41.35 29.74 1.22
CA GLU B 303 40.00 30.25 1.08
C GLU B 303 38.99 29.12 1.18
N THR B 304 37.88 29.39 1.85
CA THR B 304 36.83 28.41 2.00
C THR B 304 36.00 28.33 0.74
N PRO B 305 35.89 27.19 0.09
CA PRO B 305 35.09 27.10 -1.13
C PRO B 305 33.61 27.34 -0.84
N ASP B 306 32.91 27.81 -1.86
CA ASP B 306 31.50 28.17 -1.70
C ASP B 306 30.64 26.92 -1.58
N TRP B 307 30.53 26.38 -0.37
CA TRP B 307 29.68 25.22 -0.14
C TRP B 307 28.22 25.59 -0.35
N THR B 308 27.45 24.63 -0.85
CA THR B 308 26.03 24.83 -1.06
C THR B 308 25.28 24.66 0.27
N SER B 309 23.97 24.88 0.23
CA SER B 309 23.17 24.80 1.44
C SER B 309 23.11 23.37 1.98
N ASP B 310 23.01 22.38 1.09
CA ASP B 310 22.90 21.00 1.53
C ASP B 310 24.19 20.52 2.20
N ILE B 311 25.35 20.92 1.66
CA ILE B 311 26.61 20.46 2.23
C ILE B 311 26.81 20.97 3.64
N LYS B 312 26.44 22.22 3.90
CA LYS B 312 26.67 22.81 5.20
C LYS B 312 25.89 22.08 6.29
N HIS B 313 24.64 21.71 6.01
CA HIS B 313 23.76 21.15 7.02
C HIS B 313 23.77 19.63 7.05
N SER B 314 24.59 18.97 6.25
CA SER B 314 24.68 17.52 6.31
C SER B 314 25.40 17.08 7.56
N LYS B 315 24.89 16.02 8.20
CA LYS B 315 25.53 15.53 9.41
C LYS B 315 26.83 14.79 9.10
N ILE B 316 26.83 14.00 8.03
CA ILE B 316 27.99 13.20 7.65
C ILE B 316 28.36 13.51 6.21
N TRP B 317 29.63 13.27 5.89
CA TRP B 317 30.10 13.40 4.52
C TRP B 317 31.38 12.58 4.37
N PHE B 318 31.56 12.02 3.18
CA PHE B 318 32.67 11.13 2.88
C PHE B 318 33.23 11.50 1.51
N GLY B 319 34.45 11.06 1.22
CA GLY B 319 35.02 11.42 -0.05
C GLY B 319 36.29 10.65 -0.35
N SER B 320 36.85 10.92 -1.53
CA SER B 320 38.10 10.32 -1.96
C SER B 320 38.82 11.28 -2.90
N ASN B 321 40.08 10.99 -3.15
CA ASN B 321 40.95 11.81 -3.99
C ASN B 321 41.08 11.21 -5.38
N MET B 322 41.01 12.07 -6.40
CA MET B 322 41.06 11.65 -7.79
C MET B 322 42.43 11.84 -8.42
N GLY B 323 43.41 12.33 -7.68
CA GLY B 323 44.79 12.28 -8.11
C GLY B 323 45.24 13.41 -9.02
N ASN B 324 44.34 14.30 -9.42
CA ASN B 324 44.70 15.43 -10.27
C ASN B 324 44.20 16.74 -9.67
N GLY B 325 44.39 16.90 -8.37
CA GLY B 325 43.88 18.09 -7.69
C GLY B 325 42.38 18.20 -7.70
N THR B 326 41.68 17.07 -7.54
CA THR B 326 40.23 17.05 -7.54
C THR B 326 39.74 16.06 -6.49
N ILE B 327 38.70 16.45 -5.75
CA ILE B 327 38.14 15.64 -4.68
C ILE B 327 36.71 15.26 -5.05
N PHE B 328 36.38 13.98 -4.93
CA PHE B 328 35.04 13.48 -5.19
C PHE B 328 34.41 13.18 -3.84
N LEU B 329 33.43 13.99 -3.43
CA LEU B 329 32.88 13.88 -2.09
C LEU B 329 31.37 13.84 -2.13
N GLY B 330 30.77 12.94 -1.36
CA GLY B 330 29.34 12.79 -1.31
C GLY B 330 28.71 13.38 -0.07
N ILE B 331 27.38 13.33 -0.05
CA ILE B 331 26.58 13.84 1.05
C ILE B 331 25.25 13.08 1.02
N PRO B 332 24.79 12.53 2.14
CA PRO B 332 23.56 11.74 2.11
C PRO B 332 22.35 12.58 1.76
N GLY B 333 21.39 11.95 1.09
CA GLY B 333 20.18 12.64 0.69
C GLY B 333 19.00 12.39 1.62
N ASP B 334 19.13 11.37 2.47
CA ASP B 334 18.08 10.99 3.42
C ASP B 334 16.75 10.77 2.71
N ASN B 335 16.81 10.15 1.53
CA ASN B 335 15.63 9.86 0.74
C ASN B 335 15.71 8.43 0.19
N LYS B 336 16.09 7.48 1.04
CA LYS B 336 16.26 6.10 0.60
C LYS B 336 14.94 5.34 0.48
N GLN B 337 13.83 5.94 0.88
CA GLN B 337 12.54 5.26 0.84
C GLN B 337 11.98 5.32 -0.58
N ALA B 338 11.92 4.16 -1.24
CA ALA B 338 11.34 4.02 -2.57
C ALA B 338 11.99 4.97 -3.58
N MET B 339 13.29 5.16 -3.46
CA MET B 339 14.04 6.02 -4.37
C MET B 339 15.40 5.38 -4.67
N SER B 340 15.96 5.76 -5.80
CA SER B 340 17.26 5.24 -6.25
C SER B 340 18.43 6.14 -5.88
N GLU B 341 18.20 7.44 -5.73
CA GLU B 341 19.26 8.38 -5.40
C GLU B 341 19.36 8.51 -3.88
N ALA B 342 20.49 8.08 -3.33
CA ALA B 342 20.74 8.15 -1.90
C ALA B 342 21.87 9.08 -1.52
N PHE B 343 22.62 9.61 -2.48
CA PHE B 343 23.68 10.55 -2.21
C PHE B 343 23.68 11.64 -3.28
N TYR B 344 24.36 12.74 -2.97
CA TYR B 344 24.36 13.95 -3.79
C TYR B 344 25.78 14.37 -4.15
N PHE B 345 26.54 13.44 -4.74
CA PHE B 345 27.96 13.61 -4.97
C PHE B 345 28.31 14.95 -5.62
N TYR B 346 29.48 15.46 -5.26
CA TYR B 346 30.02 16.71 -5.78
C TYR B 346 31.49 16.50 -6.12
N THR B 347 31.99 17.35 -7.00
CA THR B 347 33.40 17.39 -7.37
C THR B 347 33.98 18.76 -7.03
N LEU B 348 35.19 18.75 -6.46
CA LEU B 348 35.83 19.97 -5.98
C LEU B 348 37.21 20.08 -6.61
N ARG B 349 37.46 21.20 -7.28
CA ARG B 349 38.70 21.41 -8.00
C ARG B 349 39.55 22.44 -7.26
N CYS B 350 40.82 22.11 -7.06
CA CYS B 350 41.75 22.98 -6.36
C CYS B 350 42.68 23.67 -7.35
N GLY C 461 -21.55 -12.45 39.89
CA GLY C 461 -22.12 -12.64 38.58
C GLY C 461 -22.52 -11.34 37.91
N LEU C 462 -21.90 -11.06 36.77
CA LEU C 462 -22.19 -9.84 36.03
C LEU C 462 -23.47 -10.02 35.21
N GLN C 463 -24.03 -8.92 34.81
CA GLN C 463 -25.23 -8.91 33.99
C GLN C 463 -24.87 -8.96 32.50
N PRO C 464 -25.79 -9.45 31.68
CA PRO C 464 -25.50 -9.52 30.23
C PRO C 464 -25.16 -8.17 29.61
N ALA C 465 -25.83 -7.09 30.03
CA ALA C 465 -25.52 -5.78 29.49
C ALA C 465 -24.10 -5.37 29.82
N VAL C 466 -23.66 -5.60 31.06
CA VAL C 466 -22.31 -5.25 31.46
C VAL C 466 -21.29 -6.08 30.69
N CYS C 467 -21.54 -7.39 30.54
CA CYS C 467 -20.62 -8.23 29.80
C CYS C 467 -20.52 -7.77 28.35
N LEU C 468 -21.65 -7.42 27.75
CA LEU C 468 -21.64 -6.92 26.38
C LEU C 468 -20.87 -5.61 26.27
N ALA C 469 -21.03 -4.73 27.25
CA ALA C 469 -20.29 -3.47 27.23
C ALA C 469 -18.80 -3.72 27.29
N ILE C 470 -18.37 -4.62 28.17
CA ILE C 470 -16.95 -4.94 28.27
C ILE C 470 -16.44 -5.49 26.95
N ARG C 471 -17.18 -6.43 26.36
CA ARG C 471 -16.74 -7.04 25.11
C ARG C 471 -16.65 -6.01 23.99
N VAL C 472 -17.64 -5.14 23.88
CA VAL C 472 -17.65 -4.18 22.77
C VAL C 472 -16.57 -3.13 22.95
N ASN C 473 -16.44 -2.59 24.16
CA ASN C 473 -15.52 -1.47 24.34
C ASN C 473 -14.07 -1.91 24.56
N THR C 474 -13.81 -3.19 24.81
CA THR C 474 -12.44 -3.68 24.89
C THR C 474 -11.96 -4.27 23.58
N PHE C 475 -12.69 -4.06 22.50
CA PHE C 475 -12.30 -4.53 21.17
C PHE C 475 -12.10 -6.04 21.14
N LEU C 476 -12.94 -6.77 21.85
CA LEU C 476 -12.90 -8.22 21.86
C LEU C 476 -13.85 -8.76 20.81
N SER C 477 -13.42 -9.81 20.14
CA SER C 477 -14.31 -10.54 19.25
C SER C 477 -15.06 -11.61 20.02
N CYS C 478 -16.09 -12.17 19.39
CA CYS C 478 -16.89 -13.18 20.04
C CYS C 478 -16.06 -14.42 20.36
N SER C 479 -15.16 -14.80 19.46
CA SER C 479 -14.33 -15.99 19.70
C SER C 479 -13.40 -15.77 20.89
N GLN C 480 -12.74 -14.61 20.96
CA GLN C 480 -11.85 -14.33 22.06
C GLN C 480 -12.62 -14.25 23.38
N TYR C 481 -13.81 -13.64 23.34
CA TYR C 481 -14.63 -13.57 24.53
C TYR C 481 -15.08 -14.95 24.98
N HIS C 482 -15.39 -15.83 24.03
CA HIS C 482 -15.74 -17.19 24.38
C HIS C 482 -14.57 -17.91 25.04
N LYS C 483 -13.36 -17.68 24.53
CA LYS C 483 -12.18 -18.28 25.17
C LYS C 483 -12.05 -17.79 26.61
N MET C 484 -12.17 -16.48 26.81
CA MET C 484 -12.05 -15.92 28.16
C MET C 484 -13.13 -16.47 29.09
N TYR C 485 -14.36 -16.52 28.60
CA TYR C 485 -15.47 -17.02 29.42
C TYR C 485 -15.27 -18.48 29.79
N ARG C 486 -14.84 -19.29 28.83
CA ARG C 486 -14.61 -20.70 29.08
C ARG C 486 -13.52 -20.89 30.14
N THR C 487 -12.41 -20.17 29.99
CA THR C 487 -11.31 -20.33 30.96
C THR C 487 -11.73 -19.88 32.34
N VAL C 488 -12.41 -18.74 32.45
CA VAL C 488 -12.81 -18.24 33.76
C VAL C 488 -13.77 -19.21 34.43
N LYS C 489 -14.76 -19.69 33.69
CA LYS C 489 -15.71 -20.65 34.25
C LYS C 489 -15.01 -21.92 34.69
N ALA C 490 -14.12 -22.46 33.86
CA ALA C 490 -13.45 -23.71 34.20
C ALA C 490 -12.57 -23.55 35.42
N ILE C 491 -11.85 -22.43 35.55
CA ILE C 491 -10.86 -22.30 36.61
C ILE C 491 -11.43 -21.72 37.90
N THR C 492 -12.63 -21.14 37.87
CA THR C 492 -13.24 -20.64 39.09
C THR C 492 -14.46 -21.42 39.54
N GLY C 493 -15.05 -22.22 38.67
CA GLY C 493 -16.22 -22.98 39.03
C GLY C 493 -17.51 -22.19 39.08
N ARG C 494 -17.46 -20.89 38.84
CA ARG C 494 -18.63 -20.04 38.90
C ARG C 494 -18.69 -19.18 37.66
N GLN C 495 -19.91 -18.92 37.20
CA GLN C 495 -20.15 -18.25 35.93
C GLN C 495 -20.04 -16.75 36.14
N ILE C 496 -18.80 -16.27 36.18
CA ILE C 496 -18.57 -14.84 36.36
C ILE C 496 -19.10 -14.06 35.16
N PHE C 497 -18.77 -14.51 33.96
CA PHE C 497 -19.25 -13.85 32.76
C PHE C 497 -20.55 -14.50 32.30
N GLN C 498 -21.01 -14.13 31.11
CA GLN C 498 -22.24 -14.66 30.55
C GLN C 498 -21.98 -15.16 29.14
N PRO C 499 -22.74 -16.17 28.70
CA PRO C 499 -22.46 -16.79 27.41
C PRO C 499 -22.84 -15.91 26.23
N LEU C 500 -22.39 -16.36 25.06
CA LEU C 500 -22.55 -15.59 23.84
C LEU C 500 -24.01 -15.40 23.49
N HIS C 501 -24.83 -16.43 23.69
CA HIS C 501 -26.25 -16.29 23.37
C HIS C 501 -26.93 -15.29 24.30
N ALA C 502 -26.49 -15.24 25.56
CA ALA C 502 -27.02 -14.22 26.47
C ALA C 502 -26.64 -12.82 25.98
N LEU C 503 -25.39 -12.63 25.56
CA LEU C 503 -25.01 -11.32 25.04
C LEU C 503 -25.79 -10.97 23.78
N ARG C 504 -25.98 -11.94 22.90
CA ARG C 504 -26.70 -11.68 21.65
C ARG C 504 -28.16 -11.35 21.92
N ASN C 505 -28.77 -11.99 22.91
CA ASN C 505 -30.12 -11.62 23.31
C ASN C 505 -30.14 -10.21 23.90
N ALA C 506 -29.13 -9.86 24.69
CA ALA C 506 -29.09 -8.53 25.30
C ALA C 506 -28.84 -7.43 24.29
N GLU C 507 -28.23 -7.75 23.15
CA GLU C 507 -27.90 -6.71 22.18
C GLU C 507 -29.07 -6.34 21.27
N LYS C 508 -30.23 -6.99 21.41
CA LYS C 508 -31.38 -6.65 20.59
C LYS C 508 -31.95 -5.29 20.98
N VAL C 509 -31.93 -4.96 22.26
CA VAL C 509 -32.57 -3.74 22.73
C VAL C 509 -31.85 -2.51 22.19
N LEU C 510 -30.53 -2.59 22.07
CA LEU C 510 -29.72 -1.44 21.70
C LEU C 510 -29.66 -1.20 20.20
N LEU C 511 -30.29 -2.03 19.40
CA LEU C 511 -30.27 -1.91 17.96
C LEU C 511 -31.56 -1.31 17.44
N PRO C 512 -31.55 -0.69 16.26
CA PRO C 512 -32.79 -0.20 15.67
C PRO C 512 -33.75 -1.34 15.39
N GLY C 513 -35.04 -1.04 15.54
CA GLY C 513 -36.07 -2.02 15.30
C GLY C 513 -36.72 -2.62 16.52
N TYR C 514 -36.53 -2.03 17.70
CA TYR C 514 -37.09 -2.57 18.93
C TYR C 514 -38.17 -1.67 19.50
N HIS C 515 -37.90 -0.40 19.68
CA HIS C 515 -38.84 0.45 20.39
C HIS C 515 -39.96 0.92 19.46
N PRO C 516 -41.20 0.92 19.93
CA PRO C 516 -42.28 1.52 19.14
C PRO C 516 -42.18 3.04 19.11
N PHE C 517 -42.69 3.61 18.03
CA PHE C 517 -42.67 5.06 17.84
C PHE C 517 -43.76 5.44 16.86
N GLU C 518 -44.08 6.73 16.81
CA GLU C 518 -45.09 7.22 15.89
C GLU C 518 -44.65 8.53 15.27
N TRP C 519 -45.17 8.81 14.07
CA TRP C 519 -44.92 10.06 13.38
C TRP C 519 -46.24 10.74 13.08
N GLN C 520 -46.32 12.04 13.35
CA GLN C 520 -47.52 12.81 13.06
C GLN C 520 -47.16 14.17 12.46
N PRO C 521 -47.48 14.41 11.19
CA PRO C 521 -48.14 13.54 10.22
C PRO C 521 -47.23 12.41 9.76
N PRO C 522 -47.82 11.30 9.31
CA PRO C 522 -47.01 10.17 8.88
C PRO C 522 -46.07 10.55 7.76
N LEU C 523 -44.87 9.99 7.80
CA LEU C 523 -43.86 10.31 6.81
C LEU C 523 -44.30 9.85 5.43
N LYS C 524 -44.11 10.72 4.44
CA LYS C 524 -44.46 10.36 3.07
C LYS C 524 -43.42 9.40 2.50
N ASN C 525 -43.91 8.36 1.85
CA ASN C 525 -43.06 7.39 1.16
C ASN C 525 -42.14 6.64 2.12
N VAL C 526 -42.51 6.57 3.39
CA VAL C 526 -41.78 5.79 4.37
C VAL C 526 -42.75 4.83 5.06
N SER C 527 -42.36 3.57 5.17
CA SER C 527 -43.22 2.57 5.76
C SER C 527 -43.49 2.87 7.23
N SER C 528 -44.69 2.52 7.67
CA SER C 528 -45.13 2.78 9.03
C SER C 528 -44.65 1.75 10.03
N ARG C 529 -44.02 0.67 9.58
CA ARG C 529 -43.57 -0.37 10.50
C ARG C 529 -42.46 0.15 11.41
N THR C 530 -42.39 -0.42 12.61
CA THR C 530 -41.42 -0.02 13.61
C THR C 530 -40.54 -1.18 14.03
N ASP C 531 -40.33 -2.15 13.14
CA ASP C 531 -39.52 -3.33 13.42
C ASP C 531 -38.59 -3.63 12.27
N VAL C 532 -37.88 -2.61 11.79
CA VAL C 532 -36.95 -2.75 10.68
C VAL C 532 -35.53 -2.56 11.22
N GLY C 533 -34.66 -3.50 10.89
CA GLY C 533 -33.28 -3.42 11.31
C GLY C 533 -32.35 -3.11 10.14
N ILE C 534 -31.35 -3.95 9.94
CA ILE C 534 -30.44 -3.78 8.81
C ILE C 534 -31.17 -4.19 7.53
N ILE C 535 -31.20 -3.28 6.56
CA ILE C 535 -31.87 -3.53 5.30
C ILE C 535 -30.91 -3.26 4.15
N ASP C 536 -31.23 -3.83 3.00
CA ASP C 536 -30.34 -3.74 1.85
C ASP C 536 -30.24 -2.31 1.36
N GLY C 537 -29.02 -1.84 1.14
CA GLY C 537 -28.80 -0.48 0.72
C GLY C 537 -29.16 -0.22 -0.73
N LEU C 538 -29.21 -1.27 -1.54
CA LEU C 538 -29.57 -1.09 -2.94
C LEU C 538 -31.01 -0.64 -3.10
N SER C 539 -31.87 -0.97 -2.13
CA SER C 539 -33.26 -0.56 -2.12
C SER C 539 -33.98 -1.05 -3.38
N GLY C 540 -33.94 -2.36 -3.58
CA GLY C 540 -34.63 -2.97 -4.71
C GLY C 540 -34.10 -2.54 -6.06
N LEU C 541 -32.81 -2.26 -6.14
CA LEU C 541 -32.23 -1.86 -7.42
C LEU C 541 -32.21 -3.04 -8.38
N ALA C 542 -32.54 -2.78 -9.63
CA ALA C 542 -32.67 -3.84 -10.62
C ALA C 542 -31.32 -4.46 -10.89
N SER C 543 -31.20 -5.76 -10.63
CA SER C 543 -29.98 -6.51 -10.87
C SER C 543 -30.06 -7.39 -12.11
N SER C 544 -31.05 -7.17 -12.96
CA SER C 544 -31.20 -7.97 -14.16
C SER C 544 -30.08 -7.68 -15.14
N VAL C 545 -29.87 -8.62 -16.07
CA VAL C 545 -28.78 -8.49 -17.02
C VAL C 545 -29.06 -7.38 -18.02
N ASP C 546 -30.33 -7.05 -18.25
CA ASP C 546 -30.68 -6.00 -19.21
C ASP C 546 -30.42 -4.61 -18.66
N GLU C 547 -30.52 -4.44 -17.34
CA GLU C 547 -30.44 -3.12 -16.74
C GLU C 547 -28.99 -2.68 -16.60
N TYR C 548 -28.80 -1.52 -15.98
CA TYR C 548 -27.46 -1.02 -15.74
C TYR C 548 -26.74 -1.94 -14.78
N PRO C 549 -25.45 -2.21 -15.00
CA PRO C 549 -24.72 -3.11 -14.11
C PRO C 549 -24.67 -2.59 -12.67
N VAL C 550 -24.81 -3.51 -11.73
CA VAL C 550 -24.73 -3.20 -10.31
C VAL C 550 -23.58 -4.00 -9.73
N ASP C 551 -22.60 -3.32 -9.14
CA ASP C 551 -21.40 -3.96 -8.64
C ASP C 551 -21.02 -3.40 -7.28
N THR C 552 -22.01 -3.25 -6.40
CA THR C 552 -21.77 -2.72 -5.06
C THR C 552 -22.54 -3.52 -4.04
N ILE C 553 -22.04 -3.49 -2.80
CA ILE C 553 -22.69 -4.11 -1.66
C ILE C 553 -22.94 -3.02 -0.63
N ALA C 554 -24.20 -2.84 -0.24
CA ALA C 554 -24.57 -1.78 0.68
C ALA C 554 -25.54 -2.30 1.73
N LYS C 555 -25.43 -1.78 2.94
CA LYS C 555 -26.36 -2.09 4.02
C LYS C 555 -26.62 -0.83 4.82
N ARG C 556 -27.88 -0.61 5.21
CA ARG C 556 -28.22 0.62 5.87
C ARG C 556 -29.36 0.38 6.85
N PHE C 557 -29.48 1.28 7.82
CA PHE C 557 -30.66 1.38 8.66
C PHE C 557 -31.61 2.41 8.07
N ARG C 558 -32.89 2.26 8.38
CA ARG C 558 -33.82 3.34 8.12
C ARG C 558 -33.48 4.52 9.01
N TYR C 559 -33.56 5.73 8.45
CA TYR C 559 -33.13 6.91 9.19
C TYR C 559 -33.97 7.14 10.43
N ASP C 560 -35.30 6.98 10.31
CA ASP C 560 -36.18 7.20 11.46
C ASP C 560 -35.92 6.17 12.56
N SER C 561 -35.75 4.91 12.18
CA SER C 561 -35.47 3.88 13.18
C SER C 561 -34.14 4.12 13.86
N ALA C 562 -33.13 4.52 13.09
CA ALA C 562 -31.82 4.80 13.67
C ALA C 562 -31.89 5.96 14.65
N LEU C 563 -32.64 7.01 14.30
CA LEU C 563 -32.76 8.13 15.21
C LEU C 563 -33.56 7.78 16.45
N VAL C 564 -34.57 6.91 16.32
CA VAL C 564 -35.30 6.46 17.50
C VAL C 564 -34.36 5.71 18.43
N SER C 565 -33.54 4.82 17.88
CA SER C 565 -32.60 4.08 18.70
C SER C 565 -31.59 5.02 19.38
N ALA C 566 -31.09 6.00 18.63
CA ALA C 566 -30.14 6.95 19.20
C ALA C 566 -30.75 7.75 20.34
N LEU C 567 -32.00 8.21 20.16
CA LEU C 567 -32.65 8.95 21.23
C LEU C 567 -32.90 8.07 22.45
N MET C 568 -33.32 6.83 22.24
CA MET C 568 -33.59 5.96 23.37
C MET C 568 -32.32 5.57 24.11
N ASP C 569 -31.18 5.53 23.43
CA ASP C 569 -29.95 5.17 24.11
C ASP C 569 -29.44 6.29 25.02
N MET C 570 -29.86 7.53 24.78
CA MET C 570 -29.48 8.66 25.62
C MET C 570 -30.65 9.16 26.47
N GLU C 571 -31.56 8.25 26.82
CA GLU C 571 -32.70 8.62 27.65
C GLU C 571 -32.24 9.13 29.01
N GLU C 572 -31.33 8.40 29.65
CA GLU C 572 -30.85 8.81 30.96
C GLU C 572 -30.10 10.14 30.87
N ASP C 573 -29.36 10.36 29.80
CA ASP C 573 -28.66 11.63 29.62
C ASP C 573 -29.65 12.78 29.49
N ILE C 574 -30.72 12.58 28.70
CA ILE C 574 -31.72 13.65 28.55
C ILE C 574 -32.39 13.95 29.88
N LEU C 575 -32.76 12.89 30.61
CA LEU C 575 -33.43 13.11 31.90
C LEU C 575 -32.50 13.81 32.89
N GLU C 576 -31.23 13.41 32.94
CA GLU C 576 -30.29 14.07 33.83
C GLU C 576 -30.09 15.51 33.44
N GLY C 577 -30.01 15.80 32.14
CA GLY C 577 -29.86 17.17 31.71
C GLY C 577 -31.05 18.04 32.09
N MET C 578 -32.26 17.49 31.95
CA MET C 578 -33.43 18.30 32.29
C MET C 578 -33.60 18.42 33.80
N ARG C 579 -33.08 17.46 34.57
CA ARG C 579 -33.07 17.64 36.02
C ARG C 579 -32.01 18.64 36.45
N SER C 580 -30.94 18.77 35.68
CA SER C 580 -29.85 19.67 36.03
C SER C 580 -30.16 21.13 35.78
N GLN C 581 -31.29 21.45 35.16
CA GLN C 581 -31.65 22.83 34.87
C GLN C 581 -33.00 23.20 35.46
N ASP C 582 -33.36 22.57 36.59
CA ASP C 582 -34.58 22.89 37.33
C ASP C 582 -35.83 22.77 36.47
N LEU C 583 -35.88 21.73 35.64
CA LEU C 583 -37.06 21.40 34.87
C LEU C 583 -37.64 20.09 35.38
N ASP C 584 -38.97 19.98 35.33
CA ASP C 584 -39.62 18.74 35.72
C ASP C 584 -39.21 17.62 34.78
N ASP C 585 -39.01 16.44 35.35
CA ASP C 585 -38.58 15.29 34.57
C ASP C 585 -39.69 14.73 33.68
N TYR C 586 -40.93 15.14 33.89
CA TYR C 586 -42.06 14.62 33.15
C TYR C 586 -42.54 15.55 32.03
N LEU C 587 -41.75 16.57 31.69
CA LEU C 587 -42.13 17.47 30.60
C LEU C 587 -42.18 16.71 29.28
N ASN C 588 -43.21 16.99 28.50
CA ASN C 588 -43.38 16.37 27.18
C ASN C 588 -43.32 17.39 26.06
N GLY C 589 -42.75 18.57 26.32
CA GLY C 589 -42.69 19.61 25.34
C GLY C 589 -41.82 19.22 24.17
N PRO C 590 -42.00 19.87 23.04
CA PRO C 590 -41.25 19.49 21.84
C PRO C 590 -39.77 19.68 21.99
N PHE C 591 -39.02 18.59 22.03
CA PHE C 591 -37.56 18.64 22.05
C PHE C 591 -37.07 18.84 20.62
N THR C 592 -36.37 19.94 20.38
CA THR C 592 -35.72 20.18 19.10
C THR C 592 -34.30 19.65 19.16
N VAL C 593 -33.99 18.67 18.33
CA VAL C 593 -32.66 18.09 18.28
C VAL C 593 -31.99 18.54 17.00
N VAL C 594 -30.67 18.66 17.04
CA VAL C 594 -29.89 19.00 15.87
C VAL C 594 -28.91 17.86 15.61
N VAL C 595 -28.85 17.41 14.36
CA VAL C 595 -28.02 16.28 13.97
C VAL C 595 -27.02 16.74 12.92
N LYS C 596 -25.80 16.20 13.01
CA LYS C 596 -24.73 16.49 12.08
C LYS C 596 -24.51 15.28 11.19
N GLU C 597 -24.46 15.51 9.89
CA GLU C 597 -24.33 14.45 8.91
C GLU C 597 -22.98 14.53 8.22
N SER C 598 -22.35 13.36 8.07
CA SER C 598 -21.05 13.24 7.42
C SER C 598 -21.10 12.10 6.42
N CYS C 599 -20.46 12.31 5.28
CA CYS C 599 -20.24 11.26 4.29
C CYS C 599 -18.77 11.28 3.91
N ASP C 600 -18.13 10.11 3.95
CA ASP C 600 -16.71 10.02 3.66
C ASP C 600 -16.44 8.88 2.70
N GLY C 601 -15.43 9.07 1.86
CA GLY C 601 -15.03 8.04 0.92
C GLY C 601 -13.65 7.51 1.19
N MET C 602 -13.59 6.26 1.65
CA MET C 602 -12.32 5.62 1.93
C MET C 602 -11.72 5.03 0.66
N GLY C 603 -10.44 4.68 0.74
CA GLY C 603 -9.76 4.04 -0.37
C GLY C 603 -8.89 2.91 0.15
N ASP C 604 -8.42 2.10 -0.79
CA ASP C 604 -7.57 0.95 -0.50
C ASP C 604 -8.27 -0.02 0.47
N VAL C 605 -9.52 -0.33 0.17
CA VAL C 605 -10.26 -1.37 0.86
C VAL C 605 -10.20 -2.62 0.01
N SER C 606 -9.44 -3.61 0.45
CA SER C 606 -9.21 -4.80 -0.37
C SER C 606 -10.49 -5.59 -0.57
N GLU C 607 -10.65 -6.10 -1.78
CA GLU C 607 -11.80 -6.94 -2.12
C GLU C 607 -11.55 -8.37 -1.70
N LYS C 608 -12.61 -9.06 -1.31
CA LYS C 608 -12.52 -10.44 -0.87
C LYS C 608 -12.83 -11.38 -2.03
N HIS C 609 -12.37 -12.62 -1.89
CA HIS C 609 -12.68 -13.65 -2.86
C HIS C 609 -14.13 -14.09 -2.69
N GLY C 610 -14.60 -14.88 -3.64
CA GLY C 610 -15.85 -15.60 -3.49
C GLY C 610 -16.93 -15.09 -4.44
N SER C 611 -18.07 -15.76 -4.37
CA SER C 611 -19.19 -15.43 -5.22
C SER C 611 -19.76 -14.06 -4.84
N GLY C 612 -20.12 -13.29 -5.85
CA GLY C 612 -20.64 -11.96 -5.65
C GLY C 612 -20.19 -11.03 -6.74
N PRO C 613 -20.69 -9.80 -6.73
CA PRO C 613 -20.30 -8.83 -7.75
C PRO C 613 -18.84 -8.44 -7.61
N ALA C 614 -18.25 -8.03 -8.74
CA ALA C 614 -16.88 -7.52 -8.77
C ALA C 614 -16.89 -6.11 -8.16
N VAL C 615 -16.93 -6.08 -6.83
CA VAL C 615 -17.05 -4.84 -6.07
C VAL C 615 -15.74 -4.07 -6.21
N PRO C 616 -15.77 -2.75 -6.20
CA PRO C 616 -14.53 -1.97 -6.28
C PRO C 616 -13.80 -1.97 -4.94
N GLU C 617 -12.57 -1.46 -4.97
CA GLU C 617 -11.70 -1.43 -3.81
C GLU C 617 -11.86 -0.16 -2.99
N LYS C 618 -13.05 0.44 -2.99
CA LYS C 618 -13.32 1.66 -2.26
C LYS C 618 -14.62 1.50 -1.49
N ALA C 619 -14.76 2.30 -0.43
CA ALA C 619 -15.94 2.26 0.42
C ALA C 619 -16.45 3.68 0.67
N VAL C 620 -17.74 3.79 0.95
CA VAL C 620 -18.36 5.06 1.29
C VAL C 620 -19.17 4.87 2.56
N ARG C 621 -18.99 5.78 3.52
CA ARG C 621 -19.68 5.71 4.80
C ARG C 621 -20.51 6.95 5.03
N PHE C 622 -21.71 6.74 5.57
CA PHE C 622 -22.62 7.82 5.97
C PHE C 622 -22.86 7.70 7.47
N SER C 623 -22.78 8.81 8.18
CA SER C 623 -22.90 8.77 9.62
C SER C 623 -23.57 10.04 10.12
N PHE C 624 -24.17 9.93 11.30
CA PHE C 624 -24.78 11.07 11.96
C PHE C 624 -24.42 11.05 13.44
N THR C 625 -24.48 12.22 14.06
CA THR C 625 -24.25 12.39 15.48
C THR C 625 -25.23 13.40 16.03
N VAL C 626 -25.77 13.13 17.21
CA VAL C 626 -26.71 14.03 17.86
C VAL C 626 -25.90 15.11 18.57
N MET C 627 -26.00 16.34 18.08
CA MET C 627 -25.20 17.43 18.64
C MET C 627 -25.82 17.99 19.90
N ARG C 628 -27.03 18.54 19.79
CA ARG C 628 -27.66 19.15 20.96
C ARG C 628 -29.16 18.95 20.90
N ILE C 629 -29.77 19.04 22.08
CA ILE C 629 -31.22 18.93 22.25
C ILE C 629 -31.67 20.10 23.12
N THR C 630 -32.71 20.80 22.68
CA THR C 630 -33.23 21.94 23.40
C THR C 630 -34.72 21.76 23.62
N ILE C 631 -35.23 22.33 24.70
CA ILE C 631 -36.66 22.30 25.01
C ILE C 631 -37.12 23.72 25.27
N GLU C 632 -38.25 24.09 24.68
CA GLU C 632 -38.79 25.44 24.79
C GLU C 632 -39.57 25.54 26.08
N HIS C 633 -39.05 26.32 27.03
CA HIS C 633 -39.68 26.47 28.35
C HIS C 633 -40.00 27.94 28.54
N GLY C 634 -41.24 28.32 28.29
CA GLY C 634 -41.65 29.70 28.43
C GLY C 634 -41.39 30.50 27.16
N SER C 635 -40.33 31.31 27.17
CA SER C 635 -39.97 32.11 26.02
C SER C 635 -38.55 31.88 25.56
N GLN C 636 -37.88 30.85 26.08
CA GLN C 636 -36.50 30.56 25.71
C GLN C 636 -36.28 29.06 25.64
N ASN C 637 -35.25 28.68 24.89
CA ASN C 637 -34.86 27.29 24.72
C ASN C 637 -33.74 26.96 25.69
N VAL C 638 -33.93 25.90 26.48
CA VAL C 638 -32.93 25.45 27.43
C VAL C 638 -32.34 24.14 26.95
N LYS C 639 -31.03 24.02 27.06
CA LYS C 639 -30.32 22.85 26.55
C LYS C 639 -30.40 21.72 27.56
N VAL C 640 -30.82 20.55 27.08
CA VAL C 640 -30.87 19.36 27.92
C VAL C 640 -29.79 18.36 27.57
N PHE C 641 -29.02 18.59 26.51
CA PHE C 641 -27.92 17.73 26.15
C PHE C 641 -27.04 18.44 25.14
N GLU C 642 -25.73 18.45 25.39
CA GLU C 642 -24.76 18.97 24.44
C GLU C 642 -23.56 18.05 24.45
N GLU C 643 -23.20 17.54 23.28
CA GLU C 643 -22.15 16.53 23.20
C GLU C 643 -20.81 17.14 23.57
N PRO C 644 -20.05 16.52 24.49
CA PRO C 644 -18.81 17.14 24.95
C PRO C 644 -17.62 16.89 24.03
N LYS C 645 -17.63 15.82 23.25
CA LYS C 645 -16.54 15.49 22.33
C LYS C 645 -17.12 15.23 20.95
N PRO C 646 -17.53 16.28 20.25
CA PRO C 646 -18.23 16.09 18.97
C PRO C 646 -17.41 15.39 17.92
N ASN C 647 -16.10 15.59 17.89
CA ASN C 647 -15.25 15.01 16.86
C ASN C 647 -14.76 13.62 17.21
N SER C 648 -15.17 13.07 18.35
CA SER C 648 -14.71 11.75 18.75
C SER C 648 -15.44 10.67 17.96
N GLU C 649 -14.80 9.52 17.83
CA GLU C 649 -15.41 8.40 17.15
C GLU C 649 -16.42 7.66 18.02
N LEU C 650 -16.54 8.03 19.30
CA LEU C 650 -17.49 7.39 20.18
C LEU C 650 -18.92 7.84 19.93
N CYS C 651 -19.11 8.99 19.28
CA CYS C 651 -20.45 9.44 18.84
C CYS C 651 -20.37 9.81 17.36
N CYS C 652 -20.39 8.81 16.50
CA CYS C 652 -20.41 9.00 15.05
C CYS C 652 -21.28 7.94 14.40
N LYS C 653 -22.50 7.76 14.93
CA LYS C 653 -23.32 6.60 14.65
C LYS C 653 -23.47 6.35 13.14
N PRO C 654 -23.12 5.17 12.65
CA PRO C 654 -23.23 4.89 11.22
C PRO C 654 -24.67 4.70 10.78
N LEU C 655 -24.90 4.92 9.49
CA LEU C 655 -26.24 4.83 8.93
C LEU C 655 -26.26 4.03 7.64
N CYS C 656 -25.16 4.04 6.89
CA CYS C 656 -25.11 3.34 5.62
C CYS C 656 -23.67 3.03 5.25
N LEU C 657 -23.40 1.77 4.92
CA LEU C 657 -22.09 1.32 4.51
C LEU C 657 -22.19 0.71 3.11
N MET C 658 -21.37 1.21 2.19
CA MET C 658 -21.40 0.75 0.81
C MET C 658 -19.98 0.64 0.28
N LEU C 659 -19.78 -0.29 -0.65
CA LEU C 659 -18.52 -0.48 -1.34
C LEU C 659 -18.66 0.08 -2.74
N ALA C 660 -18.45 1.38 -2.88
CA ALA C 660 -18.59 2.05 -4.17
C ALA C 660 -17.61 3.21 -4.23
N ASP C 661 -17.32 3.62 -5.46
CA ASP C 661 -16.42 4.74 -5.66
C ASP C 661 -17.15 6.05 -5.38
N GLU C 662 -16.45 6.97 -4.74
CA GLU C 662 -17.03 8.28 -4.44
C GLU C 662 -17.35 9.02 -5.73
N SER C 663 -16.48 8.93 -6.72
CA SER C 663 -16.71 9.56 -8.02
C SER C 663 -17.39 8.60 -8.99
N ASP C 664 -18.46 7.96 -8.53
CA ASP C 664 -19.32 7.11 -9.35
C ASP C 664 -20.73 7.59 -9.08
N HIS C 665 -21.16 8.59 -9.85
CA HIS C 665 -22.37 9.32 -9.50
C HIS C 665 -23.60 8.43 -9.60
N GLU C 666 -23.65 7.55 -10.60
CA GLU C 666 -24.81 6.70 -10.78
C GLU C 666 -25.04 5.83 -9.54
N THR C 667 -24.01 5.11 -9.11
CA THR C 667 -24.16 4.24 -7.95
C THR C 667 -24.39 5.03 -6.68
N LEU C 668 -23.65 6.13 -6.51
CA LEU C 668 -23.78 6.91 -5.29
C LEU C 668 -25.20 7.45 -5.15
N THR C 669 -25.76 7.98 -6.23
CA THR C 669 -27.13 8.47 -6.20
C THR C 669 -28.11 7.32 -5.98
N ALA C 670 -27.92 6.20 -6.67
CA ALA C 670 -28.86 5.10 -6.56
C ALA C 670 -28.91 4.55 -5.14
N ILE C 671 -27.82 4.65 -4.39
CA ILE C 671 -27.82 4.09 -3.04
C ILE C 671 -28.18 5.14 -2.00
N LEU C 672 -27.82 6.41 -2.19
CA LEU C 672 -28.11 7.43 -1.18
C LEU C 672 -29.40 8.19 -1.43
N SER C 673 -30.13 7.90 -2.50
CA SER C 673 -31.43 8.54 -2.70
C SER C 673 -32.44 8.18 -1.62
N PRO C 674 -32.61 6.91 -1.22
CA PRO C 674 -33.62 6.62 -0.18
C PRO C 674 -33.38 7.34 1.13
N LEU C 675 -32.12 7.47 1.55
CA LEU C 675 -31.83 8.16 2.81
C LEU C 675 -32.21 9.63 2.72
N ILE C 676 -31.94 10.28 1.59
CA ILE C 676 -32.32 11.68 1.45
C ILE C 676 -33.83 11.81 1.40
N ALA C 677 -34.51 10.84 0.80
CA ALA C 677 -35.98 10.86 0.81
C ALA C 677 -36.51 10.77 2.23
N GLU C 678 -35.93 9.89 3.05
CA GLU C 678 -36.35 9.77 4.43
C GLU C 678 -36.08 11.06 5.20
N ARG C 679 -34.93 11.69 4.96
CA ARG C 679 -34.62 12.94 5.64
C ARG C 679 -35.61 14.04 5.26
N GLU C 680 -35.93 14.15 3.96
CA GLU C 680 -36.90 15.15 3.54
C GLU C 680 -38.27 14.89 4.14
N ALA C 681 -38.63 13.61 4.29
CA ALA C 681 -39.87 13.29 4.99
C ALA C 681 -39.81 13.75 6.44
N MET C 682 -38.68 13.54 7.11
CA MET C 682 -38.56 13.87 8.52
C MET C 682 -38.50 15.37 8.78
N LYS C 683 -38.14 16.17 7.77
CA LYS C 683 -37.99 17.61 8.01
C LYS C 683 -39.30 18.24 8.47
N SER C 684 -40.41 17.87 7.85
CA SER C 684 -41.71 18.44 8.20
C SER C 684 -42.56 17.32 8.81
N SER C 685 -42.36 17.09 10.11
CA SER C 685 -43.07 16.04 10.84
C SER C 685 -42.73 16.21 12.32
N GLU C 686 -43.22 15.30 13.14
CA GLU C 686 -43.04 15.36 14.58
C GLU C 686 -43.11 13.95 15.14
N LEU C 687 -42.06 13.54 15.84
CA LEU C 687 -41.98 12.17 16.36
C LEU C 687 -42.56 12.10 17.75
N THR C 688 -43.29 11.03 18.03
CA THR C 688 -43.79 10.75 19.37
C THR C 688 -43.18 9.43 19.84
N LEU C 689 -42.52 9.47 20.99
CA LEU C 689 -41.76 8.37 21.56
C LEU C 689 -42.14 8.26 23.04
N GLU C 690 -41.63 7.25 23.72
CA GLU C 690 -41.91 7.04 25.13
C GLU C 690 -40.60 7.00 25.89
N MET C 691 -40.43 7.89 26.86
CA MET C 691 -39.22 7.94 27.67
C MET C 691 -39.62 8.13 29.13
N GLY C 692 -39.01 7.33 30.01
CA GLY C 692 -39.32 7.42 31.42
C GLY C 692 -40.77 7.16 31.76
N GLY C 693 -41.49 6.44 30.91
CA GLY C 693 -42.90 6.22 31.15
C GLY C 693 -43.80 7.34 30.72
N ILE C 694 -43.29 8.35 30.02
CA ILE C 694 -44.11 9.47 29.58
C ILE C 694 -43.91 9.65 28.08
N PRO C 695 -44.97 9.96 27.32
CA PRO C 695 -44.79 10.27 25.90
C PRO C 695 -44.09 11.61 25.71
N ARG C 696 -43.12 11.63 24.80
CA ARG C 696 -42.34 12.81 24.48
C ARG C 696 -42.44 13.07 22.98
N THR C 697 -42.28 14.34 22.61
CA THR C 697 -42.41 14.78 21.23
C THR C 697 -41.09 15.41 20.78
N PHE C 698 -40.68 15.07 19.55
CA PHE C 698 -39.37 15.46 19.03
C PHE C 698 -39.50 16.08 17.64
N LYS C 699 -38.64 17.06 17.37
CA LYS C 699 -38.45 17.66 16.06
C LYS C 699 -36.97 17.66 15.74
N PHE C 700 -36.65 17.68 14.45
CA PHE C 700 -35.27 17.46 14.02
C PHE C 700 -34.79 18.57 13.09
N ILE C 701 -33.51 18.93 13.23
CA ILE C 701 -32.85 19.85 12.32
C ILE C 701 -31.56 19.17 11.84
N PHE C 702 -31.48 18.88 10.56
CA PHE C 702 -30.35 18.19 9.97
C PHE C 702 -29.37 19.19 9.38
N ARG C 703 -28.08 18.94 9.59
CA ARG C 703 -27.04 19.80 9.03
C ARG C 703 -25.92 18.92 8.52
N GLY C 704 -25.67 18.97 7.22
CA GLY C 704 -24.60 18.18 6.63
C GLY C 704 -23.30 18.96 6.59
N THR C 705 -22.32 18.54 7.38
CA THR C 705 -21.09 19.32 7.49
C THR C 705 -19.83 18.47 7.44
N GLY C 706 -19.92 17.15 7.52
CA GLY C 706 -18.74 16.32 7.47
C GLY C 706 -18.19 16.11 6.10
N TYR C 707 -18.80 16.69 5.08
CA TYR C 707 -18.35 16.51 3.71
C TYR C 707 -17.06 17.26 3.46
N ASP C 708 -16.16 16.67 2.67
CA ASP C 708 -14.98 17.37 2.21
C ASP C 708 -15.32 18.20 0.97
N GLU C 709 -14.33 18.95 0.48
CA GLU C 709 -14.57 19.86 -0.63
C GLU C 709 -14.95 19.09 -1.89
N LYS C 710 -14.23 18.00 -2.18
CA LYS C 710 -14.53 17.24 -3.39
C LYS C 710 -15.93 16.67 -3.34
N LEU C 711 -16.33 16.12 -2.20
CA LEU C 711 -17.64 15.49 -2.10
C LEU C 711 -18.74 16.54 -2.16
N VAL C 712 -18.56 17.68 -1.51
CA VAL C 712 -19.59 18.71 -1.57
C VAL C 712 -19.72 19.27 -2.99
N ARG C 713 -18.60 19.40 -3.71
CA ARG C 713 -18.69 19.84 -5.09
C ARG C 713 -19.41 18.81 -5.96
N GLU C 714 -19.11 17.53 -5.76
CA GLU C 714 -19.77 16.50 -6.55
C GLU C 714 -21.25 16.39 -6.24
N VAL C 715 -21.64 16.63 -4.99
CA VAL C 715 -23.01 16.39 -4.56
C VAL C 715 -23.89 17.64 -4.59
N GLU C 716 -23.30 18.82 -4.71
CA GLU C 716 -24.07 20.07 -4.74
C GLU C 716 -24.18 20.64 -6.14
N GLY C 717 -23.75 19.90 -7.16
CA GLY C 717 -23.88 20.33 -8.53
C GLY C 717 -22.79 21.23 -9.04
N LEU C 718 -21.80 21.57 -8.21
CA LEU C 718 -20.74 22.46 -8.65
C LEU C 718 -19.75 21.74 -9.54
N GLU C 719 -18.99 22.52 -10.29
CA GLU C 719 -17.96 21.96 -11.14
C GLU C 719 -16.83 21.36 -10.31
N ALA C 720 -16.20 20.34 -10.85
CA ALA C 720 -15.29 19.52 -10.08
C ALA C 720 -13.88 20.10 -10.06
N SER C 721 -13.19 19.86 -8.96
CA SER C 721 -11.75 20.13 -8.79
C SER C 721 -11.51 21.63 -9.07
N GLY C 722 -10.39 21.98 -9.69
CA GLY C 722 -10.09 23.38 -9.91
C GLY C 722 -10.87 23.93 -11.10
N SER C 723 -11.18 25.20 -11.03
CA SER C 723 -11.93 25.89 -12.07
C SER C 723 -11.79 27.39 -11.82
N VAL C 724 -12.55 28.19 -12.58
CA VAL C 724 -12.59 29.61 -12.31
C VAL C 724 -13.26 29.88 -10.96
N TYR C 725 -14.25 29.08 -10.62
CA TYR C 725 -15.03 29.26 -9.40
C TYR C 725 -14.50 28.34 -8.31
N ILE C 726 -14.05 28.92 -7.20
CA ILE C 726 -13.27 28.19 -6.22
C ILE C 726 -14.02 27.95 -4.91
N CYS C 727 -14.94 28.82 -4.53
CA CYS C 727 -15.56 28.74 -3.22
C CYS C 727 -16.95 28.13 -3.31
N THR C 728 -17.26 27.25 -2.37
CA THR C 728 -18.57 26.61 -2.29
C THR C 728 -19.56 27.41 -1.47
N LEU C 729 -19.18 28.61 -1.01
CA LEU C 729 -20.08 29.47 -0.25
C LEU C 729 -20.49 30.73 -1.00
N CYS C 730 -19.61 31.29 -1.82
CA CYS C 730 -19.89 32.50 -2.58
C CYS C 730 -19.61 32.24 -4.05
N ASP C 731 -19.88 33.26 -4.88
CA ASP C 731 -19.79 33.14 -6.33
C ASP C 731 -18.53 33.80 -6.88
N THR C 732 -17.53 34.03 -6.05
CA THR C 732 -16.33 34.69 -6.53
C THR C 732 -15.49 33.74 -7.38
N THR C 733 -14.70 34.33 -8.26
CA THR C 733 -13.76 33.61 -9.10
C THR C 733 -12.36 33.72 -8.52
N ARG C 734 -11.43 32.97 -9.12
CA ARG C 734 -10.07 32.92 -8.59
C ARG C 734 -9.39 34.28 -8.70
N LEU C 735 -9.53 34.95 -9.84
CA LEU C 735 -8.92 36.26 -10.01
C LEU C 735 -9.49 37.29 -9.05
N GLU C 736 -10.82 37.30 -8.90
CA GLU C 736 -11.44 38.23 -7.97
C GLU C 736 -11.02 37.96 -6.54
N ALA C 737 -10.89 36.68 -6.18
CA ALA C 737 -10.42 36.34 -4.83
C ALA C 737 -8.99 36.81 -4.62
N SER C 738 -8.14 36.65 -5.64
CA SER C 738 -6.76 37.09 -5.50
C SER C 738 -6.63 38.60 -5.49
N GLN C 739 -7.63 39.33 -5.99
CA GLN C 739 -7.59 40.78 -5.93
C GLN C 739 -8.23 41.35 -4.67
N ASN C 740 -9.24 40.70 -4.10
CA ASN C 740 -9.95 41.23 -2.94
C ASN C 740 -9.49 40.59 -1.64
N LEU C 741 -9.63 39.27 -1.52
CA LEU C 741 -9.06 38.44 -0.46
C LEU C 741 -9.72 38.56 0.91
N VAL C 742 -10.55 39.57 1.15
CA VAL C 742 -11.10 39.74 2.48
C VAL C 742 -12.61 39.96 2.49
N PHE C 743 -13.15 40.48 1.39
CA PHE C 743 -14.52 40.97 1.38
C PHE C 743 -15.39 40.11 0.48
N HIS C 744 -16.18 39.24 1.10
CA HIS C 744 -17.14 38.40 0.39
C HIS C 744 -18.29 38.06 1.33
N SER C 745 -19.39 37.60 0.75
CA SER C 745 -20.57 37.22 1.51
C SER C 745 -21.08 35.86 1.03
N ILE C 746 -21.66 35.09 1.96
CA ILE C 746 -22.20 33.79 1.61
C ILE C 746 -23.47 33.95 0.80
N THR C 747 -23.54 33.27 -0.35
CA THR C 747 -24.70 33.37 -1.21
C THR C 747 -25.23 32.01 -1.64
N ARG C 748 -24.36 31.00 -1.68
CA ARG C 748 -24.75 29.71 -2.21
C ARG C 748 -25.73 29.01 -1.28
N SER C 749 -26.68 28.29 -1.87
CA SER C 749 -27.64 27.49 -1.14
C SER C 749 -28.16 26.41 -2.08
N HIS C 750 -28.81 25.40 -1.49
CA HIS C 750 -29.30 24.27 -2.27
C HIS C 750 -30.38 24.70 -3.26
N ALA C 751 -31.32 25.53 -2.80
CA ALA C 751 -32.37 26.01 -3.69
C ALA C 751 -31.79 26.87 -4.80
N GLU C 752 -30.81 27.70 -4.46
CA GLU C 752 -30.14 28.52 -5.46
C GLU C 752 -29.45 27.64 -6.49
N ASN C 753 -28.81 26.56 -6.05
CA ASN C 753 -28.16 25.65 -6.99
C ASN C 753 -29.18 24.96 -7.89
N LEU C 754 -30.34 24.58 -7.34
CA LEU C 754 -31.38 23.99 -8.18
C LEU C 754 -31.83 24.96 -9.25
N GLN C 755 -32.05 26.22 -8.89
CA GLN C 755 -32.45 27.22 -9.87
C GLN C 755 -31.37 27.42 -10.93
N ARG C 756 -30.10 27.45 -10.51
CA ARG C 756 -29.01 27.60 -11.46
C ARG C 756 -28.96 26.44 -12.44
N TYR C 757 -29.17 25.22 -11.96
CA TYR C 757 -29.19 24.07 -12.86
C TYR C 757 -30.35 24.17 -13.83
N GLU C 758 -31.52 24.61 -13.36
CA GLU C 758 -32.64 24.76 -14.27
C GLU C 758 -32.33 25.77 -15.36
N VAL C 759 -31.68 26.87 -15.00
CA VAL C 759 -31.26 27.86 -15.99
C VAL C 759 -30.27 27.26 -16.97
N TRP C 760 -29.33 26.45 -16.47
CA TRP C 760 -28.34 25.83 -17.33
C TRP C 760 -29.00 24.88 -18.33
N ARG C 761 -29.98 24.11 -17.89
CA ARG C 761 -30.62 23.15 -18.78
C ARG C 761 -31.53 23.85 -19.80
N SER C 762 -32.24 24.89 -19.37
CA SER C 762 -33.24 25.49 -20.25
C SER C 762 -32.65 26.54 -21.18
N ASN C 763 -31.57 27.20 -20.77
CA ASN C 763 -30.95 28.28 -21.53
C ASN C 763 -31.97 29.34 -21.95
N PRO C 764 -32.64 29.98 -20.98
CA PRO C 764 -33.74 30.88 -21.33
C PRO C 764 -33.34 32.07 -22.16
N TYR C 765 -32.16 32.63 -21.93
CA TYR C 765 -31.76 33.88 -22.56
C TYR C 765 -30.96 33.69 -23.84
N HIS C 766 -30.80 32.45 -24.31
CA HIS C 766 -30.11 32.15 -25.56
C HIS C 766 -28.68 32.69 -25.54
N GLU C 767 -27.89 32.14 -24.64
CA GLU C 767 -26.50 32.52 -24.47
C GLU C 767 -25.58 31.39 -24.92
N SER C 768 -24.36 31.77 -25.29
CA SER C 768 -23.36 30.79 -25.67
C SER C 768 -22.88 30.02 -24.45
N VAL C 769 -21.94 29.10 -24.66
CA VAL C 769 -21.49 28.26 -23.56
C VAL C 769 -20.84 29.09 -22.47
N GLU C 770 -19.96 30.03 -22.87
CA GLU C 770 -19.23 30.82 -21.88
C GLU C 770 -20.17 31.72 -21.10
N GLU C 771 -21.07 32.41 -21.80
CA GLU C 771 -22.00 33.31 -21.12
C GLU C 771 -22.94 32.53 -20.21
N LEU C 772 -23.39 31.36 -20.65
CA LEU C 772 -24.25 30.54 -19.80
C LEU C 772 -23.50 30.07 -18.56
N ARG C 773 -22.23 29.70 -18.71
CA ARG C 773 -21.45 29.28 -17.55
C ARG C 773 -21.26 30.43 -16.57
N ASP C 774 -21.01 31.64 -17.09
CA ASP C 774 -20.92 32.81 -16.23
C ASP C 774 -22.24 33.07 -15.51
N ARG C 775 -23.36 32.90 -16.22
CA ARG C 775 -24.67 33.12 -15.61
C ARG C 775 -24.94 32.11 -14.50
N VAL C 776 -24.63 30.84 -14.74
CA VAL C 776 -24.96 29.80 -13.77
C VAL C 776 -23.91 29.59 -12.70
N LYS C 777 -22.76 30.26 -12.82
CA LYS C 777 -21.72 30.25 -11.79
C LYS C 777 -21.29 28.83 -11.42
N GLY C 778 -21.04 28.02 -12.45
CA GLY C 778 -20.42 26.74 -12.25
C GLY C 778 -21.34 25.60 -11.87
N VAL C 779 -22.65 25.81 -11.89
CA VAL C 779 -23.61 24.74 -11.60
C VAL C 779 -23.94 24.09 -12.94
N SER C 780 -23.23 23.01 -13.25
CA SER C 780 -23.45 22.24 -14.46
C SER C 780 -24.12 20.91 -14.18
N ALA C 781 -24.54 20.67 -12.94
CA ALA C 781 -25.17 19.42 -12.56
C ALA C 781 -26.32 19.71 -11.60
N LYS C 782 -27.17 18.71 -11.42
CA LYS C 782 -28.32 18.84 -10.55
C LYS C 782 -27.97 18.33 -9.16
N PRO C 783 -28.08 19.15 -8.11
CA PRO C 783 -27.75 18.68 -6.76
C PRO C 783 -28.75 17.65 -6.27
N PHE C 784 -28.30 16.82 -5.32
CA PHE C 784 -29.22 15.89 -4.69
C PHE C 784 -29.03 15.67 -3.20
N ILE C 785 -28.12 16.40 -2.54
CA ILE C 785 -28.02 16.38 -1.09
C ILE C 785 -27.90 17.82 -0.60
N GLU C 786 -28.70 18.19 0.39
CA GLU C 786 -28.69 19.53 0.95
C GLU C 786 -27.58 19.60 2.00
N THR C 787 -26.55 20.39 1.73
CA THR C 787 -25.44 20.60 2.65
C THR C 787 -25.35 22.09 2.97
N VAL C 788 -25.17 22.40 4.24
CA VAL C 788 -25.05 23.82 4.61
C VAL C 788 -23.69 24.34 4.16
N PRO C 789 -23.59 25.60 3.73
CA PRO C 789 -22.27 26.16 3.42
C PRO C 789 -21.42 26.35 4.67
N SER C 790 -20.35 25.58 4.77
CA SER C 790 -19.44 25.68 5.91
C SER C 790 -18.08 25.16 5.48
N ILE C 791 -17.09 25.37 6.34
CA ILE C 791 -15.71 24.99 6.06
C ILE C 791 -15.29 23.92 7.04
N ASP C 792 -14.74 22.82 6.52
CA ASP C 792 -14.25 21.76 7.37
C ASP C 792 -13.00 22.21 8.10
N ALA C 793 -12.88 21.83 9.36
CA ALA C 793 -11.78 22.28 10.20
C ALA C 793 -10.56 21.39 10.12
N LEU C 794 -10.63 20.28 9.38
CA LEU C 794 -9.51 19.38 9.23
C LEU C 794 -8.84 19.50 7.87
N HIS C 795 -9.62 19.41 6.80
CA HIS C 795 -9.04 19.55 5.47
C HIS C 795 -8.54 20.96 5.24
N CYS C 796 -9.15 21.95 5.89
CA CYS C 796 -8.62 23.31 5.82
C CYS C 796 -7.23 23.37 6.40
N ASP C 797 -7.03 22.74 7.56
CA ASP C 797 -5.71 22.72 8.18
C ASP C 797 -4.70 22.01 7.30
N ILE C 798 -5.11 20.88 6.72
CA ILE C 798 -4.20 20.12 5.85
C ILE C 798 -3.81 20.95 4.63
N GLY C 799 -4.78 21.60 3.99
CA GLY C 799 -4.47 22.39 2.82
C GLY C 799 -3.57 23.57 3.13
N ASN C 800 -3.83 24.24 4.26
CA ASN C 800 -2.97 25.34 4.66
C ASN C 800 -1.55 24.86 4.95
N ALA C 801 -1.42 23.67 5.55
CA ALA C 801 -0.10 23.12 5.78
C ALA C 801 0.62 22.84 4.47
N ALA C 802 -0.10 22.30 3.48
CA ALA C 802 0.52 22.05 2.19
C ALA C 802 0.97 23.35 1.54
N GLU C 803 0.14 24.39 1.61
CA GLU C 803 0.51 25.67 1.04
C GLU C 803 1.74 26.24 1.71
N PHE C 804 1.82 26.16 3.04
CA PHE C 804 3.00 26.64 3.74
C PHE C 804 4.24 25.81 3.41
N TYR C 805 4.07 24.51 3.22
CA TYR C 805 5.18 23.66 2.80
C TYR C 805 5.74 24.12 1.47
N LYS C 806 4.85 24.39 0.51
CA LYS C 806 5.31 24.86 -0.79
C LYS C 806 5.96 26.24 -0.67
N ILE C 807 5.42 27.10 0.20
CA ILE C 807 6.02 28.41 0.43
C ILE C 807 7.45 28.25 0.94
N PHE C 808 7.66 27.34 1.89
CA PHE C 808 8.99 27.11 2.41
C PHE C 808 9.93 26.62 1.31
N GLN C 809 9.45 25.69 0.48
CA GLN C 809 10.29 25.20 -0.61
C GLN C 809 10.70 26.33 -1.55
N LEU C 810 9.75 27.17 -1.93
CA LEU C 810 10.07 28.29 -2.82
C LEU C 810 11.02 29.27 -2.16
N GLU C 811 10.81 29.56 -0.88
CA GLU C 811 11.64 30.54 -0.20
C GLU C 811 13.06 30.05 -0.02
N ILE C 812 13.25 28.73 0.11
CA ILE C 812 14.61 28.21 0.22
C ILE C 812 15.42 28.56 -1.02
N GLY C 813 14.82 28.43 -2.19
CA GLY C 813 15.51 28.68 -3.43
C GLY C 813 15.49 30.10 -3.93
N GLU C 814 14.91 31.02 -3.17
CA GLU C 814 14.87 32.44 -3.52
C GLU C 814 14.22 32.66 -4.89
N VAL C 815 12.94 32.26 -4.99
CA VAL C 815 12.21 32.47 -6.22
C VAL C 815 11.79 33.92 -6.38
N TYR C 816 11.75 34.69 -5.29
CA TYR C 816 11.40 36.11 -5.41
C TYR C 816 12.43 36.88 -6.20
N LYS C 817 13.70 36.44 -6.16
CA LYS C 817 14.76 37.08 -6.92
C LYS C 817 15.00 36.39 -8.25
N HIS C 818 14.84 35.08 -8.32
CA HIS C 818 15.05 34.32 -9.55
C HIS C 818 13.71 33.79 -10.03
N PRO C 819 13.10 34.42 -11.02
CA PRO C 819 11.75 34.00 -11.44
C PRO C 819 11.67 32.57 -11.94
N ASN C 820 12.72 32.06 -12.58
CA ASN C 820 12.65 30.76 -13.22
C ASN C 820 13.62 29.79 -12.57
N ALA C 821 13.26 28.50 -12.61
CA ALA C 821 14.11 27.45 -12.08
C ALA C 821 13.79 26.15 -12.81
N SER C 822 14.68 25.19 -12.67
CA SER C 822 14.54 23.88 -13.30
C SER C 822 13.93 22.88 -12.34
N LYS C 823 13.41 21.79 -12.92
CA LYS C 823 12.77 20.76 -12.11
C LYS C 823 13.76 20.11 -11.15
N GLU C 824 14.99 19.88 -11.60
CA GLU C 824 16.01 19.32 -10.72
C GLU C 824 16.28 20.25 -9.55
N GLU C 825 16.35 21.56 -9.81
CA GLU C 825 16.59 22.51 -8.73
C GLU C 825 15.45 22.53 -7.73
N ARG C 826 14.20 22.48 -8.22
CA ARG C 826 13.07 22.43 -7.30
C ARG C 826 13.10 21.16 -6.45
N LYS C 827 13.42 20.02 -7.06
CA LYS C 827 13.51 18.79 -6.30
C LYS C 827 14.61 18.88 -5.25
N ARG C 828 15.72 19.53 -5.58
CA ARG C 828 16.80 19.69 -4.61
C ARG C 828 16.35 20.56 -3.44
N TRP C 829 15.60 21.62 -3.73
CA TRP C 829 15.06 22.46 -2.66
C TRP C 829 14.19 21.64 -1.72
N GLN C 830 13.31 20.80 -2.29
CA GLN C 830 12.45 19.97 -1.46
C GLN C 830 13.27 19.00 -0.62
N ALA C 831 14.32 18.41 -1.20
CA ALA C 831 15.15 17.48 -0.44
C ALA C 831 15.83 18.17 0.73
N THR C 832 16.33 19.39 0.51
CA THR C 832 16.95 20.14 1.60
C THR C 832 15.95 20.43 2.71
N LEU C 833 14.75 20.88 2.33
CA LEU C 833 13.73 21.14 3.35
C LEU C 833 13.41 19.88 4.14
N ASP C 834 13.26 18.75 3.46
CA ASP C 834 12.90 17.51 4.16
C ASP C 834 13.98 17.08 5.12
N LYS C 835 15.25 17.13 4.68
CA LYS C 835 16.34 16.74 5.56
C LYS C 835 16.41 17.62 6.80
N HIS C 836 16.30 18.93 6.61
CA HIS C 836 16.42 19.81 7.77
C HIS C 836 15.23 19.68 8.70
N LEU C 837 14.03 19.44 8.14
CA LEU C 837 12.86 19.23 8.98
C LEU C 837 13.00 17.95 9.80
N ARG C 838 13.58 16.90 9.21
CA ARG C 838 13.85 15.70 10.00
C ARG C 838 14.87 15.98 11.10
N LYS C 839 15.91 16.76 10.79
CA LYS C 839 16.93 17.04 11.80
C LYS C 839 16.37 17.83 12.97
N ARG C 840 15.57 18.86 12.70
CA ARG C 840 15.15 19.79 13.74
C ARG C 840 13.81 19.41 14.36
N MET C 841 12.77 19.30 13.55
CA MET C 841 11.41 19.08 14.04
C MET C 841 11.04 17.62 14.17
N ASN C 842 11.97 16.70 13.89
CA ASN C 842 11.72 15.26 14.02
C ASN C 842 10.51 14.81 13.22
N LEU C 843 10.40 15.32 11.99
CA LEU C 843 9.32 14.97 11.08
C LEU C 843 9.89 14.18 9.91
N LYS C 844 9.37 13.00 9.70
CA LYS C 844 9.77 12.25 8.52
C LYS C 844 9.00 12.74 7.31
N PRO C 845 9.54 12.56 6.11
CA PRO C 845 8.76 12.89 4.91
C PRO C 845 7.54 12.00 4.78
N ILE C 846 6.45 12.58 4.26
CA ILE C 846 5.24 11.83 3.99
C ILE C 846 4.78 12.17 2.58
N MET C 847 4.05 11.23 1.97
CA MET C 847 3.60 11.42 0.59
C MET C 847 2.51 12.48 0.53
N ARG C 848 1.51 12.38 1.41
CA ARG C 848 0.40 13.32 1.46
C ARG C 848 0.31 13.92 2.85
N MET C 849 -0.03 15.21 2.91
CA MET C 849 -0.12 15.91 4.18
C MET C 849 -1.24 15.35 5.04
N ASN C 850 -1.00 15.23 6.33
CA ASN C 850 -2.00 14.79 7.29
C ASN C 850 -1.99 15.72 8.49
N GLY C 851 -2.91 15.47 9.41
CA GLY C 851 -3.18 16.42 10.47
C GLY C 851 -2.04 16.59 11.45
N ASN C 852 -1.41 15.49 11.86
CA ASN C 852 -0.30 15.58 12.81
C ASN C 852 0.86 16.35 12.22
N PHE C 853 1.18 16.08 10.95
CA PHE C 853 2.24 16.83 10.28
C PHE C 853 1.86 18.30 10.20
N ALA C 854 0.59 18.60 9.94
CA ALA C 854 0.15 19.99 9.90
C ALA C 854 0.35 20.67 11.25
N ARG C 855 -0.03 19.99 12.33
CA ARG C 855 0.06 20.57 13.66
C ARG C 855 1.51 20.82 14.06
N LYS C 856 2.41 19.89 13.73
CA LYS C 856 3.81 20.11 14.06
C LYS C 856 4.47 21.12 13.14
N LEU C 857 3.98 21.26 11.91
CA LEU C 857 4.56 22.19 10.95
C LEU C 857 4.14 23.63 11.24
N MET C 858 2.93 23.83 11.76
CA MET C 858 2.40 25.17 11.95
C MET C 858 2.86 25.81 13.24
N THR C 859 3.95 25.34 13.83
CA THR C 859 4.53 25.96 15.02
C THR C 859 5.64 26.93 14.62
N GLN C 860 5.93 27.86 15.53
CA GLN C 860 6.98 28.83 15.28
C GLN C 860 8.37 28.20 15.29
N GLU C 861 8.53 27.06 15.97
CA GLU C 861 9.81 26.38 15.96
C GLU C 861 10.17 25.90 14.56
N THR C 862 9.16 25.50 13.78
CA THR C 862 9.41 25.10 12.40
C THR C 862 9.91 26.28 11.58
N VAL C 863 9.33 27.46 11.77
CA VAL C 863 9.78 28.63 11.04
C VAL C 863 11.20 29.00 11.46
N ASP C 864 11.52 28.85 12.75
CA ASP C 864 12.88 29.11 13.19
C ASP C 864 13.87 28.12 12.57
N ALA C 865 13.47 26.85 12.45
CA ALA C 865 14.34 25.86 11.84
C ALA C 865 14.54 26.12 10.35
N VAL C 866 13.48 26.52 9.65
CA VAL C 866 13.59 26.84 8.24
C VAL C 866 14.31 28.17 8.02
N CYS C 867 14.35 29.01 9.05
CA CYS C 867 14.97 30.32 8.92
C CYS C 867 16.47 30.22 8.61
N GLU C 868 17.13 29.16 9.09
CA GLU C 868 18.56 29.02 8.86
C GLU C 868 18.89 28.41 7.51
N LEU C 869 17.90 28.06 6.71
CA LEU C 869 18.13 27.69 5.32
C LEU C 869 17.92 28.85 4.35
N ILE C 870 17.11 29.84 4.71
CA ILE C 870 16.91 31.03 3.91
C ILE C 870 18.10 31.96 4.12
N PRO C 871 18.79 32.37 3.05
CA PRO C 871 19.95 33.26 3.26
C PRO C 871 19.55 34.68 3.61
N SER C 872 18.59 35.26 2.90
CA SER C 872 18.23 36.65 3.14
C SER C 872 17.50 36.80 4.47
N GLU C 873 17.94 37.78 5.27
CA GLU C 873 17.33 38.02 6.57
C GLU C 873 15.97 38.71 6.44
N GLU C 874 15.76 39.47 5.38
CA GLU C 874 14.51 40.18 5.20
C GLU C 874 13.33 39.22 4.98
N ARG C 875 13.60 38.02 4.47
CA ARG C 875 12.54 37.03 4.33
C ARG C 875 12.17 36.39 5.66
N HIS C 876 13.11 36.37 6.62
CA HIS C 876 12.83 35.75 7.91
C HIS C 876 11.68 36.45 8.62
N GLU C 877 11.70 37.79 8.63
CA GLU C 877 10.66 38.53 9.32
C GLU C 877 9.31 38.36 8.62
N ALA C 878 9.31 38.33 7.29
CA ALA C 878 8.06 38.12 6.57
C ALA C 878 7.46 36.76 6.90
N LEU C 879 8.30 35.71 6.88
CA LEU C 879 7.79 34.38 7.16
C LEU C 879 7.30 34.26 8.60
N ARG C 880 8.03 34.85 9.55
CA ARG C 880 7.61 34.81 10.94
C ARG C 880 6.31 35.56 11.16
N GLU C 881 6.15 36.71 10.50
CA GLU C 881 4.90 37.45 10.61
C GLU C 881 3.74 36.63 10.05
N LEU C 882 3.97 35.96 8.92
CA LEU C 882 2.94 35.13 8.33
C LEU C 882 2.52 34.02 9.28
N MET C 883 3.49 33.33 9.88
CA MET C 883 3.16 32.23 10.77
C MET C 883 2.46 32.73 12.03
N ASP C 884 2.89 33.88 12.57
CA ASP C 884 2.23 34.42 13.75
C ASP C 884 0.79 34.78 13.46
N LEU C 885 0.54 35.40 12.31
CA LEU C 885 -0.84 35.72 11.95
C LEU C 885 -1.67 34.46 11.79
N TYR C 886 -1.10 33.44 11.16
CA TYR C 886 -1.85 32.19 10.97
C TYR C 886 -2.17 31.54 12.30
N LEU C 887 -1.23 31.55 13.24
CA LEU C 887 -1.48 30.94 14.55
C LEU C 887 -2.45 31.76 15.38
N LYS C 888 -2.51 33.07 15.14
CA LYS C 888 -3.52 33.87 15.83
C LYS C 888 -4.91 33.67 15.24
N MET C 889 -4.99 33.29 13.97
CA MET C 889 -6.30 33.05 13.35
C MET C 889 -6.81 31.63 13.52
N LYS C 890 -5.93 30.65 13.66
CA LYS C 890 -6.35 29.24 13.65
C LYS C 890 -7.31 28.85 14.76
N PRO C 891 -7.09 29.21 16.04
CA PRO C 891 -8.00 28.74 17.09
C PRO C 891 -9.43 29.19 16.90
N VAL C 892 -9.67 30.27 16.16
CA VAL C 892 -11.03 30.74 15.93
C VAL C 892 -11.83 29.70 15.16
N TRP C 893 -11.24 29.11 14.13
CA TRP C 893 -11.93 28.08 13.38
C TRP C 893 -11.62 26.67 13.86
N ARG C 894 -10.76 26.50 14.87
CA ARG C 894 -10.50 25.17 15.40
C ARG C 894 -11.19 24.88 16.73
N SER C 895 -11.58 25.90 17.49
CA SER C 895 -12.13 25.67 18.81
C SER C 895 -13.59 25.23 18.74
N SER C 896 -14.08 24.63 19.83
CA SER C 896 -15.44 24.14 19.91
C SER C 896 -16.41 25.15 20.52
N CYS C 897 -15.92 26.26 21.02
CA CYS C 897 -16.77 27.34 21.52
C CYS C 897 -15.95 28.62 21.58
N PRO C 898 -15.73 29.28 20.45
CA PRO C 898 -14.79 30.40 20.43
C PRO C 898 -15.16 31.53 21.37
N ALA C 899 -16.45 31.79 21.59
CA ALA C 899 -16.85 32.89 22.45
C ALA C 899 -16.34 32.69 23.88
N LYS C 900 -16.38 31.47 24.38
CA LYS C 900 -15.96 31.18 25.73
C LYS C 900 -14.56 30.57 25.81
N GLU C 901 -13.89 30.37 24.69
CA GLU C 901 -12.57 29.75 24.69
C GLU C 901 -11.46 30.63 24.14
N CYS C 902 -11.76 31.53 23.20
CA CYS C 902 -10.76 32.46 22.67
C CYS C 902 -11.46 33.76 22.28
N PRO C 903 -11.95 34.52 23.27
CA PRO C 903 -12.73 35.72 22.95
C PRO C 903 -11.94 36.78 22.23
N GLU C 904 -10.73 37.08 22.70
CA GLU C 904 -9.91 38.09 22.03
C GLU C 904 -9.56 37.67 20.62
N SER C 905 -9.22 36.39 20.43
CA SER C 905 -8.87 35.91 19.11
C SER C 905 -10.05 36.03 18.16
N LEU C 906 -11.27 35.75 18.66
CA LEU C 906 -12.45 35.92 17.82
C LEU C 906 -12.70 37.39 17.50
N CYS C 907 -12.51 38.27 18.49
CA CYS C 907 -12.84 39.68 18.28
C CYS C 907 -11.92 40.33 17.27
N GLN C 908 -10.61 40.12 17.41
CA GLN C 908 -9.66 40.65 16.42
C GLN C 908 -9.24 39.53 15.46
N TYR C 909 -10.17 39.23 14.55
CA TYR C 909 -9.94 38.30 13.46
C TYR C 909 -9.92 38.99 12.11
N SER C 910 -10.78 39.99 11.92
CA SER C 910 -10.77 40.75 10.68
C SER C 910 -9.47 41.50 10.49
N PHE C 911 -8.94 42.08 11.57
CA PHE C 911 -7.66 42.79 11.49
C PHE C 911 -6.54 41.85 11.09
N ASN C 912 -6.49 40.68 11.70
CA ASN C 912 -5.47 39.69 11.35
C ASN C 912 -5.64 39.21 9.92
N SER C 913 -6.87 39.02 9.47
CA SER C 913 -7.11 38.58 8.09
C SER C 913 -6.64 39.63 7.10
N GLN C 914 -6.94 40.90 7.37
CA GLN C 914 -6.49 41.97 6.48
C GLN C 914 -4.97 42.03 6.43
N ARG C 915 -4.31 41.90 7.59
CA ARG C 915 -2.86 41.93 7.60
C ARG C 915 -2.27 40.74 6.84
N PHE C 916 -2.88 39.56 7.00
CA PHE C 916 -2.42 38.37 6.29
C PHE C 916 -2.56 38.53 4.79
N ALA C 917 -3.69 39.06 4.34
CA ALA C 917 -3.89 39.28 2.90
C ALA C 917 -2.92 40.33 2.38
N GLU C 918 -2.66 41.38 3.15
CA GLU C 918 -1.69 42.37 2.72
C GLU C 918 -0.30 41.75 2.59
N LEU C 919 0.08 40.90 3.52
CA LEU C 919 1.38 40.24 3.43
C LEU C 919 1.44 39.34 2.20
N LEU C 920 0.36 38.61 1.92
CA LEU C 920 0.35 37.75 0.74
C LEU C 920 0.47 38.56 -0.54
N SER C 921 -0.23 39.70 -0.62
CA SER C 921 -0.20 40.49 -1.84
C SER C 921 1.11 41.26 -2.01
N THR C 922 1.79 41.60 -0.91
CA THR C 922 3.02 42.38 -1.00
C THR C 922 4.27 41.52 -1.05
N LYS C 923 4.52 40.74 -0.01
CA LYS C 923 5.78 40.01 0.07
C LYS C 923 5.77 38.78 -0.82
N PHE C 924 4.84 37.87 -0.57
CA PHE C 924 4.73 36.64 -1.35
C PHE C 924 3.90 36.85 -2.60
N LYS C 925 4.26 37.85 -3.40
CA LYS C 925 3.52 38.15 -4.61
C LYS C 925 3.78 37.15 -5.71
N TYR C 926 4.95 36.50 -5.70
CA TYR C 926 5.34 35.64 -6.80
C TYR C 926 4.48 34.39 -6.93
N ARG C 927 3.66 34.09 -5.92
CA ARG C 927 2.81 32.91 -5.98
C ARG C 927 1.33 33.22 -5.83
N TYR C 928 0.97 34.39 -5.31
CA TYR C 928 -0.42 34.73 -5.03
C TYR C 928 -0.83 36.01 -5.74
N GLU C 929 -0.32 36.22 -6.94
CA GLU C 929 -0.77 37.28 -7.82
C GLU C 929 -1.56 36.62 -8.94
N GLY C 930 -2.88 36.72 -8.87
CA GLY C 930 -3.74 36.10 -9.84
C GLY C 930 -4.16 34.69 -9.51
N LYS C 931 -3.74 34.15 -8.37
CA LYS C 931 -4.13 32.80 -7.97
C LYS C 931 -4.04 32.69 -6.46
N ILE C 932 -5.17 32.38 -5.82
CA ILE C 932 -5.21 32.10 -4.39
C ILE C 932 -5.93 30.77 -4.20
N THR C 933 -5.61 30.11 -3.10
CA THR C 933 -6.15 28.79 -2.83
C THR C 933 -7.51 28.88 -2.16
N ASN C 934 -8.30 27.81 -2.32
CA ASN C 934 -9.66 27.80 -1.81
C ASN C 934 -9.69 27.98 -0.31
N TYR C 935 -8.83 27.25 0.40
CA TYR C 935 -8.85 27.30 1.85
C TYR C 935 -8.36 28.63 2.36
N PHE C 936 -7.39 29.24 1.68
CA PHE C 936 -6.98 30.59 2.06
C PHE C 936 -8.12 31.58 1.87
N HIS C 937 -8.85 31.47 0.76
CA HIS C 937 -9.98 32.35 0.54
C HIS C 937 -11.03 32.18 1.65
N LYS C 938 -11.34 30.93 1.98
CA LYS C 938 -12.34 30.68 3.02
C LYS C 938 -11.90 31.25 4.36
N THR C 939 -10.65 30.98 4.74
CA THR C 939 -10.16 31.40 6.05
C THR C 939 -10.00 32.92 6.13
N LEU C 940 -9.85 33.58 5.00
CA LEU C 940 -9.71 35.02 5.05
C LEU C 940 -11.02 35.76 4.81
N ALA C 941 -12.06 35.07 4.36
CA ALA C 941 -13.30 35.74 4.01
C ALA C 941 -14.49 35.35 4.87
N HIS C 942 -14.73 34.05 5.07
CA HIS C 942 -16.05 33.61 5.50
C HIS C 942 -16.16 33.24 6.97
N VAL C 943 -15.05 32.96 7.65
CA VAL C 943 -15.07 32.46 9.02
C VAL C 943 -15.72 33.43 10.01
N PRO C 944 -15.49 34.75 9.94
CA PRO C 944 -16.21 35.64 10.86
C PRO C 944 -17.72 35.59 10.73
N GLU C 945 -18.25 35.17 9.58
CA GLU C 945 -19.68 35.07 9.36
C GLU C 945 -20.24 33.69 9.66
N ILE C 946 -19.47 32.63 9.37
CA ILE C 946 -19.95 31.28 9.66
C ILE C 946 -20.09 31.07 11.16
N ILE C 947 -19.16 31.61 11.94
CA ILE C 947 -19.24 31.49 13.40
C ILE C 947 -20.46 32.24 13.92
N GLU C 948 -20.70 33.45 13.41
CA GLU C 948 -21.88 34.19 13.82
C GLU C 948 -23.16 33.46 13.46
N ARG C 949 -23.15 32.72 12.35
CA ARG C 949 -24.35 31.97 11.97
C ARG C 949 -24.54 30.74 12.85
N ASP C 950 -23.52 29.90 12.97
CA ASP C 950 -23.66 28.61 13.64
C ASP C 950 -23.26 28.67 15.12
N GLY C 951 -22.02 29.01 15.39
CA GLY C 951 -21.53 29.01 16.76
C GLY C 951 -20.13 28.45 16.89
N SER C 952 -19.75 27.54 16.00
CA SER C 952 -18.41 27.00 15.98
C SER C 952 -18.15 26.36 14.63
N ILE C 953 -16.87 26.24 14.29
CA ILE C 953 -16.43 25.54 13.09
C ILE C 953 -15.90 24.15 13.44
N GLY C 954 -15.12 24.06 14.51
CA GLY C 954 -14.49 22.80 14.85
C GLY C 954 -15.47 21.71 15.24
N ALA C 955 -16.59 22.10 15.86
CA ALA C 955 -17.58 21.10 16.27
C ALA C 955 -18.17 20.39 15.07
N TRP C 956 -18.40 21.12 13.99
CA TRP C 956 -18.98 20.56 12.78
C TRP C 956 -17.85 20.28 11.79
N ALA C 957 -17.12 19.20 12.05
CA ALA C 957 -15.97 18.83 11.25
C ALA C 957 -16.00 17.35 10.96
N SER C 958 -15.30 16.95 9.90
CA SER C 958 -15.24 15.57 9.47
C SER C 958 -14.34 14.72 10.33
N GLU C 959 -13.86 15.25 11.45
CA GLU C 959 -12.94 14.52 12.30
C GLU C 959 -13.59 13.25 12.84
N GLY C 960 -14.87 13.32 13.19
CA GLY C 960 -15.54 12.14 13.72
C GLY C 960 -15.63 11.02 12.72
N ASN C 961 -16.02 11.34 11.49
CA ASN C 961 -16.12 10.31 10.46
C ASN C 961 -14.74 9.77 10.09
N GLU C 962 -13.74 10.64 10.02
CA GLU C 962 -12.38 10.18 9.72
C GLU C 962 -11.89 9.23 10.80
N SER C 963 -12.15 9.55 12.07
CA SER C 963 -11.77 8.65 13.14
C SER C 963 -12.55 7.34 13.08
N GLY C 964 -13.83 7.41 12.66
CA GLY C 964 -14.61 6.21 12.51
C GLY C 964 -14.17 5.31 11.38
N ASN C 965 -13.49 5.88 10.39
CA ASN C 965 -12.93 5.04 9.32
C ASN C 965 -11.92 4.05 9.88
N LYS C 966 -11.15 4.48 10.88
CA LYS C 966 -10.21 3.57 11.53
C LYS C 966 -10.93 2.42 12.19
N LEU C 967 -12.04 2.70 12.88
CA LEU C 967 -12.84 1.64 13.47
C LEU C 967 -13.41 0.72 12.40
N PHE C 968 -13.82 1.29 11.26
CA PHE C 968 -14.34 0.47 10.17
C PHE C 968 -13.28 -0.51 9.68
N ARG C 969 -12.06 -0.02 9.46
CA ARG C 969 -10.98 -0.88 9.01
C ARG C 969 -10.67 -1.96 10.03
N ARG C 970 -10.67 -1.61 11.32
CA ARG C 970 -10.39 -2.59 12.36
C ARG C 970 -11.47 -3.65 12.41
N PHE C 971 -12.74 -3.24 12.35
CA PHE C 971 -13.86 -4.15 12.49
C PHE C 971 -13.96 -5.09 11.29
N ARG C 972 -13.71 -4.58 10.09
CA ARG C 972 -13.84 -5.39 8.89
C ARG C 972 -12.94 -6.61 8.93
N LYS C 973 -11.88 -6.60 9.73
CA LYS C 973 -10.96 -7.72 9.80
C LYS C 973 -10.91 -8.40 11.15
N MET C 974 -11.44 -7.80 12.21
CA MET C 974 -11.39 -8.45 13.51
C MET C 974 -12.75 -8.71 14.16
N ASN C 975 -13.82 -8.09 13.69
CA ASN C 975 -15.13 -8.29 14.30
C ASN C 975 -16.22 -8.39 13.24
N ALA C 976 -15.97 -9.16 12.17
CA ALA C 976 -16.95 -9.34 11.13
C ALA C 976 -16.66 -10.62 10.37
N ARG C 977 -17.73 -11.27 9.90
CA ARG C 977 -17.56 -12.48 9.10
C ARG C 977 -16.86 -12.16 7.80
N GLN C 978 -15.91 -13.01 7.42
CA GLN C 978 -15.05 -12.72 6.28
C GLN C 978 -15.65 -13.22 4.98
N SER C 979 -16.89 -12.82 4.71
CA SER C 979 -17.58 -13.14 3.47
C SER C 979 -18.24 -11.90 2.92
N LYS C 980 -18.33 -11.82 1.60
CA LYS C 980 -18.86 -10.61 0.96
C LYS C 980 -20.35 -10.42 1.21
N CYS C 981 -21.06 -11.45 1.65
CA CYS C 981 -22.49 -11.37 1.87
C CYS C 981 -22.88 -11.08 3.30
N TYR C 982 -21.91 -10.94 4.22
CA TYR C 982 -22.21 -10.70 5.61
C TYR C 982 -21.35 -9.61 6.26
N GLU C 983 -20.20 -9.27 5.68
CA GLU C 983 -19.24 -8.42 6.36
C GLU C 983 -19.82 -7.02 6.62
N MET C 984 -20.54 -6.47 5.64
CA MET C 984 -21.03 -5.11 5.79
C MET C 984 -22.04 -5.01 6.92
N GLU C 985 -22.99 -5.96 6.99
CA GLU C 985 -23.98 -5.91 8.06
C GLU C 985 -23.34 -6.17 9.41
N ASP C 986 -22.36 -7.08 9.47
CA ASP C 986 -21.68 -7.32 10.73
C ASP C 986 -20.98 -6.06 11.22
N VAL C 987 -20.26 -5.39 10.33
CA VAL C 987 -19.55 -4.17 10.71
C VAL C 987 -20.53 -3.10 11.13
N LEU C 988 -21.65 -2.97 10.41
CA LEU C 988 -22.64 -1.95 10.75
C LEU C 988 -23.20 -2.16 12.15
N LYS C 989 -23.61 -3.39 12.46
CA LYS C 989 -24.16 -3.67 13.77
C LYS C 989 -23.13 -3.44 14.87
N HIS C 990 -21.89 -3.90 14.65
CA HIS C 990 -20.88 -3.74 15.70
C HIS C 990 -20.53 -2.28 15.91
N HIS C 991 -20.47 -1.50 14.84
CA HIS C 991 -20.20 -0.07 14.98
C HIS C 991 -21.30 0.64 15.74
N TRP C 992 -22.56 0.31 15.42
CA TRP C 992 -23.67 0.92 16.14
C TRP C 992 -23.62 0.57 17.62
N LEU C 993 -23.27 -0.67 17.94
CA LEU C 993 -23.12 -1.03 19.35
C LEU C 993 -21.98 -0.26 20.00
N TYR C 994 -20.87 -0.09 19.29
CA TYR C 994 -19.71 0.58 19.85
C TYR C 994 -19.99 2.05 20.13
N THR C 995 -20.90 2.66 19.38
CA THR C 995 -21.25 4.07 19.59
C THR C 995 -22.49 4.24 20.46
N SER C 996 -22.67 3.38 21.46
CA SER C 996 -23.86 3.38 22.31
C SER C 996 -23.51 3.90 23.69
N LYS C 997 -24.17 4.99 24.10
CA LYS C 997 -23.89 5.60 25.39
C LYS C 997 -24.32 4.72 26.55
N TYR C 998 -25.37 3.92 26.35
CA TYR C 998 -25.79 2.99 27.41
C TYR C 998 -24.70 2.00 27.75
N LEU C 999 -24.01 1.47 26.74
CA LEU C 999 -22.89 0.58 26.99
C LEU C 999 -21.68 1.34 27.50
N GLN C 1000 -21.39 2.49 26.90
CA GLN C 1000 -20.21 3.26 27.31
C GLN C 1000 -20.31 3.74 28.75
N LYS C 1001 -21.51 3.85 29.31
CA LYS C 1001 -21.65 4.31 30.67
C LYS C 1001 -21.14 3.29 31.68
N PHE C 1002 -21.21 2.00 31.35
CA PHE C 1002 -20.76 0.98 32.28
C PHE C 1002 -19.27 1.07 32.53
N MET C 1003 -18.48 1.31 31.48
CA MET C 1003 -17.02 1.36 31.65
C MET C 1003 -16.61 2.49 32.58
N ASN C 1004 -17.37 3.58 32.61
CA ASN C 1004 -17.15 4.62 33.60
C ASN C 1004 -18.00 4.37 34.85
N ALA C 1005 -17.92 3.15 35.37
CA ALA C 1005 -18.62 2.80 36.60
C ALA C 1005 -17.77 3.00 37.83
N HIS C 1006 -16.45 2.99 37.70
CA HIS C 1006 -15.58 3.27 38.82
C HIS C 1006 -15.75 4.71 39.30
N ASN C 1007 -15.85 5.65 38.36
CA ASN C 1007 -16.01 7.05 38.71
C ASN C 1007 -17.48 7.43 38.79
N MET D 1 -20.21 -10.87 -42.24
CA MET D 1 -20.10 -10.06 -41.04
C MET D 1 -18.70 -10.18 -40.45
N SER D 2 -17.98 -9.08 -40.36
CA SER D 2 -16.60 -9.07 -39.90
C SER D 2 -16.48 -8.34 -38.58
N LEU D 3 -15.72 -8.91 -37.65
CA LEU D 3 -15.57 -8.39 -36.30
C LEU D 3 -14.14 -7.93 -36.10
N GLN D 4 -13.96 -6.69 -35.65
CA GLN D 4 -12.63 -6.12 -35.50
C GLN D 4 -12.54 -5.28 -34.25
N MET D 5 -11.45 -5.43 -33.49
CA MET D 5 -11.27 -4.68 -32.27
C MET D 5 -11.04 -3.20 -32.58
N VAL D 6 -11.44 -2.33 -31.65
CA VAL D 6 -11.19 -0.90 -31.78
C VAL D 6 -10.69 -0.38 -30.45
N THR D 7 -9.64 0.44 -30.50
CA THR D 7 -9.04 1.02 -29.31
C THR D 7 -9.54 2.44 -29.11
N VAL D 8 -9.64 2.85 -27.85
CA VAL D 8 -10.21 4.14 -27.49
C VAL D 8 -9.11 5.01 -26.90
N GLY D 9 -9.29 6.32 -27.03
CA GLY D 9 -8.30 7.27 -26.57
C GLY D 9 -8.38 7.55 -25.08
N HIS D 10 -8.29 8.83 -24.71
CA HIS D 10 -8.22 9.21 -23.31
C HIS D 10 -9.59 9.43 -22.67
N ASN D 11 -10.67 9.44 -23.46
CA ASN D 11 -12.01 9.60 -22.92
C ASN D 11 -12.78 8.29 -22.89
N ILE D 12 -12.06 7.17 -22.82
CA ILE D 12 -12.68 5.85 -22.79
C ILE D 12 -13.67 5.75 -21.64
N ALA D 13 -13.31 6.29 -20.48
CA ALA D 13 -14.15 6.19 -19.30
C ALA D 13 -15.51 6.85 -19.50
N LEU D 14 -15.66 7.69 -20.52
CA LEU D 14 -16.95 8.30 -20.77
C LEU D 14 -17.98 7.34 -21.32
N ILE D 15 -17.59 6.13 -21.75
CA ILE D 15 -18.52 5.22 -22.37
C ILE D 15 -19.08 4.27 -21.32
N GLN D 16 -20.40 4.20 -21.24
CA GLN D 16 -21.13 3.41 -20.26
C GLN D 16 -22.28 2.72 -20.96
N PRO D 17 -22.79 1.62 -20.40
CA PRO D 17 -23.94 0.96 -21.02
C PRO D 17 -25.13 1.89 -21.14
N GLY D 18 -25.83 1.77 -22.25
CA GLY D 18 -27.00 2.58 -22.49
C GLY D 18 -26.76 3.85 -23.29
N PHE D 19 -25.57 4.04 -23.83
CA PHE D 19 -25.30 5.22 -24.63
C PHE D 19 -26.04 5.14 -25.96
N SER D 20 -26.10 6.27 -26.65
CA SER D 20 -26.77 6.36 -27.93
C SER D 20 -25.83 6.97 -28.97
N LEU D 21 -25.98 6.50 -30.20
CA LEU D 21 -25.23 7.01 -31.35
C LEU D 21 -26.21 7.54 -32.38
N MET D 22 -25.86 8.67 -32.97
CA MET D 22 -26.69 9.35 -33.96
C MET D 22 -25.90 9.53 -35.25
N ASN D 23 -26.60 9.46 -36.37
CA ASN D 23 -25.97 9.58 -37.68
C ASN D 23 -26.52 10.83 -38.37
N PHE D 24 -25.61 11.74 -38.74
CA PHE D 24 -25.96 12.97 -39.44
C PHE D 24 -25.11 13.06 -40.70
N ASP D 25 -25.72 12.78 -41.85
CA ASP D 25 -25.07 12.94 -43.15
C ASP D 25 -23.73 12.23 -43.19
N GLY D 26 -23.69 11.02 -42.65
CA GLY D 26 -22.49 10.22 -42.69
C GLY D 26 -21.54 10.41 -41.53
N GLN D 27 -21.81 11.36 -40.65
CA GLN D 27 -21.00 11.55 -39.45
C GLN D 27 -21.69 10.88 -38.27
N VAL D 28 -20.89 10.31 -37.37
CA VAL D 28 -21.41 9.60 -36.20
C VAL D 28 -21.15 10.42 -34.96
N PHE D 29 -22.16 10.54 -34.10
CA PHE D 29 -22.06 11.31 -32.88
C PHE D 29 -22.53 10.47 -31.69
N PHE D 30 -22.02 10.84 -30.52
CA PHE D 30 -22.14 10.05 -29.30
C PHE D 30 -22.85 10.87 -28.23
N PHE D 31 -23.80 10.26 -27.54
CA PHE D 31 -24.56 10.92 -26.50
C PHE D 31 -24.85 9.94 -25.38
N GLY D 32 -24.88 10.45 -24.14
CA GLY D 32 -25.13 9.61 -23.00
C GLY D 32 -23.90 9.10 -22.29
N GLN D 33 -23.03 10.02 -21.87
CA GLN D 33 -21.78 9.63 -21.23
C GLN D 33 -22.03 9.22 -19.77
N LYS D 34 -20.94 8.91 -19.08
CA LYS D 34 -20.98 8.54 -17.67
C LYS D 34 -20.61 9.74 -16.81
N GLY D 35 -21.47 10.06 -15.86
CA GLY D 35 -21.27 11.22 -15.03
C GLY D 35 -21.73 12.49 -15.72
N TRP D 36 -21.84 13.55 -14.93
CA TRP D 36 -22.27 14.82 -15.46
C TRP D 36 -21.19 15.39 -16.37
N PRO D 37 -21.57 16.22 -17.35
CA PRO D 37 -20.57 16.77 -18.27
C PRO D 37 -19.50 17.56 -17.54
N LYS D 38 -18.26 17.37 -17.97
CA LYS D 38 -17.12 18.04 -17.35
C LYS D 38 -16.85 19.35 -18.08
N ARG D 39 -15.75 20.01 -17.72
CA ARG D 39 -15.44 21.29 -18.32
C ARG D 39 -14.90 21.15 -19.74
N SER D 40 -14.28 20.01 -20.05
CA SER D 40 -13.77 19.79 -21.40
C SER D 40 -14.90 19.77 -22.42
N CYS D 41 -15.99 19.08 -22.12
CA CYS D 41 -17.13 18.95 -23.02
C CYS D 41 -18.42 19.25 -22.26
N PRO D 42 -18.79 20.53 -22.14
CA PRO D 42 -20.03 20.87 -21.42
C PRO D 42 -21.28 20.28 -22.05
N THR D 43 -21.32 20.15 -23.38
CA THR D 43 -22.55 19.73 -24.04
C THR D 43 -22.88 18.28 -23.73
N GLY D 44 -21.91 17.39 -23.80
CA GLY D 44 -22.12 15.98 -23.61
C GLY D 44 -22.13 15.16 -24.87
N VAL D 45 -22.27 15.79 -26.03
CA VAL D 45 -22.24 15.09 -27.31
C VAL D 45 -20.82 15.12 -27.86
N PHE D 46 -20.45 14.06 -28.57
CA PHE D 46 -19.10 13.89 -29.07
C PHE D 46 -19.13 13.41 -30.52
N HIS D 47 -17.99 13.53 -31.18
N HIS D 47 -18.00 13.60 -31.20
CA HIS D 47 -17.83 13.07 -32.55
CA HIS D 47 -17.78 13.06 -32.54
C HIS D 47 -17.19 11.69 -32.52
C HIS D 47 -17.21 11.66 -32.41
N PHE D 48 -18.01 10.65 -32.72
CA PHE D 48 -17.57 9.26 -32.62
C PHE D 48 -16.77 8.91 -33.88
N ASP D 49 -15.49 9.31 -33.89
CA ASP D 49 -14.68 9.16 -35.09
C ASP D 49 -13.87 7.86 -35.00
N ILE D 50 -14.12 6.96 -35.94
CA ILE D 50 -13.35 5.72 -36.05
C ILE D 50 -12.56 5.76 -37.34
N LYS D 51 -11.23 5.73 -37.21
CA LYS D 51 -10.33 5.70 -38.35
C LYS D 51 -9.19 4.76 -38.06
N GLN D 52 -8.79 3.98 -39.06
CA GLN D 52 -7.81 2.90 -38.94
C GLN D 52 -7.98 2.14 -37.63
N ASN D 53 -9.22 1.71 -37.39
CA ASN D 53 -9.57 0.89 -36.23
C ASN D 53 -9.16 1.55 -34.91
N HIS D 54 -9.32 2.87 -34.83
CA HIS D 54 -9.05 3.61 -33.62
C HIS D 54 -10.16 4.63 -33.42
N LEU D 55 -10.63 4.75 -32.18
CA LEU D 55 -11.78 5.58 -31.84
C LEU D 55 -11.30 6.82 -31.10
N LYS D 56 -11.76 7.97 -31.55
CA LYS D 56 -11.53 9.23 -30.88
C LYS D 56 -12.86 9.92 -30.66
N LEU D 57 -12.94 10.65 -29.54
CA LEU D 57 -14.13 11.37 -29.13
C LEU D 57 -13.77 12.83 -28.99
N LYS D 58 -14.13 13.63 -29.99
CA LYS D 58 -13.86 15.05 -29.88
C LYS D 58 -15.11 15.81 -29.47
N PRO D 59 -14.97 16.87 -28.68
CA PRO D 59 -16.16 17.59 -28.19
C PRO D 59 -16.92 18.30 -29.31
N ALA D 60 -18.22 18.44 -29.10
CA ALA D 60 -19.10 19.12 -30.02
C ALA D 60 -19.86 20.21 -29.28
N ILE D 61 -20.07 21.33 -29.92
CA ILE D 61 -20.68 22.50 -29.30
C ILE D 61 -22.10 22.64 -29.79
N PHE D 62 -23.00 23.06 -28.90
CA PHE D 62 -24.34 23.36 -29.30
C PHE D 62 -24.41 24.80 -29.84
N SER D 63 -25.60 25.23 -30.18
CA SER D 63 -25.82 26.58 -30.69
C SER D 63 -26.38 27.46 -29.59
N LYS D 64 -26.68 28.70 -29.94
CA LYS D 64 -27.17 29.65 -28.95
C LYS D 64 -28.61 29.36 -28.55
N ASP D 65 -29.39 28.77 -29.46
CA ASP D 65 -30.79 28.47 -29.18
C ASP D 65 -30.97 27.12 -28.49
N SER D 66 -29.89 26.42 -28.21
CA SER D 66 -29.95 25.04 -27.76
C SER D 66 -30.32 24.94 -26.30
N CYS D 67 -30.67 23.72 -25.89
CA CYS D 67 -30.85 23.37 -24.49
C CYS D 67 -29.88 22.26 -24.14
N TYR D 68 -29.10 22.46 -23.09
CA TYR D 68 -28.03 21.56 -22.72
C TYR D 68 -28.62 20.37 -21.97
N LEU D 69 -28.93 19.31 -22.71
CA LEU D 69 -29.69 18.21 -22.17
C LEU D 69 -28.82 17.35 -21.25
N PRO D 70 -29.43 16.73 -20.24
CA PRO D 70 -28.68 15.86 -19.35
C PRO D 70 -28.31 14.57 -20.04
N PRO D 71 -27.27 13.88 -19.56
CA PRO D 71 -26.91 12.58 -20.16
C PRO D 71 -27.94 11.51 -19.85
N LEU D 72 -28.75 11.16 -20.84
CA LEU D 72 -29.77 10.14 -20.70
C LEU D 72 -29.17 8.77 -20.93
N ARG D 73 -29.60 7.79 -20.13
CA ARG D 73 -28.90 6.52 -20.05
C ARG D 73 -29.60 5.37 -20.75
N TYR D 74 -30.90 5.45 -20.99
CA TYR D 74 -31.54 4.44 -21.82
C TYR D 74 -32.69 5.05 -22.60
N PRO D 75 -32.44 6.05 -23.44
CA PRO D 75 -33.53 6.79 -24.04
C PRO D 75 -34.14 6.05 -25.22
N ALA D 76 -35.29 6.56 -25.66
CA ALA D 76 -35.94 6.10 -26.88
C ALA D 76 -35.64 7.12 -27.96
N THR D 77 -34.90 6.71 -28.98
CA THR D 77 -34.41 7.61 -30.01
C THR D 77 -34.89 7.16 -31.38
N CYS D 78 -35.33 8.13 -32.18
CA CYS D 78 -35.76 7.84 -33.54
C CYS D 78 -35.29 8.93 -34.48
N SER D 79 -35.19 8.59 -35.75
CA SER D 79 -34.85 9.56 -36.79
C SER D 79 -36.13 10.14 -37.39
N TYR D 80 -36.03 11.38 -37.85
CA TYR D 80 -37.17 12.12 -38.36
C TYR D 80 -36.71 12.91 -39.57
N LYS D 81 -37.36 12.71 -40.71
CA LYS D 81 -37.00 13.39 -41.93
C LYS D 81 -38.01 14.47 -42.28
N LYS D 88 -34.50 19.53 -41.63
CA LYS D 88 -33.94 18.40 -42.34
C LYS D 88 -33.92 17.16 -41.44
N HIS D 89 -32.88 16.34 -41.60
CA HIS D 89 -32.74 15.15 -40.79
C HIS D 89 -32.52 15.54 -39.34
N GLN D 90 -33.39 15.07 -38.44
CA GLN D 90 -33.28 15.39 -37.02
C GLN D 90 -33.55 14.15 -36.20
N TYR D 91 -33.19 14.21 -34.93
CA TYR D 91 -33.30 13.09 -34.01
C TYR D 91 -34.25 13.45 -32.88
N ILE D 92 -35.03 12.47 -32.44
CA ILE D 92 -36.00 12.65 -31.37
C ILE D 92 -35.60 11.72 -30.23
N ILE D 93 -35.41 12.29 -29.04
CA ILE D 93 -34.99 11.56 -27.86
C ILE D 93 -36.05 11.76 -26.79
N HIS D 94 -36.56 10.66 -26.25
CA HIS D 94 -37.59 10.69 -25.22
C HIS D 94 -37.20 9.80 -24.07
N GLY D 95 -37.54 10.22 -22.86
CA GLY D 95 -37.28 9.40 -21.70
C GLY D 95 -35.80 9.35 -21.34
N GLY D 96 -35.43 8.27 -20.65
CA GLY D 96 -34.06 8.07 -20.22
C GLY D 96 -33.90 8.33 -18.73
N LYS D 97 -32.68 8.08 -18.26
CA LYS D 97 -32.31 8.28 -16.87
C LYS D 97 -31.16 9.28 -16.78
N THR D 98 -31.33 10.29 -15.94
CA THR D 98 -30.27 11.24 -15.64
C THR D 98 -29.26 10.61 -14.70
N PRO D 99 -28.06 11.18 -14.59
CA PRO D 99 -27.06 10.59 -13.69
C PRO D 99 -27.50 10.47 -12.25
N ASN D 100 -28.42 11.33 -11.79
CA ASN D 100 -28.94 11.23 -10.43
C ASN D 100 -29.95 10.10 -10.27
N ASN D 101 -30.14 9.26 -11.29
CA ASN D 101 -31.08 8.15 -11.27
C ASN D 101 -32.51 8.65 -11.05
N GLU D 102 -32.95 9.52 -11.94
CA GLU D 102 -34.34 9.94 -11.98
C GLU D 102 -34.77 10.07 -13.43
N LEU D 103 -35.95 9.54 -13.75
CA LEU D 103 -36.39 9.46 -15.12
C LEU D 103 -36.79 10.83 -15.65
N SER D 104 -36.81 10.95 -16.96
CA SER D 104 -37.15 12.19 -17.63
C SER D 104 -38.37 11.98 -18.52
N ASP D 105 -39.19 13.03 -18.61
CA ASP D 105 -40.40 13.00 -19.44
C ASP D 105 -40.37 14.11 -20.49
N LYS D 106 -39.19 14.45 -20.98
CA LYS D 106 -39.01 15.52 -21.94
C LYS D 106 -38.64 14.96 -23.30
N ILE D 107 -39.16 15.57 -24.35
CA ILE D 107 -38.77 15.25 -25.72
C ILE D 107 -37.72 16.27 -26.16
N TYR D 108 -36.59 15.78 -26.64
CA TYR D 108 -35.54 16.63 -27.18
C TYR D 108 -35.41 16.35 -28.67
N ILE D 109 -35.43 17.42 -29.47
CA ILE D 109 -35.20 17.32 -30.90
C ILE D 109 -33.82 17.89 -31.19
N MET D 110 -32.94 17.06 -31.75
CA MET D 110 -31.58 17.46 -32.08
C MET D 110 -31.42 17.59 -33.59
N SER D 111 -30.85 18.70 -34.03
CA SER D 111 -30.56 18.92 -35.44
C SER D 111 -29.17 19.53 -35.57
N VAL D 112 -28.73 19.70 -36.81
CA VAL D 112 -27.42 20.29 -37.11
C VAL D 112 -27.63 21.73 -37.56
N ALA D 113 -27.01 22.67 -36.84
CA ALA D 113 -27.17 24.08 -37.17
C ALA D 113 -26.18 24.52 -38.26
N CYS D 114 -24.89 24.20 -38.08
CA CYS D 114 -23.90 24.60 -39.06
C CYS D 114 -22.68 23.69 -38.94
N LYS D 115 -22.19 23.23 -40.08
CA LYS D 115 -20.96 22.45 -40.15
C LYS D 115 -20.09 23.00 -41.26
N ASN D 116 -18.90 23.48 -40.91
CA ASN D 116 -18.01 24.10 -41.88
C ASN D 116 -17.02 23.09 -42.47
N ASN D 117 -16.18 22.49 -41.61
CA ASN D 117 -15.23 21.49 -42.07
C ASN D 117 -14.86 20.64 -40.85
N LYS D 118 -15.48 19.46 -40.76
CA LYS D 118 -15.23 18.53 -39.65
C LYS D 118 -15.45 19.21 -38.30
N LYS D 119 -16.44 20.09 -38.22
CA LYS D 119 -16.77 20.79 -36.99
C LYS D 119 -18.26 21.11 -37.04
N VAL D 120 -19.04 20.35 -36.28
CA VAL D 120 -20.50 20.40 -36.35
C VAL D 120 -21.03 21.04 -35.07
N THR D 121 -21.95 21.98 -35.23
CA THR D 121 -22.69 22.56 -34.11
C THR D 121 -24.12 22.07 -34.15
N PHE D 122 -24.65 21.69 -32.99
CA PHE D 122 -25.98 21.13 -32.90
C PHE D 122 -26.98 22.16 -32.38
N ARG D 123 -28.24 21.76 -32.42
CA ARG D 123 -29.35 22.55 -31.89
C ARG D 123 -30.31 21.58 -31.24
N CYS D 124 -30.46 21.68 -29.92
CA CYS D 124 -31.34 20.80 -29.16
C CYS D 124 -32.50 21.63 -28.63
N THR D 125 -33.72 21.27 -29.02
CA THR D 125 -34.92 21.99 -28.64
C THR D 125 -35.81 21.08 -27.80
N GLU D 126 -36.27 21.60 -26.67
CA GLU D 126 -37.15 20.85 -25.78
C GLU D 126 -38.59 21.07 -26.23
N LYS D 127 -39.29 19.98 -26.51
CA LYS D 127 -40.64 20.03 -27.04
C LYS D 127 -41.63 19.70 -25.92
N ASP D 128 -42.48 20.66 -25.59
CA ASP D 128 -43.48 20.42 -24.55
C ASP D 128 -44.53 19.45 -25.05
N LEU D 129 -44.96 18.56 -24.16
CA LEU D 129 -45.91 17.51 -24.50
C LEU D 129 -47.21 17.75 -23.74
N VAL D 130 -48.33 17.80 -24.46
CA VAL D 130 -49.63 18.06 -23.88
C VAL D 130 -50.59 16.97 -24.31
N GLY D 131 -51.65 16.79 -23.53
CA GLY D 131 -52.60 15.73 -23.78
C GLY D 131 -52.42 14.59 -22.81
N ASP D 132 -52.54 13.35 -23.31
CA ASP D 132 -52.30 12.17 -22.49
C ASP D 132 -50.80 11.86 -22.49
N VAL D 133 -50.07 12.67 -21.75
CA VAL D 133 -48.60 12.61 -21.78
C VAL D 133 -48.13 11.31 -21.13
N PRO D 134 -47.27 10.54 -21.80
CA PRO D 134 -46.79 9.30 -21.21
C PRO D 134 -45.94 9.57 -19.98
N GLU D 135 -46.00 8.63 -19.03
CA GLU D 135 -45.27 8.78 -17.80
C GLU D 135 -43.77 8.62 -18.06
N PRO D 136 -42.92 9.16 -17.18
CA PRO D 136 -41.48 8.97 -17.35
C PRO D 136 -41.13 7.49 -17.36
N ARG D 137 -40.19 7.13 -18.22
CA ARG D 137 -39.89 5.73 -18.49
C ARG D 137 -38.53 5.62 -19.15
N TYR D 138 -37.99 4.40 -19.15
CA TYR D 138 -36.76 4.12 -19.86
C TYR D 138 -36.84 2.70 -20.43
N GLY D 139 -36.11 2.49 -21.52
CA GLY D 139 -36.13 1.20 -22.19
C GLY D 139 -37.25 1.01 -23.18
N HIS D 140 -38.02 2.04 -23.48
CA HIS D 140 -39.16 1.95 -24.37
C HIS D 140 -38.69 2.15 -25.81
N SER D 141 -39.64 2.30 -26.73
CA SER D 141 -39.31 2.46 -28.14
C SER D 141 -40.25 3.48 -28.79
N ILE D 142 -39.68 4.27 -29.69
CA ILE D 142 -40.42 5.29 -30.43
C ILE D 142 -39.99 5.23 -31.89
N ASP D 143 -40.97 5.21 -32.79
CA ASP D 143 -40.72 5.20 -34.22
C ASP D 143 -41.59 6.27 -34.87
N VAL D 144 -41.33 6.54 -36.15
CA VAL D 144 -42.04 7.55 -36.91
C VAL D 144 -42.74 6.90 -38.08
N VAL D 145 -44.02 7.18 -38.25
CA VAL D 145 -44.85 6.60 -39.30
C VAL D 145 -45.35 7.71 -40.21
N TYR D 146 -45.34 7.42 -41.51
CA TYR D 146 -45.84 8.33 -42.53
C TYR D 146 -47.07 7.72 -43.17
N SER D 147 -48.12 8.52 -43.32
CA SER D 147 -49.35 8.04 -43.95
C SER D 147 -50.14 9.23 -44.48
N ARG D 148 -50.54 9.14 -45.74
CA ARG D 148 -51.34 10.19 -46.39
C ARG D 148 -50.68 11.56 -46.26
N GLY D 149 -49.35 11.59 -46.38
CA GLY D 149 -48.63 12.83 -46.32
C GLY D 149 -48.51 13.45 -44.96
N LYS D 150 -48.90 12.74 -43.89
CA LYS D 150 -48.78 13.23 -42.53
C LYS D 150 -47.94 12.26 -41.72
N SER D 151 -47.10 12.80 -40.85
CA SER D 151 -46.17 12.01 -40.06
C SER D 151 -46.53 12.10 -38.59
N MET D 152 -46.52 10.95 -37.91
CA MET D 152 -46.70 10.92 -36.46
C MET D 152 -45.67 9.97 -35.87
N GLY D 153 -45.69 9.84 -34.56
CA GLY D 153 -44.76 8.97 -33.85
C GLY D 153 -45.51 7.97 -33.00
N VAL D 154 -45.02 6.74 -32.96
CA VAL D 154 -45.63 5.67 -32.19
C VAL D 154 -44.67 5.32 -31.07
N LEU D 155 -45.15 5.41 -29.83
CA LEU D 155 -44.36 5.11 -28.64
C LEU D 155 -45.01 3.94 -27.91
N PHE D 156 -44.21 2.95 -27.57
CA PHE D 156 -44.69 1.77 -26.87
C PHE D 156 -44.11 1.74 -25.47
N GLY D 157 -44.72 0.89 -24.63
CA GLY D 157 -44.40 0.91 -23.22
C GLY D 157 -42.98 0.45 -22.92
N GLY D 158 -42.55 0.78 -21.73
CA GLY D 158 -41.22 0.44 -21.27
C GLY D 158 -41.20 0.08 -19.80
N ARG D 159 -40.30 0.69 -19.05
CA ARG D 159 -40.10 0.36 -17.64
C ARG D 159 -39.96 1.65 -16.85
N SER D 160 -40.67 1.75 -15.73
CA SER D 160 -40.66 2.96 -14.93
C SER D 160 -40.60 2.60 -13.46
N TYR D 161 -40.68 3.60 -12.60
CA TYR D 161 -40.73 3.39 -11.16
C TYR D 161 -42.18 3.24 -10.72
N MET D 162 -42.37 3.00 -9.42
CA MET D 162 -43.71 2.95 -8.87
C MET D 162 -44.30 4.34 -8.82
N PRO D 163 -45.63 4.44 -8.80
CA PRO D 163 -46.26 5.76 -8.67
C PRO D 163 -45.96 6.38 -7.32
N SER D 164 -46.08 7.70 -7.27
CA SER D 164 -45.70 8.46 -6.07
C SER D 164 -46.54 8.08 -4.85
N THR D 165 -47.71 7.49 -5.06
CA THR D 165 -48.58 7.10 -3.96
C THR D 165 -48.32 5.69 -3.46
N GLN D 166 -47.40 4.95 -4.08
CA GLN D 166 -47.10 3.58 -3.67
C GLN D 166 -45.61 3.31 -3.61
N ARG D 167 -44.79 4.33 -3.45
CA ARG D 167 -43.34 4.20 -3.46
C ARG D 167 -42.83 4.27 -2.02
N THR D 168 -42.07 3.25 -1.61
CA THR D 168 -41.53 3.16 -0.27
C THR D 168 -40.01 3.25 -0.32
N THR D 169 -39.44 3.94 0.66
CA THR D 169 -37.99 4.18 0.66
C THR D 169 -37.20 2.89 0.74
N GLU D 170 -37.77 1.84 1.32
CA GLU D 170 -37.07 0.56 1.37
C GLU D 170 -36.98 -0.10 0.01
N LYS D 171 -37.91 0.21 -0.89
CA LYS D 171 -37.90 -0.29 -2.26
C LYS D 171 -37.95 0.88 -3.22
N TRP D 172 -37.07 1.85 -2.99
CA TRP D 172 -37.11 3.10 -3.75
C TRP D 172 -36.80 2.87 -5.22
N ASN D 173 -35.83 2.01 -5.51
CA ASN D 173 -35.33 1.84 -6.87
C ASN D 173 -36.03 0.71 -7.61
N SER D 174 -37.07 0.12 -7.03
CA SER D 174 -37.79 -0.95 -7.72
C SER D 174 -38.50 -0.42 -8.95
N VAL D 175 -38.61 -1.27 -9.96
CA VAL D 175 -39.15 -0.88 -11.25
C VAL D 175 -40.30 -1.80 -11.61
N ALA D 176 -41.20 -1.29 -12.45
CA ALA D 176 -42.33 -2.04 -12.95
C ALA D 176 -42.55 -1.67 -14.41
N ASP D 177 -43.06 -2.63 -15.18
CA ASP D 177 -43.36 -2.39 -16.57
C ASP D 177 -44.57 -1.48 -16.70
N CYS D 178 -44.49 -0.53 -17.62
CA CYS D 178 -45.61 0.36 -17.83
C CYS D 178 -46.73 -0.37 -18.57
N LEU D 179 -47.86 0.30 -18.71
CA LEU D 179 -49.00 -0.32 -19.34
C LEU D 179 -48.73 -0.51 -20.83
N PRO D 180 -49.40 -1.48 -21.46
CA PRO D 180 -49.14 -1.75 -22.88
C PRO D 180 -49.80 -0.76 -23.81
N HIS D 181 -50.18 0.41 -23.29
CA HIS D 181 -50.80 1.44 -24.13
C HIS D 181 -49.86 1.86 -25.25
N VAL D 182 -50.45 2.34 -26.35
CA VAL D 182 -49.70 2.82 -27.50
C VAL D 182 -49.98 4.30 -27.66
N PHE D 183 -48.93 5.10 -27.77
CA PHE D 183 -49.06 6.55 -27.80
C PHE D 183 -48.74 7.08 -29.18
N LEU D 184 -49.63 7.92 -29.70
CA LEU D 184 -49.38 8.64 -30.94
C LEU D 184 -48.98 10.07 -30.58
N ILE D 185 -47.83 10.50 -31.09
CA ILE D 185 -47.25 11.80 -30.78
C ILE D 185 -47.17 12.60 -32.06
N ASP D 186 -47.74 13.79 -32.05
CA ASP D 186 -47.64 14.73 -33.16
C ASP D 186 -46.61 15.79 -32.78
N PHE D 187 -45.52 15.83 -33.52
CA PHE D 187 -44.41 16.75 -33.23
C PHE D 187 -44.65 18.16 -33.74
N GLU D 188 -45.47 18.31 -34.78
CA GLU D 188 -45.75 19.65 -35.29
C GLU D 188 -46.46 20.50 -34.24
N PHE D 189 -47.44 19.92 -33.56
CA PHE D 189 -48.17 20.62 -32.51
C PHE D 189 -47.79 20.16 -31.11
N GLY D 190 -46.97 19.13 -30.98
CA GLY D 190 -46.57 18.63 -29.67
C GLY D 190 -47.70 18.05 -28.86
N CYS D 191 -48.53 17.21 -29.47
CA CYS D 191 -49.64 16.59 -28.75
C CYS D 191 -49.45 15.08 -28.67
N ALA D 192 -50.16 14.47 -27.73
CA ALA D 192 -50.07 13.03 -27.51
C ALA D 192 -51.45 12.45 -27.27
N THR D 193 -51.69 11.25 -27.79
CA THR D 193 -52.95 10.56 -27.61
C THR D 193 -52.67 9.11 -27.28
N SER D 194 -53.35 8.59 -26.27
CA SER D 194 -53.15 7.23 -25.80
C SER D 194 -54.24 6.32 -26.33
N TYR D 195 -53.85 5.11 -26.75
CA TYR D 195 -54.78 4.12 -27.26
C TYR D 195 -54.52 2.79 -26.58
N ILE D 196 -55.61 2.09 -26.25
CA ILE D 196 -55.54 0.79 -25.60
C ILE D 196 -55.89 -0.26 -26.65
N LEU D 197 -54.98 -1.20 -26.87
CA LEU D 197 -55.18 -2.26 -27.85
C LEU D 197 -55.38 -3.58 -27.13
N PRO D 198 -56.49 -4.28 -27.36
CA PRO D 198 -56.73 -5.54 -26.64
C PRO D 198 -55.71 -6.63 -26.96
N GLU D 199 -55.00 -6.53 -28.08
CA GLU D 199 -54.02 -7.57 -28.40
C GLU D 199 -52.81 -7.52 -27.49
N LEU D 200 -52.46 -6.35 -26.97
CA LEU D 200 -51.29 -6.16 -26.12
C LEU D 200 -51.76 -6.23 -24.66
N GLN D 201 -51.46 -7.34 -24.00
CA GLN D 201 -51.93 -7.58 -22.64
C GLN D 201 -50.85 -7.40 -21.59
N ASP D 202 -49.59 -7.66 -21.92
CA ASP D 202 -48.49 -7.57 -20.98
C ASP D 202 -47.51 -6.50 -21.44
N GLY D 203 -46.84 -5.88 -20.48
CA GLY D 203 -45.86 -4.87 -20.81
C GLY D 203 -44.59 -5.46 -21.38
N LEU D 204 -43.86 -4.62 -22.12
CA LEU D 204 -42.61 -4.99 -22.74
C LEU D 204 -41.57 -3.93 -22.51
N SER D 205 -40.33 -4.36 -22.24
CA SER D 205 -39.21 -3.46 -22.11
C SER D 205 -38.02 -4.04 -22.88
N PHE D 206 -37.21 -3.15 -23.43
CA PHE D 206 -36.03 -3.53 -24.21
C PHE D 206 -36.42 -4.41 -25.40
N HIS D 207 -37.22 -3.85 -26.28
CA HIS D 207 -37.67 -4.52 -27.49
C HIS D 207 -37.09 -3.82 -28.72
N VAL D 208 -37.44 -4.36 -29.88
CA VAL D 208 -36.94 -3.85 -31.16
C VAL D 208 -38.12 -3.40 -31.99
N SER D 209 -38.02 -2.19 -32.56
CA SER D 209 -39.06 -1.60 -33.38
C SER D 209 -38.52 -1.33 -34.78
N ILE D 210 -39.26 -1.81 -35.79
CA ILE D 210 -38.96 -1.56 -37.19
C ILE D 210 -40.04 -0.62 -37.72
N ALA D 211 -39.62 0.45 -38.39
CA ALA D 211 -40.53 1.47 -38.90
C ALA D 211 -40.62 1.33 -40.42
N ARG D 212 -41.75 0.81 -40.89
CA ARG D 212 -42.07 0.75 -42.30
C ARG D 212 -42.85 2.00 -42.68
N ASN D 213 -43.54 1.97 -43.82
CA ASN D 213 -44.31 3.13 -44.27
C ASN D 213 -45.31 3.56 -43.21
N ASP D 214 -46.31 2.73 -42.93
CA ASP D 214 -47.35 3.08 -41.98
C ASP D 214 -47.56 2.00 -40.93
N THR D 215 -46.54 1.18 -40.68
CA THR D 215 -46.61 0.13 -39.68
C THR D 215 -45.37 0.15 -38.81
N VAL D 216 -45.54 -0.24 -37.56
CA VAL D 216 -44.43 -0.43 -36.63
C VAL D 216 -44.43 -1.87 -36.18
N TYR D 217 -43.29 -2.55 -36.37
CA TYR D 217 -43.14 -3.94 -35.97
C TYR D 217 -42.40 -3.99 -34.64
N ILE D 218 -43.05 -4.55 -33.62
CA ILE D 218 -42.46 -4.71 -32.30
C ILE D 218 -42.14 -6.17 -32.12
N LEU D 219 -40.85 -6.47 -31.92
CA LEU D 219 -40.40 -7.85 -31.76
C LEU D 219 -39.39 -7.93 -30.64
N GLY D 220 -39.45 -9.02 -29.88
CA GLY D 220 -38.62 -9.19 -28.72
C GLY D 220 -39.19 -8.47 -27.52
N GLY D 221 -38.51 -8.62 -26.39
CA GLY D 221 -38.90 -7.91 -25.19
C GLY D 221 -38.67 -8.67 -23.90
N HIS D 222 -38.94 -8.00 -22.78
CA HIS D 222 -38.80 -8.60 -21.46
C HIS D 222 -39.92 -8.07 -20.57
N SER D 223 -40.79 -8.96 -20.13
CA SER D 223 -41.89 -8.59 -19.26
C SER D 223 -41.52 -8.92 -17.82
N LEU D 224 -41.48 -7.89 -16.97
CA LEU D 224 -41.07 -8.07 -15.59
C LEU D 224 -42.13 -8.75 -14.75
N ALA D 225 -43.41 -8.65 -15.15
CA ALA D 225 -44.48 -9.28 -14.38
C ALA D 225 -44.31 -10.79 -14.34
N SER D 226 -43.97 -11.40 -15.47
CA SER D 226 -43.82 -12.84 -15.56
C SER D 226 -42.37 -13.29 -15.61
N ASN D 227 -41.42 -12.36 -15.74
CA ASN D 227 -39.99 -12.68 -15.87
C ASN D 227 -39.74 -13.65 -17.02
N ILE D 228 -40.36 -13.37 -18.16
CA ILE D 228 -40.18 -14.17 -19.35
C ILE D 228 -39.86 -13.24 -20.51
N ARG D 229 -39.30 -13.82 -21.57
CA ARG D 229 -38.95 -13.09 -22.79
C ARG D 229 -39.78 -13.69 -23.92
N PRO D 230 -40.97 -13.16 -24.17
CA PRO D 230 -41.88 -13.80 -25.12
C PRO D 230 -41.38 -13.72 -26.55
N ALA D 231 -41.68 -14.77 -27.31
CA ALA D 231 -41.34 -14.83 -28.73
C ALA D 231 -42.54 -14.44 -29.58
N ASN D 232 -42.95 -13.19 -29.43
CA ASN D 232 -44.12 -12.67 -30.11
C ASN D 232 -43.73 -11.51 -31.02
N LEU D 233 -44.45 -11.39 -32.13
CA LEU D 233 -44.28 -10.31 -33.08
C LEU D 233 -45.60 -9.56 -33.22
N TYR D 234 -45.56 -8.25 -33.05
CA TYR D 234 -46.76 -7.42 -33.17
C TYR D 234 -46.57 -6.43 -34.30
N ARG D 235 -47.64 -6.21 -35.07
CA ARG D 235 -47.66 -5.18 -36.11
C ARG D 235 -48.70 -4.15 -35.72
N ILE D 236 -48.29 -2.88 -35.63
CA ILE D 236 -49.15 -1.77 -35.29
C ILE D 236 -49.35 -0.96 -36.55
N ARG D 237 -50.59 -0.93 -37.06
CA ARG D 237 -50.95 -0.18 -38.24
C ARG D 237 -51.70 1.08 -37.82
N VAL D 238 -51.22 2.23 -38.26
CA VAL D 238 -51.78 3.52 -37.87
C VAL D 238 -52.25 4.24 -39.12
N ASP D 239 -53.51 4.63 -39.13
CA ASP D 239 -54.12 5.37 -40.23
C ASP D 239 -54.47 6.76 -39.76
N LEU D 240 -54.17 7.76 -40.59
CA LEU D 240 -54.30 9.17 -40.25
C LEU D 240 -55.19 9.84 -41.29
N PRO D 241 -56.50 9.71 -41.15
CA PRO D 241 -57.40 10.44 -42.04
C PRO D 241 -57.61 11.86 -41.54
N LEU D 242 -58.53 12.60 -42.18
CA LEU D 242 -58.80 13.96 -41.74
C LEU D 242 -59.32 14.00 -40.31
N GLY D 243 -59.97 12.93 -39.86
CA GLY D 243 -60.54 12.87 -38.53
C GLY D 243 -59.61 12.26 -37.51
N THR D 244 -60.21 11.60 -36.51
CA THR D 244 -59.43 10.99 -35.44
C THR D 244 -58.58 9.85 -36.00
N PRO D 245 -57.32 9.74 -35.60
CA PRO D 245 -56.48 8.64 -36.07
C PRO D 245 -56.99 7.30 -35.58
N ALA D 246 -56.68 6.25 -36.33
CA ALA D 246 -57.05 4.88 -35.98
C ALA D 246 -55.81 4.03 -35.85
N VAL D 247 -55.79 3.17 -34.84
CA VAL D 247 -54.67 2.28 -34.57
C VAL D 247 -55.19 0.86 -34.43
N ASN D 248 -54.57 -0.06 -35.14
CA ASN D 248 -54.89 -1.48 -35.04
C ASN D 248 -53.62 -2.26 -34.75
N CYS D 249 -53.78 -3.38 -34.06
CA CYS D 249 -52.65 -4.24 -33.72
C CYS D 249 -52.97 -5.67 -34.13
N THR D 250 -51.97 -6.35 -34.70
CA THR D 250 -52.13 -7.73 -35.13
C THR D 250 -50.94 -8.55 -34.63
N VAL D 251 -51.24 -9.75 -34.14
CA VAL D 251 -50.21 -10.67 -33.70
C VAL D 251 -49.84 -11.57 -34.86
N LEU D 252 -48.54 -11.70 -35.13
CA LEU D 252 -48.12 -12.52 -36.24
C LEU D 252 -47.18 -13.63 -35.78
N PRO D 253 -47.24 -14.79 -36.41
CA PRO D 253 -46.29 -15.86 -36.05
C PRO D 253 -44.91 -15.57 -36.61
N GLY D 254 -43.91 -16.16 -35.97
CA GLY D 254 -42.54 -16.05 -36.42
C GLY D 254 -41.64 -15.16 -35.59
N GLY D 255 -42.06 -14.77 -34.40
CA GLY D 255 -41.26 -13.91 -33.58
C GLY D 255 -40.06 -14.62 -32.98
N ILE D 256 -39.19 -13.83 -32.35
CA ILE D 256 -38.01 -14.32 -31.69
C ILE D 256 -37.95 -13.76 -30.28
N SER D 257 -37.28 -14.48 -29.39
CA SER D 257 -37.13 -14.07 -27.99
C SER D 257 -35.76 -13.44 -27.82
N VAL D 258 -35.74 -12.12 -27.64
CA VAL D 258 -34.49 -11.39 -27.44
C VAL D 258 -34.81 -10.11 -26.68
N SER D 259 -33.93 -9.77 -25.75
CA SER D 259 -34.06 -8.57 -24.93
C SER D 259 -32.82 -7.72 -25.11
N SER D 260 -33.02 -6.43 -25.37
CA SER D 260 -31.94 -5.47 -25.59
C SER D 260 -31.07 -5.90 -26.78
N ALA D 261 -31.73 -6.02 -27.93
CA ALA D 261 -31.03 -6.34 -29.16
C ALA D 261 -30.60 -5.07 -29.86
N ILE D 262 -29.60 -5.21 -30.75
CA ILE D 262 -29.09 -4.09 -31.52
C ILE D 262 -29.51 -4.29 -32.97
N LEU D 263 -30.19 -3.29 -33.52
CA LEU D 263 -30.78 -3.37 -34.84
C LEU D 263 -30.10 -2.40 -35.79
N THR D 264 -29.80 -2.86 -37.00
CA THR D 264 -29.19 -2.01 -38.00
C THR D 264 -29.82 -2.28 -39.36
N GLN D 265 -29.62 -1.34 -40.29
CA GLN D 265 -30.20 -1.43 -41.63
C GLN D 265 -29.08 -1.59 -42.64
N THR D 266 -29.16 -2.64 -43.46
CA THR D 266 -28.12 -2.90 -44.44
C THR D 266 -28.45 -2.26 -45.78
N ASN D 267 -29.55 -2.65 -46.39
CA ASN D 267 -29.96 -2.10 -47.67
C ASN D 267 -31.39 -1.61 -47.57
N ASN D 268 -32.01 -1.30 -48.70
CA ASN D 268 -33.39 -0.88 -48.69
C ASN D 268 -34.29 -2.06 -48.33
N ASP D 269 -35.05 -1.92 -47.24
CA ASP D 269 -35.94 -2.97 -46.74
C ASP D 269 -35.16 -4.23 -46.38
N GLU D 270 -34.17 -4.08 -45.50
CA GLU D 270 -33.36 -5.20 -45.03
C GLU D 270 -32.66 -4.78 -43.76
N PHE D 271 -33.00 -5.44 -42.65
CA PHE D 271 -32.45 -5.12 -41.34
C PHE D 271 -31.77 -6.35 -40.76
N VAL D 272 -30.86 -6.12 -39.82
CA VAL D 272 -30.12 -7.18 -39.15
C VAL D 272 -30.15 -6.93 -37.66
N ILE D 273 -30.45 -7.98 -36.89
CA ILE D 273 -30.55 -7.94 -35.44
C ILE D 273 -29.41 -8.77 -34.87
N VAL D 274 -28.59 -8.13 -34.04
CA VAL D 274 -27.42 -8.75 -33.44
C VAL D 274 -27.38 -8.39 -31.96
N GLY D 275 -27.00 -9.36 -31.13
CA GLY D 275 -26.89 -9.13 -29.71
C GLY D 275 -28.20 -9.33 -28.98
N GLY D 276 -28.11 -9.25 -27.66
CA GLY D 276 -29.25 -9.42 -26.80
C GLY D 276 -29.11 -10.64 -25.92
N TYR D 277 -30.19 -10.94 -25.18
CA TYR D 277 -30.20 -12.02 -24.21
C TYR D 277 -31.41 -12.89 -24.43
N GLN D 278 -31.23 -14.20 -24.28
CA GLN D 278 -32.31 -15.18 -24.34
C GLN D 278 -32.78 -15.58 -22.95
N LEU D 279 -31.87 -15.90 -22.05
CA LEU D 279 -32.14 -16.07 -20.63
C LEU D 279 -31.17 -15.19 -19.85
N GLU D 280 -31.22 -15.28 -18.53
CA GLU D 280 -30.36 -14.45 -17.72
C GLU D 280 -28.89 -14.83 -17.91
N ASN D 281 -28.58 -16.11 -17.81
CA ASN D 281 -27.21 -16.59 -17.96
C ASN D 281 -26.87 -17.02 -19.39
N GLN D 282 -27.82 -16.93 -20.30
CA GLN D 282 -27.62 -17.31 -21.69
C GLN D 282 -27.71 -16.06 -22.56
N LYS D 283 -26.78 -15.92 -23.48
CA LYS D 283 -26.63 -14.71 -24.28
C LYS D 283 -26.83 -15.07 -25.75
N ARG D 284 -27.64 -14.27 -26.45
CA ARG D 284 -28.02 -14.60 -27.82
C ARG D 284 -26.84 -14.35 -28.75
N MET D 285 -26.17 -15.42 -29.14
CA MET D 285 -24.98 -15.33 -29.99
C MET D 285 -25.32 -15.50 -31.46
N VAL D 286 -26.59 -15.58 -31.83
CA VAL D 286 -26.98 -15.70 -33.21
C VAL D 286 -27.45 -14.35 -33.73
N CYS D 287 -27.55 -14.22 -35.04
CA CYS D 287 -27.98 -13.00 -35.69
C CYS D 287 -29.16 -13.29 -36.59
N SER D 288 -30.11 -12.37 -36.64
CA SER D 288 -31.32 -12.56 -37.42
C SER D 288 -31.40 -11.51 -38.53
N LEU D 289 -32.03 -11.88 -39.63
CA LEU D 289 -32.21 -11.02 -40.78
C LEU D 289 -33.70 -10.77 -40.98
N VAL D 290 -34.09 -9.50 -41.08
CA VAL D 290 -35.48 -9.10 -41.23
C VAL D 290 -35.66 -8.54 -42.62
N SER D 291 -36.52 -9.16 -43.40
CA SER D 291 -36.84 -8.70 -44.75
C SER D 291 -38.26 -8.15 -44.74
N LEU D 292 -38.39 -6.89 -45.15
CA LEU D 292 -39.65 -6.18 -45.11
C LEU D 292 -40.32 -6.22 -46.48
N GLY D 293 -41.64 -6.04 -46.48
CA GLY D 293 -42.40 -6.05 -47.71
C GLY D 293 -43.59 -5.12 -47.66
N ASP D 294 -44.45 -5.19 -48.68
CA ASP D 294 -45.64 -4.35 -48.69
C ASP D 294 -46.56 -4.68 -47.53
N ASN D 295 -46.75 -5.95 -47.25
CA ASN D 295 -47.59 -6.35 -46.13
C ASN D 295 -46.92 -7.34 -45.19
N THR D 296 -46.11 -8.25 -45.72
CA THR D 296 -45.56 -9.36 -44.95
C THR D 296 -44.07 -9.17 -44.73
N ILE D 297 -43.59 -9.71 -43.61
CA ILE D 297 -42.18 -9.65 -43.26
C ILE D 297 -41.68 -11.07 -42.98
N GLU D 298 -40.37 -11.26 -43.15
CA GLU D 298 -39.75 -12.56 -42.97
C GLU D 298 -38.55 -12.43 -42.05
N ILE D 299 -38.48 -13.30 -41.04
CA ILE D 299 -37.36 -13.35 -40.12
C ILE D 299 -36.59 -14.62 -40.41
N SER D 300 -35.29 -14.49 -40.66
CA SER D 300 -34.45 -15.63 -40.98
C SER D 300 -33.22 -15.61 -40.11
N GLU D 301 -32.51 -16.73 -40.08
CA GLU D 301 -31.26 -16.85 -39.34
C GLU D 301 -30.10 -16.75 -40.32
N MET D 302 -29.19 -15.83 -40.07
CA MET D 302 -28.02 -15.63 -40.91
C MET D 302 -26.80 -16.28 -40.28
N GLU D 303 -25.65 -16.10 -40.92
CA GLU D 303 -24.43 -16.73 -40.45
C GLU D 303 -23.99 -16.15 -39.11
N THR D 304 -23.51 -17.02 -38.24
CA THR D 304 -23.02 -16.58 -36.93
C THR D 304 -21.64 -15.96 -37.07
N PRO D 305 -21.44 -14.72 -36.64
CA PRO D 305 -20.12 -14.10 -36.77
C PRO D 305 -19.09 -14.81 -35.91
N ASP D 306 -17.83 -14.72 -36.34
CA ASP D 306 -16.72 -15.38 -35.66
C ASP D 306 -16.40 -14.63 -34.37
N TRP D 307 -17.19 -14.90 -33.34
CA TRP D 307 -16.98 -14.26 -32.04
C TRP D 307 -15.67 -14.74 -31.44
N THR D 308 -14.99 -13.82 -30.74
CA THR D 308 -13.76 -14.18 -30.04
C THR D 308 -14.07 -14.85 -28.72
N SER D 309 -13.03 -15.34 -28.06
CA SER D 309 -13.20 -16.07 -26.81
C SER D 309 -13.76 -15.17 -25.71
N ASP D 310 -13.28 -13.93 -25.63
CA ASP D 310 -13.72 -13.05 -24.57
C ASP D 310 -15.17 -12.63 -24.74
N ILE D 311 -15.64 -12.49 -25.99
CA ILE D 311 -17.03 -12.10 -26.22
C ILE D 311 -17.97 -13.24 -25.81
N LYS D 312 -17.60 -14.48 -26.12
CA LYS D 312 -18.49 -15.60 -25.85
C LYS D 312 -18.75 -15.78 -24.37
N HIS D 313 -17.72 -15.62 -23.54
CA HIS D 313 -17.82 -15.89 -22.12
C HIS D 313 -18.16 -14.67 -21.29
N SER D 314 -18.37 -13.52 -21.91
CA SER D 314 -18.76 -12.33 -21.16
C SER D 314 -20.20 -12.47 -20.68
N LYS D 315 -20.43 -12.13 -19.42
CA LYS D 315 -21.78 -12.24 -18.88
C LYS D 315 -22.72 -11.23 -19.52
N ILE D 316 -22.25 -10.01 -19.75
CA ILE D 316 -23.06 -8.94 -20.31
C ILE D 316 -22.33 -8.33 -21.49
N TRP D 317 -23.11 -7.68 -22.36
CA TRP D 317 -22.55 -6.86 -23.43
C TRP D 317 -23.58 -5.83 -23.86
N PHE D 318 -23.10 -4.75 -24.46
CA PHE D 318 -23.98 -3.67 -24.89
C PHE D 318 -23.50 -3.17 -26.24
N GLY D 319 -24.26 -2.28 -26.85
CA GLY D 319 -23.85 -1.74 -28.13
C GLY D 319 -24.87 -0.78 -28.69
N SER D 320 -24.55 -0.29 -29.89
CA SER D 320 -25.41 0.66 -30.58
C SER D 320 -25.15 0.54 -32.08
N ASN D 321 -25.97 1.26 -32.84
CA ASN D 321 -25.94 1.24 -34.30
C ASN D 321 -25.25 2.49 -34.82
N MET D 322 -24.33 2.31 -35.76
CA MET D 322 -23.56 3.42 -36.33
C MET D 322 -24.13 3.92 -37.63
N GLY D 323 -25.25 3.38 -38.10
CA GLY D 323 -25.98 3.97 -39.19
C GLY D 323 -25.52 3.63 -40.59
N ASN D 324 -24.48 2.82 -40.74
CA ASN D 324 -23.97 2.44 -42.06
C ASN D 324 -23.70 0.94 -42.11
N GLY D 325 -24.66 0.16 -41.62
CA GLY D 325 -24.46 -1.28 -41.54
C GLY D 325 -23.33 -1.69 -40.63
N THR D 326 -23.14 -0.97 -39.53
CA THR D 326 -22.04 -1.23 -38.61
C THR D 326 -22.55 -1.14 -37.18
N ILE D 327 -22.24 -2.14 -36.37
CA ILE D 327 -22.65 -2.19 -34.97
C ILE D 327 -21.41 -2.00 -34.10
N PHE D 328 -21.50 -1.10 -33.14
CA PHE D 328 -20.42 -0.84 -32.19
C PHE D 328 -20.82 -1.46 -30.87
N LEU D 329 -20.17 -2.54 -30.48
CA LEU D 329 -20.54 -3.24 -29.26
C LEU D 329 -19.35 -3.30 -28.31
N GLY D 330 -19.64 -3.68 -27.09
CA GLY D 330 -18.62 -3.68 -26.04
C GLY D 330 -18.94 -4.71 -24.99
N ILE D 331 -17.88 -5.25 -24.38
CA ILE D 331 -17.98 -6.24 -23.30
C ILE D 331 -17.16 -5.75 -22.11
N PRO D 332 -17.54 -6.08 -20.89
CA PRO D 332 -16.77 -5.63 -19.73
C PRO D 332 -15.44 -6.34 -19.63
N GLY D 333 -14.49 -5.66 -19.01
CA GLY D 333 -13.18 -6.21 -18.76
C GLY D 333 -12.94 -6.66 -17.34
N ASP D 334 -13.95 -6.57 -16.47
CA ASP D 334 -13.87 -7.01 -15.07
C ASP D 334 -12.79 -6.24 -14.30
N ASN D 335 -11.53 -6.40 -14.69
CA ASN D 335 -10.43 -5.71 -14.02
C ASN D 335 -10.60 -4.20 -14.10
N LYS D 336 -10.83 -3.56 -12.94
CA LYS D 336 -11.05 -2.13 -12.88
C LYS D 336 -10.25 -1.43 -11.80
N GLN D 337 -9.50 -2.18 -10.97
CA GLN D 337 -8.72 -1.58 -9.90
C GLN D 337 -7.39 -1.09 -10.45
N ALA D 338 -7.12 0.20 -10.27
CA ALA D 338 -5.89 0.84 -10.73
C ALA D 338 -5.68 0.61 -12.23
N MET D 339 -6.78 0.66 -12.98
CA MET D 339 -6.74 0.44 -14.42
C MET D 339 -7.67 1.45 -15.10
N SER D 340 -7.31 1.81 -16.33
CA SER D 340 -8.09 2.76 -17.12
C SER D 340 -9.02 2.08 -18.11
N GLU D 341 -8.66 0.89 -18.59
CA GLU D 341 -9.47 0.15 -19.55
C GLU D 341 -10.45 -0.73 -18.78
N ALA D 342 -11.74 -0.38 -18.85
CA ALA D 342 -12.78 -1.15 -18.20
C ALA D 342 -13.68 -1.89 -19.16
N PHE D 343 -13.63 -1.57 -20.45
CA PHE D 343 -14.41 -2.25 -21.47
C PHE D 343 -13.56 -2.52 -22.69
N TYR D 344 -13.92 -3.56 -23.43
CA TYR D 344 -13.31 -3.87 -24.72
C TYR D 344 -14.35 -3.70 -25.81
N PHE D 345 -13.97 -3.00 -26.88
CA PHE D 345 -14.92 -2.56 -27.88
C PHE D 345 -14.62 -3.14 -29.25
N TYR D 346 -15.67 -3.56 -29.93
CA TYR D 346 -15.59 -4.22 -31.22
C TYR D 346 -16.53 -3.54 -32.20
N THR D 347 -16.12 -3.58 -33.47
CA THR D 347 -16.92 -3.09 -34.58
C THR D 347 -17.29 -4.29 -35.47
N LEU D 348 -18.58 -4.43 -35.74
CA LEU D 348 -19.11 -5.54 -36.51
C LEU D 348 -19.74 -4.98 -37.77
N ARG D 349 -19.24 -5.43 -38.92
CA ARG D 349 -19.69 -4.93 -40.22
C ARG D 349 -20.54 -6.00 -40.90
N CYS D 350 -21.72 -5.59 -41.35
CA CYS D 350 -22.66 -6.49 -42.04
C CYS D 350 -22.62 -6.18 -43.54
N SER D 351 -21.61 -6.71 -44.21
CA SER D 351 -21.45 -6.56 -45.66
C SER D 351 -21.51 -5.10 -46.11
CA CA I . 8.69 -13.03 3.43
ZN ZN J . 19.34 -29.35 -7.80
CA CA K . -11.50 10.89 3.46
ZN ZN L . -15.87 32.40 -0.91
#